data_1MSY
# 
_entry.id   1MSY 
# 
_audit_conform.dict_name       mmcif_pdbx.dic 
_audit_conform.dict_version    5.386 
_audit_conform.dict_location   http://mmcif.pdb.org/dictionaries/ascii/mmcif_pdbx.dic 
# 
loop_
_database_2.database_id 
_database_2.database_code 
_database_2.pdbx_database_accession 
_database_2.pdbx_DOI 
PDB   1MSY         pdb_00001msy 10.2210/pdb1msy/pdb 
NDB   UR0026       ?            ?                   
RCSB  RCSB017157   ?            ?                   
WWPDB D_1000017157 ?            ?                   
# 
loop_
_pdbx_audit_revision_history.ordinal 
_pdbx_audit_revision_history.data_content_type 
_pdbx_audit_revision_history.major_revision 
_pdbx_audit_revision_history.minor_revision 
_pdbx_audit_revision_history.revision_date 
1 'Structure model' 1 0 2003-02-25 
2 'Structure model' 1 1 2008-04-28 
3 'Structure model' 1 2 2011-07-13 
4 'Structure model' 1 3 2019-07-24 
5 'Structure model' 1 4 2024-02-14 
# 
_pdbx_audit_revision_details.ordinal             1 
_pdbx_audit_revision_details.revision_ordinal    1 
_pdbx_audit_revision_details.data_content_type   'Structure model' 
_pdbx_audit_revision_details.provider            repository 
_pdbx_audit_revision_details.type                'Initial release' 
_pdbx_audit_revision_details.description         ? 
_pdbx_audit_revision_details.details             ? 
# 
loop_
_pdbx_audit_revision_group.ordinal 
_pdbx_audit_revision_group.revision_ordinal 
_pdbx_audit_revision_group.data_content_type 
_pdbx_audit_revision_group.group 
1 2 'Structure model' 'Version format compliance' 
2 3 'Structure model' 'Version format compliance' 
3 4 'Structure model' 'Data collection'           
4 4 'Structure model' 'Refinement description'    
5 5 'Structure model' 'Data collection'           
6 5 'Structure model' 'Database references'       
7 5 'Structure model' 'Refinement description'    
# 
loop_
_pdbx_audit_revision_category.ordinal 
_pdbx_audit_revision_category.revision_ordinal 
_pdbx_audit_revision_category.data_content_type 
_pdbx_audit_revision_category.category 
1 4 'Structure model' software                      
2 5 'Structure model' chem_comp_atom                
3 5 'Structure model' chem_comp_bond                
4 5 'Structure model' database_2                    
5 5 'Structure model' pdbx_initial_refinement_model 
# 
loop_
_pdbx_audit_revision_item.ordinal 
_pdbx_audit_revision_item.revision_ordinal 
_pdbx_audit_revision_item.data_content_type 
_pdbx_audit_revision_item.item 
1 4 'Structure model' '_software.classification'            
2 4 'Structure model' '_software.name'                      
3 5 'Structure model' '_database_2.pdbx_DOI'                
4 5 'Structure model' '_database_2.pdbx_database_accession' 
# 
_pdbx_database_status.status_code                     REL 
_pdbx_database_status.entry_id                        1MSY 
_pdbx_database_status.recvd_initial_deposition_date   2002-09-19 
_pdbx_database_status.deposit_site                    RCSB 
_pdbx_database_status.process_site                    RCSB 
_pdbx_database_status.status_code_sf                  REL 
_pdbx_database_status.SG_entry                        . 
_pdbx_database_status.pdb_format_compatible           Y 
_pdbx_database_status.status_code_mr                  ? 
_pdbx_database_status.status_code_cs                  ? 
_pdbx_database_status.methods_development_category    ? 
_pdbx_database_status.status_code_nmr_data            ? 
# 
loop_
_pdbx_database_related.db_name 
_pdbx_database_related.db_id 
_pdbx_database_related.details 
_pdbx_database_related.content_type 
PDB 480D 'WT Sarcin/Ricin domain from E. Coli 23 S rRNA'          unspecified 
PDB 1JBR 'Ribotoxin Restrictocin and a 31- Mer SRD RNA inhibitor' unspecified 
PDB 1JBS 'Ribotoxin Restrictocin and a 29-Mer SRD RNA analog'     unspecified 
PDB 1JBT 'Ribotoxin Restrictocin and a 29-Mer SRD RNA analog'     unspecified 
PDB 483D 'WT Sarcin/Ricin domain from E. Coli 23 S rRNA'          unspecified 
# 
loop_
_audit_author.name 
_audit_author.pdbx_ordinal 
'Correll, C.C.' 1 
'Swinger, K.'   2 
# 
_citation.id                        primary 
_citation.title                     
'Common and distinctive features of GNRA tetraloops based on a GUAA tetraloop structure at 1.4 A resolution' 
_citation.journal_abbrev            RNA 
_citation.journal_volume            9 
_citation.page_first                355 
_citation.page_last                 363 
_citation.year                      2003 
_citation.journal_id_ASTM           RNARFU 
_citation.country                   UK 
_citation.journal_id_ISSN           1355-8382 
_citation.journal_id_CSD            2122 
_citation.book_publisher            ? 
_citation.pdbx_database_id_PubMed   12592009 
_citation.pdbx_database_id_DOI      10.1261/rna.2147803 
# 
loop_
_citation_author.citation_id 
_citation_author.name 
_citation_author.ordinal 
_citation_author.identifier_ORCID 
primary 'Correll, C.C.' 1 ? 
primary 'Swinger, K.'   2 ? 
# 
loop_
_entity.id 
_entity.type 
_entity.src_method 
_entity.pdbx_description 
_entity.formula_weight 
_entity.pdbx_number_of_molecules 
_entity.pdbx_ec 
_entity.pdbx_mutation 
_entity.pdbx_fragment 
_entity.details 
1 polymer syn 'SARCIN/RICIN DOMAIN FROM 23 S RRNA' 8705.215 1   ? 'A2660U, G2661A' ? 'GUAA tetraloop mutant' 
2 water   nat water                                18.015   109 ? ?                ? ?                       
# 
_entity_poly.entity_id                      1 
_entity_poly.type                           polyribonucleotide 
_entity_poly.nstd_linkage                   no 
_entity_poly.nstd_monomer                   no 
_entity_poly.pdbx_seq_one_letter_code       UGCUCCUAGUACGUAAGGACCGGAGUG 
_entity_poly.pdbx_seq_one_letter_code_can   UGCUCCUAGUACGUAAGGACCGGAGUG 
_entity_poly.pdbx_strand_id                 A 
_entity_poly.pdbx_target_identifier         ? 
# 
_pdbx_entity_nonpoly.entity_id   2 
_pdbx_entity_nonpoly.name        water 
_pdbx_entity_nonpoly.comp_id     HOH 
# 
loop_
_entity_poly_seq.entity_id 
_entity_poly_seq.num 
_entity_poly_seq.mon_id 
_entity_poly_seq.hetero 
1 1  U n 
1 2  G n 
1 3  C n 
1 4  U n 
1 5  C n 
1 6  C n 
1 7  U n 
1 8  A n 
1 9  G n 
1 10 U n 
1 11 A n 
1 12 C n 
1 13 G n 
1 14 U n 
1 15 A n 
1 16 A n 
1 17 G n 
1 18 G n 
1 19 A n 
1 20 C n 
1 21 C n 
1 22 G n 
1 23 G n 
1 24 A n 
1 25 G n 
1 26 U n 
1 27 G n 
# 
_pdbx_entity_src_syn.entity_id              1 
_pdbx_entity_src_syn.pdbx_src_id            1 
_pdbx_entity_src_syn.pdbx_alt_source_flag   sample 
_pdbx_entity_src_syn.pdbx_beg_seq_num       ? 
_pdbx_entity_src_syn.pdbx_end_seq_num       ? 
_pdbx_entity_src_syn.organism_scientific    ? 
_pdbx_entity_src_syn.organism_common_name   ? 
_pdbx_entity_src_syn.ncbi_taxonomy_id       ? 
_pdbx_entity_src_syn.details                'A2660U and G2661U double mutant of the SRL domain from E.coli rRNA' 
# 
loop_
_chem_comp.id 
_chem_comp.type 
_chem_comp.mon_nstd_flag 
_chem_comp.name 
_chem_comp.pdbx_synonyms 
_chem_comp.formula 
_chem_comp.formula_weight 
A   'RNA linking' y "ADENOSINE-5'-MONOPHOSPHATE" ? 'C10 H14 N5 O7 P' 347.221 
C   'RNA linking' y "CYTIDINE-5'-MONOPHOSPHATE"  ? 'C9 H14 N3 O8 P'  323.197 
G   'RNA linking' y "GUANOSINE-5'-MONOPHOSPHATE" ? 'C10 H14 N5 O8 P' 363.221 
HOH non-polymer   . WATER                        ? 'H2 O'            18.015  
U   'RNA linking' y "URIDINE-5'-MONOPHOSPHATE"   ? 'C9 H13 N2 O9 P'  324.181 
# 
loop_
_pdbx_poly_seq_scheme.asym_id 
_pdbx_poly_seq_scheme.entity_id 
_pdbx_poly_seq_scheme.seq_id 
_pdbx_poly_seq_scheme.mon_id 
_pdbx_poly_seq_scheme.ndb_seq_num 
_pdbx_poly_seq_scheme.pdb_seq_num 
_pdbx_poly_seq_scheme.auth_seq_num 
_pdbx_poly_seq_scheme.pdb_mon_id 
_pdbx_poly_seq_scheme.auth_mon_id 
_pdbx_poly_seq_scheme.pdb_strand_id 
_pdbx_poly_seq_scheme.pdb_ins_code 
_pdbx_poly_seq_scheme.hetero 
A 1 1  U 1  2647 2647 U URI A . n 
A 1 2  G 2  2648 2648 G GUA A . n 
A 1 3  C 3  2649 2649 C CYT A . n 
A 1 4  U 4  2650 2650 U URI A . n 
A 1 5  C 5  2651 2651 C CYT A . n 
A 1 6  C 6  2652 2652 C CYT A . n 
A 1 7  U 7  2653 2653 U URI A . n 
A 1 8  A 8  2654 2654 A ADE A . n 
A 1 9  G 9  2655 2655 G GUA A . n 
A 1 10 U 10 2656 2656 U URI A . n 
A 1 11 A 11 2657 2657 A ADE A . n 
A 1 12 C 12 2658 2658 C CYT A . n 
A 1 13 G 13 2659 2659 G GUA A . n 
A 1 14 U 14 2660 2660 U URI A . n 
A 1 15 A 15 2661 2661 A ADE A . n 
A 1 16 A 16 2662 2662 A ADE A . n 
A 1 17 G 17 2663 2663 G GUA A . n 
A 1 18 G 18 2664 2664 G GUA A . n 
A 1 19 A 19 2665 2665 A ADE A . n 
A 1 20 C 20 2666 2666 C CYT A . n 
A 1 21 C 21 2667 2667 C CYT A . n 
A 1 22 G 22 2668 2668 G GUA A . n 
A 1 23 G 23 2669 2669 G GUA A . n 
A 1 24 A 24 2670 2670 A ADE A . n 
A 1 25 G 25 2671 2671 G GUA A . n 
A 1 26 U 26 2672 2672 U URI A . n 
A 1 27 G 27 2673 2673 G GUA A . n 
# 
loop_
_pdbx_nonpoly_scheme.asym_id 
_pdbx_nonpoly_scheme.entity_id 
_pdbx_nonpoly_scheme.mon_id 
_pdbx_nonpoly_scheme.ndb_seq_num 
_pdbx_nonpoly_scheme.pdb_seq_num 
_pdbx_nonpoly_scheme.auth_seq_num 
_pdbx_nonpoly_scheme.pdb_mon_id 
_pdbx_nonpoly_scheme.auth_mon_id 
_pdbx_nonpoly_scheme.pdb_strand_id 
_pdbx_nonpoly_scheme.pdb_ins_code 
B 2 HOH 1   3001 3001 HOH HOH A . 
B 2 HOH 2   3002 3002 HOH HOH A . 
B 2 HOH 3   3003 3003 HOH HOH A . 
B 2 HOH 4   3004 3004 HOH HOH A . 
B 2 HOH 5   3005 3005 HOH HOH A . 
B 2 HOH 6   3006 3006 HOH HOH A . 
B 2 HOH 7   3007 3007 HOH HOH A . 
B 2 HOH 8   3008 3008 HOH HOH A . 
B 2 HOH 9   3009 3009 HOH HOH A . 
B 2 HOH 10  3010 3010 HOH HOH A . 
B 2 HOH 11  3011 3011 HOH HOH A . 
B 2 HOH 12  3012 3012 HOH HOH A . 
B 2 HOH 13  3013 3013 HOH HOH A . 
B 2 HOH 14  3014 3014 HOH HOH A . 
B 2 HOH 15  3015 3015 HOH HOH A . 
B 2 HOH 16  3016 3016 HOH HOH A . 
B 2 HOH 17  3017 3017 HOH HOH A . 
B 2 HOH 18  3018 3018 HOH HOH A . 
B 2 HOH 19  3019 3019 HOH HOH A . 
B 2 HOH 20  3020 3020 HOH HOH A . 
B 2 HOH 21  3021 3021 HOH HOH A . 
B 2 HOH 22  3022 3022 HOH HOH A . 
B 2 HOH 23  3023 3023 HOH HOH A . 
B 2 HOH 24  3024 3024 HOH HOH A . 
B 2 HOH 25  3025 3025 HOH HOH A . 
B 2 HOH 26  3026 3026 HOH HOH A . 
B 2 HOH 27  3027 3027 HOH HOH A . 
B 2 HOH 28  3028 3028 HOH HOH A . 
B 2 HOH 29  3029 3029 HOH HOH A . 
B 2 HOH 30  3030 3030 HOH HOH A . 
B 2 HOH 31  3031 3031 HOH HOH A . 
B 2 HOH 32  3032 3032 HOH HOH A . 
B 2 HOH 33  3033 3033 HOH HOH A . 
B 2 HOH 34  3034 3034 HOH HOH A . 
B 2 HOH 35  3035 3035 HOH HOH A . 
B 2 HOH 36  3036 3036 HOH HOH A . 
B 2 HOH 37  3037 3037 HOH HOH A . 
B 2 HOH 38  3038 3038 HOH HOH A . 
B 2 HOH 39  3039 3039 HOH HOH A . 
B 2 HOH 40  3040 3040 HOH HOH A . 
B 2 HOH 41  3041 3041 HOH HOH A . 
B 2 HOH 42  3042 3042 HOH HOH A . 
B 2 HOH 43  3043 3043 HOH HOH A . 
B 2 HOH 44  3044 3044 HOH HOH A . 
B 2 HOH 45  3045 3045 HOH HOH A . 
B 2 HOH 46  3046 3046 HOH HOH A . 
B 2 HOH 47  3047 3047 HOH HOH A . 
B 2 HOH 48  3048 3048 HOH HOH A . 
B 2 HOH 49  3049 3049 HOH HOH A . 
B 2 HOH 50  3050 3050 HOH HOH A . 
B 2 HOH 51  3051 3051 HOH HOH A . 
B 2 HOH 52  3052 3052 HOH HOH A . 
B 2 HOH 53  3053 3053 HOH HOH A . 
B 2 HOH 54  3054 3054 HOH HOH A . 
B 2 HOH 55  3055 3055 HOH HOH A . 
B 2 HOH 56  3056 3056 HOH HOH A . 
B 2 HOH 57  3057 3057 HOH HOH A . 
B 2 HOH 58  3058 3058 HOH HOH A . 
B 2 HOH 59  3059 3059 HOH HOH A . 
B 2 HOH 60  3060 3060 HOH HOH A . 
B 2 HOH 61  3061 3061 HOH HOH A . 
B 2 HOH 62  3062 3062 HOH HOH A . 
B 2 HOH 63  3063 3063 HOH HOH A . 
B 2 HOH 64  3064 3064 HOH HOH A . 
B 2 HOH 65  3065 3065 HOH HOH A . 
B 2 HOH 66  3066 3066 HOH HOH A . 
B 2 HOH 67  3067 3067 HOH HOH A . 
B 2 HOH 68  3068 3068 HOH HOH A . 
B 2 HOH 69  3069 3069 HOH HOH A . 
B 2 HOH 70  3070 3070 HOH HOH A . 
B 2 HOH 71  3071 3071 HOH HOH A . 
B 2 HOH 72  3072 3072 HOH HOH A . 
B 2 HOH 73  3073 3073 HOH HOH A . 
B 2 HOH 74  3074 3074 HOH HOH A . 
B 2 HOH 75  3075 3075 HOH HOH A . 
B 2 HOH 76  3076 3076 HOH HOH A . 
B 2 HOH 77  3077 3077 HOH HOH A . 
B 2 HOH 78  3078 3078 HOH HOH A . 
B 2 HOH 79  3079 3079 HOH HOH A . 
B 2 HOH 80  3080 3080 HOH HOH A . 
B 2 HOH 81  3081 3081 HOH HOH A . 
B 2 HOH 82  3082 3082 HOH HOH A . 
B 2 HOH 83  3083 3083 HOH HOH A . 
B 2 HOH 84  3084 3084 HOH HOH A . 
B 2 HOH 85  3086 3086 HOH HOH A . 
B 2 HOH 86  3087 3087 HOH HOH A . 
B 2 HOH 87  3088 3088 HOH HOH A . 
B 2 HOH 88  3089 3089 HOH HOH A . 
B 2 HOH 89  3090 3090 HOH HOH A . 
B 2 HOH 90  3091 3091 HOH HOH A . 
B 2 HOH 91  3092 3092 HOH HOH A . 
B 2 HOH 92  3093 3093 HOH HOH A . 
B 2 HOH 93  3094 3094 HOH HOH A . 
B 2 HOH 94  3095 3095 HOH HOH A . 
B 2 HOH 95  3096 3096 HOH HOH A . 
B 2 HOH 96  3098 3098 HOH HOH A . 
B 2 HOH 97  3099 3099 HOH HOH A . 
B 2 HOH 98  3100 3100 HOH HOH A . 
B 2 HOH 99  3101 3101 HOH HOH A . 
B 2 HOH 100 3102 3102 HOH HOH A . 
B 2 HOH 101 3103 3103 HOH HOH A . 
B 2 HOH 102 3104 3104 HOH HOH A . 
B 2 HOH 103 3105 3105 HOH HOH A . 
B 2 HOH 104 3107 3107 HOH HOH A . 
B 2 HOH 105 3108 3108 HOH HOH A . 
B 2 HOH 106 3109 3109 HOH HOH A . 
B 2 HOH 107 3110 3110 HOH HOH A . 
B 2 HOH 108 3111 3111 HOH HOH A . 
B 2 HOH 109 3112 3112 HOH HOH A . 
# 
loop_
_software.name 
_software.classification 
_software.version 
_software.citation_id 
_software.pdbx_ordinal 
SHELXL-97 refinement       . ? 1 
SCALEPACK 'data scaling'   . ? 2 
CNS       refinement       . ? 3 
DENZO     'data reduction' . ? 4 
CNS       phasing          . ? 5 
# 
_cell.entry_id           1MSY 
_cell.length_a           57.974 
_cell.length_b           22.534 
_cell.length_c           58.465 
_cell.angle_alpha        90.00 
_cell.angle_beta         101.72 
_cell.angle_gamma        90.00 
_cell.Z_PDB              4 
_cell.pdbx_unique_axis   ? 
# 
_symmetry.entry_id                         1MSY 
_symmetry.space_group_name_H-M             'C 1 2 1' 
_symmetry.pdbx_full_space_group_name_H-M   ? 
_symmetry.cell_setting                     ? 
_symmetry.Int_Tables_number                5 
# 
_exptl.entry_id          1MSY 
_exptl.method            'X-RAY DIFFRACTION' 
_exptl.crystals_number   1 
# 
_exptl_crystal.id                    1 
_exptl_crystal.density_meas          ? 
_exptl_crystal.density_Matthews      2.15 
_exptl_crystal.density_percent_sol   42.73 
_exptl_crystal.description           ? 
# 
_exptl_crystal_grow.crystal_id      1 
_exptl_crystal_grow.method          'VAPOR DIFFUSION, HANGING DROP' 
_exptl_crystal_grow.temp            292 
_exptl_crystal_grow.temp_details    ? 
_exptl_crystal_grow.pH              7.0 
_exptl_crystal_grow.pdbx_details    
'ammonium sulfate, potassium MOPS, magnesium chloride, manganese chloride, pH 7.0, VAPOR DIFFUSION, HANGING DROP, temperature 292K' 
_exptl_crystal_grow.pdbx_pH_range   . 
# 
loop_
_exptl_crystal_grow_comp.crystal_id 
_exptl_crystal_grow_comp.id 
_exptl_crystal_grow_comp.sol_id 
_exptl_crystal_grow_comp.name 
_exptl_crystal_grow_comp.conc 
_exptl_crystal_grow_comp.volume 
_exptl_crystal_grow_comp.details 
1 1 1 '(NH4)2SO4'      ? ? ? 
1 2 1 'potassium MOPS' ? ? ? 
1 3 1 MgCl2            ? ? ? 
1 4 1 MnCl2            ? ? ? 
1 5 2 '(NH4)2SO4'      ? ? ? 
1 6 2 MgCl2            ? ? ? 
1 7 2 MnCl2            ? ? ? 
# 
_diffrn.id                     1 
_diffrn.ambient_temp           100 
_diffrn.ambient_temp_details   ? 
_diffrn.crystal_id             1 
# 
_diffrn_detector.diffrn_id              1 
_diffrn_detector.detector               CCD 
_diffrn_detector.type                   CUSTOM-MADE 
_diffrn_detector.pdbx_collection_date   2000-07-06 
_diffrn_detector.details                ? 
# 
_diffrn_radiation.diffrn_id                        1 
_diffrn_radiation.wavelength_id                    1 
_diffrn_radiation.pdbx_monochromatic_or_laue_m_l   M 
_diffrn_radiation.monochromator                    'Si-111 double crystal monochromator' 
_diffrn_radiation.pdbx_diffrn_protocol             'SINGLE WAVELENGTH' 
_diffrn_radiation.pdbx_scattering_type             x-ray 
# 
_diffrn_radiation_wavelength.id           1 
_diffrn_radiation_wavelength.wavelength   0.97764 
_diffrn_radiation_wavelength.wt           1.0 
# 
_diffrn_source.diffrn_id                   1 
_diffrn_source.source                      SYNCHROTRON 
_diffrn_source.type                        'APS BEAMLINE 19-ID' 
_diffrn_source.pdbx_synchrotron_site       APS 
_diffrn_source.pdbx_synchrotron_beamline   19-ID 
_diffrn_source.pdbx_wavelength             ? 
_diffrn_source.pdbx_wavelength_list        0.97764 
# 
_reflns.entry_id                     1MSY 
_reflns.observed_criterion_sigma_I   -3.0 
_reflns.observed_criterion_sigma_F   0.0 
_reflns.d_resolution_low             40.0 
_reflns.d_resolution_high            1.40 
_reflns.number_obs                   14372 
_reflns.number_all                   14372 
_reflns.percent_possible_obs         97.9 
_reflns.pdbx_Rmerge_I_obs            0.072 
_reflns.pdbx_Rsym_value              0.072 
_reflns.pdbx_netI_over_sigmaI        21.8 
_reflns.B_iso_Wilson_estimate        ? 
_reflns.pdbx_redundancy              6.3 
_reflns.R_free_details               ? 
_reflns.pdbx_diffrn_id               1 
_reflns.pdbx_ordinal                 1 
# 
_reflns_shell.d_res_high             1.40 
_reflns_shell.d_res_low              1.42 
_reflns_shell.percent_possible_all   80.0 
_reflns_shell.Rmerge_I_obs           0.323 
_reflns_shell.pdbx_Rsym_value        0.323 
_reflns_shell.meanI_over_sigI_obs    2.3 
_reflns_shell.pdbx_redundancy        ? 
_reflns_shell.percent_possible_obs   ? 
_reflns_shell.number_unique_all      ? 
_reflns_shell.pdbx_diffrn_id         ? 
_reflns_shell.pdbx_ordinal           1 
# 
_refine.entry_id                                 1MSY 
_refine.ls_number_reflns_obs                     14372 
_refine.ls_number_reflns_all                     14372 
_refine.pdbx_ls_sigma_I                          0.0 
_refine.pdbx_ls_sigma_F                          0.0 
_refine.pdbx_data_cutoff_high_absF               ? 
_refine.pdbx_data_cutoff_low_absF                ? 
_refine.ls_d_res_low                             29.0 
_refine.ls_d_res_high                            1.41 
_refine.ls_percent_reflns_obs                    97.9 
_refine.ls_R_factor_obs                          0.1637 
_refine.ls_R_factor_all                          0.1637 
_refine.ls_R_factor_R_work                       0.164 
_refine.ls_R_factor_R_free                       0.207 
_refine.ls_R_factor_R_free_error                 ? 
_refine.ls_R_factor_R_free_error_details         ? 
_refine.ls_percent_reflns_R_free                 11.0 
_refine.ls_number_reflns_R_free                  1419 
_refine.ls_number_parameters                     6236 
_refine.ls_number_restraints                     8182 
_refine.occupancy_min                            ? 
_refine.occupancy_max                            ? 
_refine.correlation_coeff_Fo_to_Fc               ? 
_refine.correlation_coeff_Fo_to_Fc_free          ? 
_refine.B_iso_mean                               ? 
_refine.aniso_B[1][1]                            ? 
_refine.aniso_B[2][2]                            ? 
_refine.aniso_B[3][3]                            ? 
_refine.aniso_B[1][2]                            ? 
_refine.aniso_B[1][3]                            ? 
_refine.aniso_B[2][3]                            ? 
_refine.solvent_model_details                    ? 
_refine.solvent_model_param_ksol                 ? 
_refine.solvent_model_param_bsol                 ? 
_refine.pdbx_solvent_vdw_probe_radii             ? 
_refine.pdbx_solvent_ion_probe_radii             ? 
_refine.pdbx_solvent_shrinkage_radii             ? 
_refine.pdbx_ls_cross_valid_method               'FREE R' 
_refine.details                                  
;ANISOTROPIC SCALING APPLIED BY THE METHOD OF PARKIN, MOEZZI & HOPE, J.APPL.CRYST.28(1995)53-56 ANISOTROPIC REFINEMENT REDUCED FREE R (NO CUTOFF) BY ?
;
_refine.pdbx_starting_model                      483D 
_refine.pdbx_method_to_determine_struct          'MOLECULAR REPLACEMENT' 
_refine.pdbx_isotropic_thermal_model             ? 
_refine.pdbx_stereochemistry_target_values       ? 
_refine.pdbx_stereochem_target_val_spec_case     ? 
_refine.pdbx_R_Free_selection_details            RANDOM 
_refine.pdbx_overall_ESU_R_Free                  ? 
_refine.overall_SU_B                             ? 
_refine.ls_redundancy_reflns_obs                 ? 
_refine.overall_SU_R_Cruickshank_DPI             ? 
_refine.overall_SU_R_free                        ? 
_refine.overall_SU_ML                            ? 
_refine.pdbx_overall_ESU_R                       ? 
_refine.pdbx_data_cutoff_high_rms_absF           ? 
_refine.pdbx_refine_id                           'X-RAY DIFFRACTION' 
_refine.pdbx_diffrn_id                           1 
_refine.pdbx_TLS_residual_ADP_flag               ? 
_refine.pdbx_overall_phase_error                 ? 
_refine.pdbx_overall_SU_R_free_Cruickshank_DPI   ? 
_refine.pdbx_overall_SU_R_Blow_DPI               ? 
_refine.pdbx_overall_SU_R_free_Blow_DPI          ? 
# 
_refine_analyze.entry_id                        1MSY 
_refine_analyze.Luzzati_coordinate_error_obs    ? 
_refine_analyze.Luzzati_sigma_a_obs             ? 
_refine_analyze.Luzzati_d_res_low_obs           ? 
_refine_analyze.Luzzati_coordinate_error_free   ? 
_refine_analyze.Luzzati_sigma_a_free            ? 
_refine_analyze.Luzzati_d_res_low_free          ? 
_refine_analyze.number_disordered_residues      2 
_refine_analyze.occupancy_sum_hydrogen          0.00 
_refine_analyze.occupancy_sum_non_hydrogen      662.50 
_refine_analyze.pdbx_refine_id                  'X-RAY DIFFRACTION' 
# 
_refine_hist.pdbx_refine_id                   'X-RAY DIFFRACTION' 
_refine_hist.cycle_id                         LAST 
_refine_hist.pdbx_number_atoms_protein        0 
_refine_hist.pdbx_number_atoms_nucleic_acid   582 
_refine_hist.pdbx_number_atoms_ligand         0 
_refine_hist.number_atoms_solvent             109 
_refine_hist.number_atoms_total               691 
_refine_hist.d_res_high                       1.41 
_refine_hist.d_res_low                        29.0 
# 
loop_
_refine_ls_restr.type 
_refine_ls_restr.dev_ideal 
_refine_ls_restr.dev_ideal_target 
_refine_ls_restr.weight 
_refine_ls_restr.number 
_refine_ls_restr.pdbx_refine_id 
_refine_ls_restr.pdbx_restraint_function 
s_bond_d               0.010  ? ? ? 'X-RAY DIFFRACTION' ? 
s_angle_d              0.028  ? ? ? 'X-RAY DIFFRACTION' ? 
s_similar_dist         ?      ? ? ? 'X-RAY DIFFRACTION' ? 
s_from_restr_planes    0.0195 ? ? ? 'X-RAY DIFFRACTION' ? 
s_zero_chiral_vol      ?      ? ? ? 'X-RAY DIFFRACTION' ? 
s_non_zero_chiral_vol  ?      ? ? ? 'X-RAY DIFFRACTION' ? 
s_anti_bump_dis_restr  0.009  ? ? ? 'X-RAY DIFFRACTION' ? 
s_rigid_bond_adp_cmpnt ?      ? ? ? 'X-RAY DIFFRACTION' ? 
s_similar_adp_cmpnt    0.006  ? ? ? 'X-RAY DIFFRACTION' ? 
s_approx_iso_adps      0.079  ? ? ? 'X-RAY DIFFRACTION' ? 
# 
_pdbx_refine.entry_id                                    1MSY 
_pdbx_refine.R_factor_all_no_cutoff                      0.1637 
_pdbx_refine.R_factor_obs_no_cutoff                      0.164 
_pdbx_refine.free_R_factor_no_cutoff                     0.207 
_pdbx_refine.free_R_val_test_set_size_perc_no_cutoff     11.0 
_pdbx_refine.free_R_val_test_set_ct_no_cutoff            1419 
_pdbx_refine.R_factor_all_4sig_cutoff                    0.1383 
_pdbx_refine.R_factor_obs_4sig_cutoff                    0.1366 
_pdbx_refine.free_R_factor_4sig_cutoff                   0.1784 
_pdbx_refine.free_R_val_test_set_size_perc_4sig_cutoff   10.8 
_pdbx_refine.free_R_val_test_set_ct_4sig_cutoff          1082 
_pdbx_refine.number_reflns_obs_4sig_cutoff               10030 
_pdbx_refine.number_reflns_obs_no_cutoff                 ? 
_pdbx_refine.pdbx_refine_id                              'X-RAY DIFFRACTION' 
_pdbx_refine.free_R_error_no_cutoff                      ? 
# 
_struct.entry_id                  1MSY 
_struct.title                     'GUAA tetraloop mutant of Sarcin/Ricin domain from E. Coli 23 S rRNA' 
_struct.pdbx_model_details        ? 
_struct.pdbx_CASP_flag            ? 
_struct.pdbx_model_type_details   ? 
# 
_struct_keywords.entry_id        1MSY 
_struct_keywords.pdbx_keywords   RNA 
_struct_keywords.text            
;A-minor motif, sarcin/ricin loop, RNA structure, RNA tertiary contacts, RNA motifs, conformational change, RNA-protein recognition, hydration, RNA
;
# 
loop_
_struct_asym.id 
_struct_asym.pdbx_blank_PDB_chainid_flag 
_struct_asym.pdbx_modified 
_struct_asym.entity_id 
_struct_asym.details 
A N N 1 ? 
B N N 2 ? 
# 
_struct_ref.id                         1 
_struct_ref.entity_id                  1 
_struct_ref.db_name                    PDB 
_struct_ref.db_code                    1MSY 
_struct_ref.pdbx_db_accession          1MSY 
_struct_ref.pdbx_db_isoform            ? 
_struct_ref.pdbx_seq_one_letter_code   ? 
_struct_ref.pdbx_align_begin           ? 
# 
_struct_ref_seq.align_id                      1 
_struct_ref_seq.ref_id                        1 
_struct_ref_seq.pdbx_PDB_id_code              1MSY 
_struct_ref_seq.pdbx_strand_id                A 
_struct_ref_seq.seq_align_beg                 1 
_struct_ref_seq.pdbx_seq_align_beg_ins_code   ? 
_struct_ref_seq.seq_align_end                 27 
_struct_ref_seq.pdbx_seq_align_end_ins_code   ? 
_struct_ref_seq.pdbx_db_accession             1MSY 
_struct_ref_seq.db_align_beg                  2647 
_struct_ref_seq.pdbx_db_align_beg_ins_code    ? 
_struct_ref_seq.db_align_end                  2673 
_struct_ref_seq.pdbx_db_align_end_ins_code    ? 
_struct_ref_seq.pdbx_auth_seq_align_beg       2647 
_struct_ref_seq.pdbx_auth_seq_align_end       2673 
# 
_pdbx_struct_assembly.id                   1 
_pdbx_struct_assembly.details              author_defined_assembly 
_pdbx_struct_assembly.method_details       ? 
_pdbx_struct_assembly.oligomeric_details   monomeric 
_pdbx_struct_assembly.oligomeric_count     1 
# 
_pdbx_struct_assembly_gen.assembly_id       1 
_pdbx_struct_assembly_gen.oper_expression   1 
_pdbx_struct_assembly_gen.asym_id_list      A,B 
# 
_pdbx_struct_oper_list.id                   1 
_pdbx_struct_oper_list.type                 'identity operation' 
_pdbx_struct_oper_list.name                 1_555 
_pdbx_struct_oper_list.symmetry_operation   x,y,z 
_pdbx_struct_oper_list.matrix[1][1]         1.0000000000 
_pdbx_struct_oper_list.matrix[1][2]         0.0000000000 
_pdbx_struct_oper_list.matrix[1][3]         0.0000000000 
_pdbx_struct_oper_list.vector[1]            0.0000000000 
_pdbx_struct_oper_list.matrix[2][1]         0.0000000000 
_pdbx_struct_oper_list.matrix[2][2]         1.0000000000 
_pdbx_struct_oper_list.matrix[2][3]         0.0000000000 
_pdbx_struct_oper_list.vector[2]            0.0000000000 
_pdbx_struct_oper_list.matrix[3][1]         0.0000000000 
_pdbx_struct_oper_list.matrix[3][2]         0.0000000000 
_pdbx_struct_oper_list.matrix[3][3]         1.0000000000 
_pdbx_struct_oper_list.vector[3]            0.0000000000 
# 
_struct_biol.id                    1 
_struct_biol.pdbx_parent_biol_id   ? 
_struct_biol.details               ? 
# 
loop_
_struct_conn.id 
_struct_conn.conn_type_id 
_struct_conn.pdbx_leaving_atom_flag 
_struct_conn.pdbx_PDB_id 
_struct_conn.ptnr1_label_asym_id 
_struct_conn.ptnr1_label_comp_id 
_struct_conn.ptnr1_label_seq_id 
_struct_conn.ptnr1_label_atom_id 
_struct_conn.pdbx_ptnr1_label_alt_id 
_struct_conn.pdbx_ptnr1_PDB_ins_code 
_struct_conn.pdbx_ptnr1_standard_comp_id 
_struct_conn.ptnr1_symmetry 
_struct_conn.ptnr2_label_asym_id 
_struct_conn.ptnr2_label_comp_id 
_struct_conn.ptnr2_label_seq_id 
_struct_conn.ptnr2_label_atom_id 
_struct_conn.pdbx_ptnr2_label_alt_id 
_struct_conn.pdbx_ptnr2_PDB_ins_code 
_struct_conn.ptnr1_auth_asym_id 
_struct_conn.ptnr1_auth_comp_id 
_struct_conn.ptnr1_auth_seq_id 
_struct_conn.ptnr2_auth_asym_id 
_struct_conn.ptnr2_auth_comp_id 
_struct_conn.ptnr2_auth_seq_id 
_struct_conn.ptnr2_symmetry 
_struct_conn.pdbx_ptnr3_label_atom_id 
_struct_conn.pdbx_ptnr3_label_seq_id 
_struct_conn.pdbx_ptnr3_label_comp_id 
_struct_conn.pdbx_ptnr3_label_asym_id 
_struct_conn.pdbx_ptnr3_label_alt_id 
_struct_conn.pdbx_ptnr3_PDB_ins_code 
_struct_conn.details 
_struct_conn.pdbx_dist_value 
_struct_conn.pdbx_value_order 
_struct_conn.pdbx_role 
hydrog1  hydrog ? ? A U 1  O4 ? ? ? 1_555 A G 27 N1 ? ? A U 2647 A G 2673 1_555 ? ? ? ? ? ? 'U-G MISPAIR'        ? ? ? 
hydrog2  hydrog ? ? A G 2  N1 ? ? ? 1_555 A U 26 O2 ? ? A G 2648 A U 2672 1_555 ? ? ? ? ? ? TYPE_28_PAIR         ? ? ? 
hydrog3  hydrog ? ? A G 2  O6 ? ? ? 1_555 A U 26 N3 ? ? A G 2648 A U 2672 1_555 ? ? ? ? ? ? TYPE_28_PAIR         ? ? ? 
hydrog4  hydrog ? ? A C 3  N3 ? ? ? 1_555 A G 25 N1 ? ? A C 2649 A G 2671 1_555 ? ? ? ? ? ? WATSON-CRICK         ? ? ? 
hydrog5  hydrog ? ? A C 3  N4 ? ? ? 1_555 A G 25 O6 ? ? A C 2649 A G 2671 1_555 ? ? ? ? ? ? WATSON-CRICK         ? ? ? 
hydrog6  hydrog ? ? A C 3  O2 ? ? ? 1_555 A G 25 N2 ? ? A C 2649 A G 2671 1_555 ? ? ? ? ? ? WATSON-CRICK         ? ? ? 
hydrog7  hydrog ? ? A U 4  N3 ? ? ? 1_555 A A 24 N1 ? ? A U 2650 A A 2670 1_555 ? ? ? ? ? ? WATSON-CRICK         ? ? ? 
hydrog8  hydrog ? ? A U 4  O4 ? ? ? 1_555 A A 24 N6 ? ? A U 2650 A A 2670 1_555 ? ? ? ? ? ? WATSON-CRICK         ? ? ? 
hydrog9  hydrog ? ? A C 5  N3 ? ? ? 1_555 A G 23 N1 ? ? A C 2651 A G 2669 1_555 ? ? ? ? ? ? WATSON-CRICK         ? ? ? 
hydrog10 hydrog ? ? A C 5  N4 ? ? ? 1_555 A G 23 O6 ? ? A C 2651 A G 2669 1_555 ? ? ? ? ? ? WATSON-CRICK         ? ? ? 
hydrog11 hydrog ? ? A C 5  O2 ? ? ? 1_555 A G 23 N2 ? ? A C 2651 A G 2669 1_555 ? ? ? ? ? ? WATSON-CRICK         ? ? ? 
hydrog12 hydrog ? ? A C 6  N3 ? ? ? 1_555 A G 22 N1 ? ? A C 2652 A G 2668 1_555 ? ? ? ? ? ? WATSON-CRICK         ? ? ? 
hydrog13 hydrog ? ? A C 6  N4 ? ? ? 1_555 A G 22 O6 ? ? A C 2652 A G 2668 1_555 ? ? ? ? ? ? WATSON-CRICK         ? ? ? 
hydrog14 hydrog ? ? A C 6  O2 ? ? ? 1_555 A G 22 N2 ? ? A C 2652 A G 2668 1_555 ? ? ? ? ? ? WATSON-CRICK         ? ? ? 
hydrog15 hydrog ? ? A U 7  O2 ? ? ? 1_555 A C 21 N4 ? ? A U 2653 A C 2667 1_555 ? ? ? ? ? ? 'U-C MISPAIR'        ? ? ? 
hydrog16 hydrog ? ? A G 9  N2 ? ? ? 1_555 A U 10 O4 ? ? A G 2655 A U 2656 1_555 ? ? ? ? ? ? 'G-U MISPAIR'        ? ? ? 
hydrog17 hydrog ? ? A U 10 N3 ? ? ? 1_555 A A 19 N7 ? ? A U 2656 A A 2665 1_555 ? ? ? ? ? ? 'REVERSED HOOGSTEEN' ? ? ? 
hydrog18 hydrog ? ? A U 10 O2 ? ? ? 1_555 A A 19 N6 ? ? A U 2656 A A 2665 1_555 ? ? ? ? ? ? 'REVERSED HOOGSTEEN' ? ? ? 
hydrog19 hydrog ? ? A A 11 N6 ? ? ? 1_555 A G 18 N3 ? ? A A 2657 A G 2664 1_555 ? ? ? ? ? ? TYPE_11_PAIR         ? ? ? 
hydrog20 hydrog ? ? A A 11 N7 ? ? ? 1_555 A G 18 N2 ? ? A A 2657 A G 2664 1_555 ? ? ? ? ? ? TYPE_11_PAIR         ? ? ? 
hydrog21 hydrog ? ? A C 12 N3 ? ? ? 1_555 A G 17 N1 ? ? A C 2658 A G 2663 1_555 ? ? ? ? ? ? WATSON-CRICK         ? ? ? 
hydrog22 hydrog ? ? A C 12 N4 ? ? ? 1_555 A G 17 O6 ? ? A C 2658 A G 2663 1_555 ? ? ? ? ? ? WATSON-CRICK         ? ? ? 
hydrog23 hydrog ? ? A C 12 O2 ? ? ? 1_555 A G 17 N2 ? ? A C 2658 A G 2663 1_555 ? ? ? ? ? ? WATSON-CRICK         ? ? ? 
hydrog24 hydrog ? ? A G 13 N2 ? ? ? 1_555 A A 16 N7 ? ? A G 2659 A A 2662 1_555 ? ? ? ? ? ? 'G-A MISPAIR'        ? ? ? 
# 
_struct_conn_type.id          hydrog 
_struct_conn_type.criteria    ? 
_struct_conn_type.reference   ? 
# 
loop_
_pdbx_validate_rmsd_angle.id 
_pdbx_validate_rmsd_angle.PDB_model_num 
_pdbx_validate_rmsd_angle.auth_atom_id_1 
_pdbx_validate_rmsd_angle.auth_asym_id_1 
_pdbx_validate_rmsd_angle.auth_comp_id_1 
_pdbx_validate_rmsd_angle.auth_seq_id_1 
_pdbx_validate_rmsd_angle.PDB_ins_code_1 
_pdbx_validate_rmsd_angle.label_alt_id_1 
_pdbx_validate_rmsd_angle.auth_atom_id_2 
_pdbx_validate_rmsd_angle.auth_asym_id_2 
_pdbx_validate_rmsd_angle.auth_comp_id_2 
_pdbx_validate_rmsd_angle.auth_seq_id_2 
_pdbx_validate_rmsd_angle.PDB_ins_code_2 
_pdbx_validate_rmsd_angle.label_alt_id_2 
_pdbx_validate_rmsd_angle.auth_atom_id_3 
_pdbx_validate_rmsd_angle.auth_asym_id_3 
_pdbx_validate_rmsd_angle.auth_comp_id_3 
_pdbx_validate_rmsd_angle.auth_seq_id_3 
_pdbx_validate_rmsd_angle.PDB_ins_code_3 
_pdbx_validate_rmsd_angle.label_alt_id_3 
_pdbx_validate_rmsd_angle.angle_value 
_pdbx_validate_rmsd_angle.angle_target_value 
_pdbx_validate_rmsd_angle.angle_deviation 
_pdbx_validate_rmsd_angle.angle_standard_deviation 
_pdbx_validate_rmsd_angle.linker_flag 
1 1 N1    A A 2657 ? ? C2    A A 2657 ? ? N3    A A 2657 ? ? 132.68 129.30 3.38  0.50 N 
2 1 N9    A G 2659 ? ? "C1'" A G 2659 ? ? "C2'" A G 2659 ? ? 103.31 112.00 -8.69 1.10 N 
3 1 C2    A G 2659 ? ? N3    A G 2659 ? ? C4    A G 2659 ? ? 114.98 111.90 3.08  0.50 N 
4 1 C5    A G 2659 ? ? C6    A G 2659 ? ? N1    A G 2659 ? ? 114.59 111.50 3.09  0.50 N 
5 1 "C3'" A A 2662 ? ? "O3'" A A 2662 ? ? P     A G 2663 ? A 111.28 119.70 -8.42 1.20 Y 
6 1 "O5'" A G 2663 ? ? P     A G 2663 ? B OP1   A G 2663 ? B 118.11 110.70 7.41  1.20 N 
7 1 C5    A G 2664 ? ? C6    A G 2664 ? ? O6    A G 2664 ? ? 124.45 128.60 -4.15 0.60 N 
8 1 N1    A G 2673 ? ? C6    A G 2673 ? ? O6    A G 2673 ? ? 115.57 119.90 -4.33 0.60 N 
# 
loop_
_pdbx_struct_special_symmetry.id 
_pdbx_struct_special_symmetry.PDB_model_num 
_pdbx_struct_special_symmetry.auth_asym_id 
_pdbx_struct_special_symmetry.auth_comp_id 
_pdbx_struct_special_symmetry.auth_seq_id 
_pdbx_struct_special_symmetry.PDB_ins_code 
_pdbx_struct_special_symmetry.label_asym_id 
_pdbx_struct_special_symmetry.label_comp_id 
_pdbx_struct_special_symmetry.label_seq_id 
1 1 A U   2647 ? A U   1  
2 1 A G   2673 ? A G   27 
3 1 A HOH 3002 ? B HOH .  
4 1 A HOH 3004 ? B HOH .  
5 1 A HOH 3068 ? B HOH .  
# 
_pdbx_database_remark.id     400 
_pdbx_database_remark.text   
;COMPOUND
A CRYSTALLOGRAPHIC TWO-FOLD AXIS PASSES 
THROUGH THE TERMINAL GU WOBBLEBASE PAIR.  
EACH MOLECULE ABOUT THE 2-FOLD CONTRIBUTES 
ONE NUCLEOTIDE TO THE WOBBLE PAIR AND THE 
NUCLEOTIDE THAT COULD FORM THE 
INTRAMOLECULAR CLOSING PAIR IS DISORDERED.  
NOTE THAT THE OCCUPANCIES FOR THESE 
NUCLEOTIDES IS 0.5.                        
;
# 
loop_
_chem_comp_atom.comp_id 
_chem_comp_atom.atom_id 
_chem_comp_atom.type_symbol 
_chem_comp_atom.pdbx_aromatic_flag 
_chem_comp_atom.pdbx_stereo_config 
_chem_comp_atom.pdbx_ordinal 
A   OP3    O N N 1   
A   P      P N N 2   
A   OP1    O N N 3   
A   OP2    O N N 4   
A   "O5'"  O N N 5   
A   "C5'"  C N N 6   
A   "C4'"  C N R 7   
A   "O4'"  O N N 8   
A   "C3'"  C N S 9   
A   "O3'"  O N N 10  
A   "C2'"  C N R 11  
A   "O2'"  O N N 12  
A   "C1'"  C N R 13  
A   N9     N Y N 14  
A   C8     C Y N 15  
A   N7     N Y N 16  
A   C5     C Y N 17  
A   C6     C Y N 18  
A   N6     N N N 19  
A   N1     N Y N 20  
A   C2     C Y N 21  
A   N3     N Y N 22  
A   C4     C Y N 23  
A   HOP3   H N N 24  
A   HOP2   H N N 25  
A   "H5'"  H N N 26  
A   "H5''" H N N 27  
A   "H4'"  H N N 28  
A   "H3'"  H N N 29  
A   "HO3'" H N N 30  
A   "H2'"  H N N 31  
A   "HO2'" H N N 32  
A   "H1'"  H N N 33  
A   H8     H N N 34  
A   H61    H N N 35  
A   H62    H N N 36  
A   H2     H N N 37  
C   OP3    O N N 38  
C   P      P N N 39  
C   OP1    O N N 40  
C   OP2    O N N 41  
C   "O5'"  O N N 42  
C   "C5'"  C N N 43  
C   "C4'"  C N R 44  
C   "O4'"  O N N 45  
C   "C3'"  C N S 46  
C   "O3'"  O N N 47  
C   "C2'"  C N R 48  
C   "O2'"  O N N 49  
C   "C1'"  C N R 50  
C   N1     N N N 51  
C   C2     C N N 52  
C   O2     O N N 53  
C   N3     N N N 54  
C   C4     C N N 55  
C   N4     N N N 56  
C   C5     C N N 57  
C   C6     C N N 58  
C   HOP3   H N N 59  
C   HOP2   H N N 60  
C   "H5'"  H N N 61  
C   "H5''" H N N 62  
C   "H4'"  H N N 63  
C   "H3'"  H N N 64  
C   "HO3'" H N N 65  
C   "H2'"  H N N 66  
C   "HO2'" H N N 67  
C   "H1'"  H N N 68  
C   H41    H N N 69  
C   H42    H N N 70  
C   H5     H N N 71  
C   H6     H N N 72  
G   OP3    O N N 73  
G   P      P N N 74  
G   OP1    O N N 75  
G   OP2    O N N 76  
G   "O5'"  O N N 77  
G   "C5'"  C N N 78  
G   "C4'"  C N R 79  
G   "O4'"  O N N 80  
G   "C3'"  C N S 81  
G   "O3'"  O N N 82  
G   "C2'"  C N R 83  
G   "O2'"  O N N 84  
G   "C1'"  C N R 85  
G   N9     N Y N 86  
G   C8     C Y N 87  
G   N7     N Y N 88  
G   C5     C Y N 89  
G   C6     C N N 90  
G   O6     O N N 91  
G   N1     N N N 92  
G   C2     C N N 93  
G   N2     N N N 94  
G   N3     N N N 95  
G   C4     C Y N 96  
G   HOP3   H N N 97  
G   HOP2   H N N 98  
G   "H5'"  H N N 99  
G   "H5''" H N N 100 
G   "H4'"  H N N 101 
G   "H3'"  H N N 102 
G   "HO3'" H N N 103 
G   "H2'"  H N N 104 
G   "HO2'" H N N 105 
G   "H1'"  H N N 106 
G   H8     H N N 107 
G   H1     H N N 108 
G   H21    H N N 109 
G   H22    H N N 110 
HOH O      O N N 111 
HOH H1     H N N 112 
HOH H2     H N N 113 
U   OP3    O N N 114 
U   P      P N N 115 
U   OP1    O N N 116 
U   OP2    O N N 117 
U   "O5'"  O N N 118 
U   "C5'"  C N N 119 
U   "C4'"  C N R 120 
U   "O4'"  O N N 121 
U   "C3'"  C N S 122 
U   "O3'"  O N N 123 
U   "C2'"  C N R 124 
U   "O2'"  O N N 125 
U   "C1'"  C N R 126 
U   N1     N N N 127 
U   C2     C N N 128 
U   O2     O N N 129 
U   N3     N N N 130 
U   C4     C N N 131 
U   O4     O N N 132 
U   C5     C N N 133 
U   C6     C N N 134 
U   HOP3   H N N 135 
U   HOP2   H N N 136 
U   "H5'"  H N N 137 
U   "H5''" H N N 138 
U   "H4'"  H N N 139 
U   "H3'"  H N N 140 
U   "HO3'" H N N 141 
U   "H2'"  H N N 142 
U   "HO2'" H N N 143 
U   "H1'"  H N N 144 
U   H3     H N N 145 
U   H5     H N N 146 
U   H6     H N N 147 
# 
loop_
_chem_comp_bond.comp_id 
_chem_comp_bond.atom_id_1 
_chem_comp_bond.atom_id_2 
_chem_comp_bond.value_order 
_chem_comp_bond.pdbx_aromatic_flag 
_chem_comp_bond.pdbx_stereo_config 
_chem_comp_bond.pdbx_ordinal 
A   OP3   P      sing N N 1   
A   OP3   HOP3   sing N N 2   
A   P     OP1    doub N N 3   
A   P     OP2    sing N N 4   
A   P     "O5'"  sing N N 5   
A   OP2   HOP2   sing N N 6   
A   "O5'" "C5'"  sing N N 7   
A   "C5'" "C4'"  sing N N 8   
A   "C5'" "H5'"  sing N N 9   
A   "C5'" "H5''" sing N N 10  
A   "C4'" "O4'"  sing N N 11  
A   "C4'" "C3'"  sing N N 12  
A   "C4'" "H4'"  sing N N 13  
A   "O4'" "C1'"  sing N N 14  
A   "C3'" "O3'"  sing N N 15  
A   "C3'" "C2'"  sing N N 16  
A   "C3'" "H3'"  sing N N 17  
A   "O3'" "HO3'" sing N N 18  
A   "C2'" "O2'"  sing N N 19  
A   "C2'" "C1'"  sing N N 20  
A   "C2'" "H2'"  sing N N 21  
A   "O2'" "HO2'" sing N N 22  
A   "C1'" N9     sing N N 23  
A   "C1'" "H1'"  sing N N 24  
A   N9    C8     sing Y N 25  
A   N9    C4     sing Y N 26  
A   C8    N7     doub Y N 27  
A   C8    H8     sing N N 28  
A   N7    C5     sing Y N 29  
A   C5    C6     sing Y N 30  
A   C5    C4     doub Y N 31  
A   C6    N6     sing N N 32  
A   C6    N1     doub Y N 33  
A   N6    H61    sing N N 34  
A   N6    H62    sing N N 35  
A   N1    C2     sing Y N 36  
A   C2    N3     doub Y N 37  
A   C2    H2     sing N N 38  
A   N3    C4     sing Y N 39  
C   OP3   P      sing N N 40  
C   OP3   HOP3   sing N N 41  
C   P     OP1    doub N N 42  
C   P     OP2    sing N N 43  
C   P     "O5'"  sing N N 44  
C   OP2   HOP2   sing N N 45  
C   "O5'" "C5'"  sing N N 46  
C   "C5'" "C4'"  sing N N 47  
C   "C5'" "H5'"  sing N N 48  
C   "C5'" "H5''" sing N N 49  
C   "C4'" "O4'"  sing N N 50  
C   "C4'" "C3'"  sing N N 51  
C   "C4'" "H4'"  sing N N 52  
C   "O4'" "C1'"  sing N N 53  
C   "C3'" "O3'"  sing N N 54  
C   "C3'" "C2'"  sing N N 55  
C   "C3'" "H3'"  sing N N 56  
C   "O3'" "HO3'" sing N N 57  
C   "C2'" "O2'"  sing N N 58  
C   "C2'" "C1'"  sing N N 59  
C   "C2'" "H2'"  sing N N 60  
C   "O2'" "HO2'" sing N N 61  
C   "C1'" N1     sing N N 62  
C   "C1'" "H1'"  sing N N 63  
C   N1    C2     sing N N 64  
C   N1    C6     sing N N 65  
C   C2    O2     doub N N 66  
C   C2    N3     sing N N 67  
C   N3    C4     doub N N 68  
C   C4    N4     sing N N 69  
C   C4    C5     sing N N 70  
C   N4    H41    sing N N 71  
C   N4    H42    sing N N 72  
C   C5    C6     doub N N 73  
C   C5    H5     sing N N 74  
C   C6    H6     sing N N 75  
G   OP3   P      sing N N 76  
G   OP3   HOP3   sing N N 77  
G   P     OP1    doub N N 78  
G   P     OP2    sing N N 79  
G   P     "O5'"  sing N N 80  
G   OP2   HOP2   sing N N 81  
G   "O5'" "C5'"  sing N N 82  
G   "C5'" "C4'"  sing N N 83  
G   "C5'" "H5'"  sing N N 84  
G   "C5'" "H5''" sing N N 85  
G   "C4'" "O4'"  sing N N 86  
G   "C4'" "C3'"  sing N N 87  
G   "C4'" "H4'"  sing N N 88  
G   "O4'" "C1'"  sing N N 89  
G   "C3'" "O3'"  sing N N 90  
G   "C3'" "C2'"  sing N N 91  
G   "C3'" "H3'"  sing N N 92  
G   "O3'" "HO3'" sing N N 93  
G   "C2'" "O2'"  sing N N 94  
G   "C2'" "C1'"  sing N N 95  
G   "C2'" "H2'"  sing N N 96  
G   "O2'" "HO2'" sing N N 97  
G   "C1'" N9     sing N N 98  
G   "C1'" "H1'"  sing N N 99  
G   N9    C8     sing Y N 100 
G   N9    C4     sing Y N 101 
G   C8    N7     doub Y N 102 
G   C8    H8     sing N N 103 
G   N7    C5     sing Y N 104 
G   C5    C6     sing N N 105 
G   C5    C4     doub Y N 106 
G   C6    O6     doub N N 107 
G   C6    N1     sing N N 108 
G   N1    C2     sing N N 109 
G   N1    H1     sing N N 110 
G   C2    N2     sing N N 111 
G   C2    N3     doub N N 112 
G   N2    H21    sing N N 113 
G   N2    H22    sing N N 114 
G   N3    C4     sing N N 115 
HOH O     H1     sing N N 116 
HOH O     H2     sing N N 117 
U   OP3   P      sing N N 118 
U   OP3   HOP3   sing N N 119 
U   P     OP1    doub N N 120 
U   P     OP2    sing N N 121 
U   P     "O5'"  sing N N 122 
U   OP2   HOP2   sing N N 123 
U   "O5'" "C5'"  sing N N 124 
U   "C5'" "C4'"  sing N N 125 
U   "C5'" "H5'"  sing N N 126 
U   "C5'" "H5''" sing N N 127 
U   "C4'" "O4'"  sing N N 128 
U   "C4'" "C3'"  sing N N 129 
U   "C4'" "H4'"  sing N N 130 
U   "O4'" "C1'"  sing N N 131 
U   "C3'" "O3'"  sing N N 132 
U   "C3'" "C2'"  sing N N 133 
U   "C3'" "H3'"  sing N N 134 
U   "O3'" "HO3'" sing N N 135 
U   "C2'" "O2'"  sing N N 136 
U   "C2'" "C1'"  sing N N 137 
U   "C2'" "H2'"  sing N N 138 
U   "O2'" "HO2'" sing N N 139 
U   "C1'" N1     sing N N 140 
U   "C1'" "H1'"  sing N N 141 
U   N1    C2     sing N N 142 
U   N1    C6     sing N N 143 
U   C2    O2     doub N N 144 
U   C2    N3     sing N N 145 
U   N3    C4     sing N N 146 
U   N3    H3     sing N N 147 
U   C4    O4     doub N N 148 
U   C4    C5     sing N N 149 
U   C5    C6     doub N N 150 
U   C5    H5     sing N N 151 
U   C6    H6     sing N N 152 
# 
loop_
_ndb_struct_conf_na.entry_id 
_ndb_struct_conf_na.feature 
1MSY 'double helix'         
1MSY 'a-form double helix'  
1MSY 'mismatched base pair' 
1MSY 'triple helix'         
# 
loop_
_ndb_struct_na_base_pair.model_number 
_ndb_struct_na_base_pair.i_label_asym_id 
_ndb_struct_na_base_pair.i_label_comp_id 
_ndb_struct_na_base_pair.i_label_seq_id 
_ndb_struct_na_base_pair.i_symmetry 
_ndb_struct_na_base_pair.j_label_asym_id 
_ndb_struct_na_base_pair.j_label_comp_id 
_ndb_struct_na_base_pair.j_label_seq_id 
_ndb_struct_na_base_pair.j_symmetry 
_ndb_struct_na_base_pair.shear 
_ndb_struct_na_base_pair.stretch 
_ndb_struct_na_base_pair.stagger 
_ndb_struct_na_base_pair.buckle 
_ndb_struct_na_base_pair.propeller 
_ndb_struct_na_base_pair.opening 
_ndb_struct_na_base_pair.pair_number 
_ndb_struct_na_base_pair.pair_name 
_ndb_struct_na_base_pair.i_auth_asym_id 
_ndb_struct_na_base_pair.i_auth_seq_id 
_ndb_struct_na_base_pair.i_PDB_ins_code 
_ndb_struct_na_base_pair.j_auth_asym_id 
_ndb_struct_na_base_pair.j_auth_seq_id 
_ndb_struct_na_base_pair.j_PDB_ins_code 
_ndb_struct_na_base_pair.hbond_type_28 
_ndb_struct_na_base_pair.hbond_type_12 
1 A U 1  1_555 A G 27 1_555 -1.590 0.316  -0.263 1.954  -3.602  -43.734  1  A_U2647:G2673_A A 2647 ? A 2673 ? ?  ?  
1 A G 2  1_555 A U 26 1_555 -2.367 -0.597 0.107  4.665  -7.747  -2.953   2  A_G2648:U2672_A A 2648 ? A 2672 ? 28 ?  
1 A C 3  1_555 A G 25 1_555 0.087  -0.169 0.021  9.595  -15.927 -2.310   3  A_C2649:G2671_A A 2649 ? A 2671 ? 19 1  
1 A U 4  1_555 A A 24 1_555 0.109  -0.111 0.249  4.923  -16.454 6.329    4  A_U2650:A2670_A A 2650 ? A 2670 ? 20 1  
1 A C 5  1_555 A G 23 1_555 0.186  -0.103 -0.072 1.460  -17.745 3.271    5  A_C2651:G2669_A A 2651 ? A 2669 ? 19 1  
1 A C 6  1_555 A G 22 1_555 0.285  -0.107 0.257  -4.322 -8.628  0.533    6  A_C2652:G2668_A A 2652 ? A 2668 ? 19 1  
1 A U 7  1_555 A C 21 1_555 5.745  -2.187 -0.252 -0.399 -12.063 -15.307  7  A_U2653:C2667_A A 2653 ? A 2667 ? ?  ?  
1 A U 10 1_555 A A 19 1_555 4.035  -1.616 -0.496 8.420  -17.415 -106.047 8  A_U2656:A2665_A A 2656 ? A 2665 ? 24 4  
1 A A 11 1_555 A G 18 1_555 -6.873 -4.208 -0.064 -1.133 2.564   -0.455   9  A_A2657:G2664_A A 2657 ? A 2664 ? 11 9  
1 A C 12 1_555 A G 17 1_555 0.121  -0.106 -0.289 6.738  -3.956  1.141    10 A_C2658:G2663_A A 2658 ? A 2663 ? 19 1  
1 A G 13 1_555 A A 16 1_555 6.786  -4.822 1.187  -0.984 -18.469 -11.757  11 A_G2659:A2662_A A 2659 ? A 2662 ? ?  10 
# 
loop_
_ndb_struct_na_base_pair_step.model_number 
_ndb_struct_na_base_pair_step.i_label_asym_id_1 
_ndb_struct_na_base_pair_step.i_label_comp_id_1 
_ndb_struct_na_base_pair_step.i_label_seq_id_1 
_ndb_struct_na_base_pair_step.i_symmetry_1 
_ndb_struct_na_base_pair_step.j_label_asym_id_1 
_ndb_struct_na_base_pair_step.j_label_comp_id_1 
_ndb_struct_na_base_pair_step.j_label_seq_id_1 
_ndb_struct_na_base_pair_step.j_symmetry_1 
_ndb_struct_na_base_pair_step.i_label_asym_id_2 
_ndb_struct_na_base_pair_step.i_label_comp_id_2 
_ndb_struct_na_base_pair_step.i_label_seq_id_2 
_ndb_struct_na_base_pair_step.i_symmetry_2 
_ndb_struct_na_base_pair_step.j_label_asym_id_2 
_ndb_struct_na_base_pair_step.j_label_comp_id_2 
_ndb_struct_na_base_pair_step.j_label_seq_id_2 
_ndb_struct_na_base_pair_step.j_symmetry_2 
_ndb_struct_na_base_pair_step.shift 
_ndb_struct_na_base_pair_step.slide 
_ndb_struct_na_base_pair_step.rise 
_ndb_struct_na_base_pair_step.tilt 
_ndb_struct_na_base_pair_step.roll 
_ndb_struct_na_base_pair_step.twist 
_ndb_struct_na_base_pair_step.x_displacement 
_ndb_struct_na_base_pair_step.y_displacement 
_ndb_struct_na_base_pair_step.helical_rise 
_ndb_struct_na_base_pair_step.inclination 
_ndb_struct_na_base_pair_step.tip 
_ndb_struct_na_base_pair_step.helical_twist 
_ndb_struct_na_base_pair_step.step_number 
_ndb_struct_na_base_pair_step.step_name 
_ndb_struct_na_base_pair_step.i_auth_asym_id_1 
_ndb_struct_na_base_pair_step.i_auth_seq_id_1 
_ndb_struct_na_base_pair_step.i_PDB_ins_code_1 
_ndb_struct_na_base_pair_step.j_auth_asym_id_1 
_ndb_struct_na_base_pair_step.j_auth_seq_id_1 
_ndb_struct_na_base_pair_step.j_PDB_ins_code_1 
_ndb_struct_na_base_pair_step.i_auth_asym_id_2 
_ndb_struct_na_base_pair_step.i_auth_seq_id_2 
_ndb_struct_na_base_pair_step.i_PDB_ins_code_2 
_ndb_struct_na_base_pair_step.j_auth_asym_id_2 
_ndb_struct_na_base_pair_step.j_auth_seq_id_2 
_ndb_struct_na_base_pair_step.j_PDB_ins_code_2 
1 A U 1  1_555 A G 27 1_555 A G 2  1_555 A U 26 1_555 2.964  -1.315 3.218 -5.289 6.766  34.803  -2.995 -5.490 2.465 11.104 8.680  
35.815  1  AA_U2647G2648:U2672G2673_AA A 2647 ? A 2673 ? A 2648 ? A 2672 ? 
1 A G 2  1_555 A U 26 1_555 A C 3  1_555 A G 25 1_555 -0.235 -1.261 3.127 -2.093 3.784  41.783  -2.129 0.123  3.014 5.288  2.925  
41.997  2  AA_G2648C2649:G2671U2672_AA A 2648 ? A 2672 ? A 2649 ? A 2671 ? 
1 A C 3  1_555 A G 25 1_555 A U 4  1_555 A A 24 1_555 0.788  -1.420 3.246 -0.330 7.258  33.482  -3.494 -1.388 2.877 12.418 0.565  
34.239  3  AA_C2649U2650:A2670G2671_AA A 2649 ? A 2671 ? A 2650 ? A 2670 ? 
1 A U 4  1_555 A A 24 1_555 A C 5  1_555 A G 23 1_555 -0.448 -1.599 3.232 2.117  3.948  33.526  -3.358 1.097  2.997 6.807  -3.649 
33.816  4  AA_U2650C2651:G2669A2670_AA A 2650 ? A 2670 ? A 2651 ? A 2669 ? 
1 A C 5  1_555 A G 23 1_555 A C 6  1_555 A G 22 1_555 -0.133 -1.725 3.372 -1.242 8.010  29.668  -4.771 0.016  2.823 15.287 2.371  
30.731  5  AA_C2651C2652:G2668G2669_AA A 2651 ? A 2669 ? A 2652 ? A 2668 ? 
1 A C 6  1_555 A G 22 1_555 A U 7  1_555 A C 21 1_555 -1.098 -1.100 3.362 6.243  4.203  52.001  -1.518 1.648  3.129 4.765  -7.078 
52.506  6  AA_C2652U2653:C2667G2668_AA A 2652 ? A 2668 ? A 2653 ? A 2667 ? 
1 A U 7  1_555 A C 21 1_555 A U 10 1_555 A A 19 1_555 0.497  -0.569 6.407 4.388  -4.755 30.954  0.703  0.699  6.429 -8.790 -8.111 
31.607  7  AA_U2653U2656:A2665C2667_AA A 2653 ? A 2667 ? A 2656 ? A 2665 ? 
1 A U 10 1_555 A A 19 1_555 A A 11 1_555 A G 18 1_555 5.495  -1.210 3.557 -1.906 -3.677 -13.990 8.486  19.712 3.823 14.680 -7.611 
-14.587 8  AA_U2656A2657:G2664A2665_AA A 2656 ? A 2665 ? A 2657 ? A 2664 ? 
1 A A 11 1_555 A G 18 1_555 A C 12 1_555 A G 17 1_555 -0.284 -0.971 3.217 -1.816 4.959  60.478  -1.195 0.195  3.143 4.913  1.799  
60.686  9  AA_A2657C2658:G2663G2664_AA A 2657 ? A 2664 ? A 2658 ? A 2663 ? 
1 A C 12 1_555 A G 17 1_555 A G 13 1_555 A A 16 1_555 -3.036 -1.156 3.386 -3.711 15.028 43.049  -2.834 3.583  3.076 19.734 4.873  
45.623  10 AA_C2658G2659:A2662G2663_AA A 2658 ? A 2663 ? A 2659 ? A 2662 ? 
# 
_pdbx_initial_refinement_model.id               1 
_pdbx_initial_refinement_model.entity_id_list   ? 
_pdbx_initial_refinement_model.type             'experimental model' 
_pdbx_initial_refinement_model.source_name      PDB 
_pdbx_initial_refinement_model.accession_code   483D 
_pdbx_initial_refinement_model.details          ? 
# 
_atom_sites.entry_id                    1MSY 
_atom_sites.fract_transf_matrix[1][1]   0.01045781 
_atom_sites.fract_transf_matrix[1][2]   -0.01347253 
_atom_sites.fract_transf_matrix[1][3]   0.00441082 
_atom_sites.fract_transf_matrix[2][1]   -0.01487882 
_atom_sites.fract_transf_matrix[2][2]   0.00212076 
_atom_sites.fract_transf_matrix[2][3]   0.04175454 
_atom_sites.fract_transf_matrix[3][1]   -0.01040619 
_atom_sites.fract_transf_matrix[3][2]   -0.01370289 
_atom_sites.fract_transf_matrix[3][3]   -0.00301216 
_atom_sites.fract_transf_vector[1]      0.266301 
_atom_sites.fract_transf_vector[2]      0.830189 
_atom_sites.fract_transf_vector[3]      0.220546 
# 
loop_
_atom_type.symbol 
C 
N 
O 
P 
# 
loop_
_atom_site.group_PDB 
_atom_site.id 
_atom_site.type_symbol 
_atom_site.label_atom_id 
_atom_site.label_alt_id 
_atom_site.label_comp_id 
_atom_site.label_asym_id 
_atom_site.label_entity_id 
_atom_site.label_seq_id 
_atom_site.pdbx_PDB_ins_code 
_atom_site.Cartn_x 
_atom_site.Cartn_y 
_atom_site.Cartn_z 
_atom_site.occupancy 
_atom_site.B_iso_or_equiv 
_atom_site.pdbx_formal_charge 
_atom_site.auth_seq_id 
_atom_site.auth_comp_id 
_atom_site.auth_asym_id 
_atom_site.auth_atom_id 
_atom_site.pdbx_PDB_model_num 
ATOM   1   O "O5'" . U   A 1 1  ? -2.030  -15.962 -3.174  0.50 22.26 ? 2647 U   A "O5'" 1 
ATOM   2   C "C5'" . U   A 1 1  ? -1.868  -16.976 -2.152  0.50 21.79 ? 2647 U   A "C5'" 1 
ATOM   3   C "C4'" . U   A 1 1  ? -3.214  -17.522 -1.784  0.50 21.61 ? 2647 U   A "C4'" 1 
ATOM   4   O "O4'" . U   A 1 1  ? -3.180  -18.797 -1.092  0.50 21.49 ? 2647 U   A "O4'" 1 
ATOM   5   C "C3'" . U   A 1 1  ? -4.094  -16.642 -0.897  0.50 21.47 ? 2647 U   A "C3'" 1 
ATOM   6   O "O3'" . U   A 1 1  ? -4.561  -15.523 -1.608  0.50 21.48 ? 2647 U   A "O3'" 1 
ATOM   7   C "C2'" . U   A 1 1  ? -5.205  -17.654 -0.600  0.50 21.43 ? 2647 U   A "C2'" 1 
ATOM   8   O "O2'" . U   A 1 1  ? -5.996  -17.939 -1.742  0.50 21.37 ? 2647 U   A "O2'" 1 
ATOM   9   C "C1'" . U   A 1 1  ? -4.335  -18.875 -0.254  0.50 21.37 ? 2647 U   A "C1'" 1 
ATOM   10  N N1    . U   A 1 1  ? -3.847  -18.824 1.134   0.50 21.16 ? 2647 U   A N1    1 
ATOM   11  C C2    . U   A 1 1  ? -4.768  -18.892 2.163   0.50 21.05 ? 2647 U   A C2    1 
ATOM   12  O O2    . U   A 1 1  ? -5.975  -18.981 1.999   0.50 20.84 ? 2647 U   A O2    1 
ATOM   13  N N3    . U   A 1 1  ? -4.226  -18.831 3.423   0.50 20.92 ? 2647 U   A N3    1 
ATOM   14  C C4    . U   A 1 1  ? -2.892  -18.724 3.754   0.50 20.92 ? 2647 U   A C4    1 
ATOM   15  O O4    . U   A 1 1  ? -2.573  -18.697 4.943   0.50 20.79 ? 2647 U   A O4    1 
ATOM   16  C C5    . U   A 1 1  ? -2.012  -18.631 2.634   0.50 20.97 ? 2647 U   A C5    1 
ATOM   17  C C6    . U   A 1 1  ? -2.498  -18.723 1.390   0.50 21.10 ? 2647 U   A C6    1 
ATOM   18  P P     . G   A 1 2  ? -4.480  -14.008 -1.134  0.50 21.26 ? 2648 G   A P     1 
ATOM   19  O OP1   . G   A 1 2  ? -5.006  -13.198 -2.280  0.50 21.63 ? 2648 G   A OP1   1 
ATOM   20  O OP2   . G   A 1 2  ? -3.172  -13.712 -0.527  0.50 21.41 ? 2648 G   A OP2   1 
ATOM   21  O "O5'" . G   A 1 2  ? -5.566  -13.859 0.019   0.50 20.66 ? 2648 G   A "O5'" 1 
ATOM   22  C "C5'" . G   A 1 2  ? -6.761  -14.638 -0.101  1.00 20.59 ? 2648 G   A "C5'" 1 
ATOM   23  C "C4'" . G   A 1 2  ? -7.439  -14.718 1.231   1.00 19.94 ? 2648 G   A "C4'" 1 
ATOM   24  O "O4'" . G   A 1 2  ? -6.853  -15.829 1.963   1.00 19.57 ? 2648 G   A "O4'" 1 
ATOM   25  C "C3'" . G   A 1 2  ? -7.273  -13.499 2.137   1.00 19.77 ? 2648 G   A "C3'" 1 
ATOM   26  O "O3'" . G   A 1 2  ? -8.367  -12.601 1.904   1.00 20.00 ? 2648 G   A "O3'" 1 
ATOM   27  C "C2'" . G   A 1 2  ? -7.470  -14.148 3.514   1.00 19.43 ? 2648 G   A "C2'" 1 
ATOM   28  O "O2'" . G   A 1 2  ? -8.846  -14.447 3.739   1.00 20.91 ? 2648 G   A "O2'" 1 
ATOM   29  C "C1'" . G   A 1 2  ? -6.724  -15.467 3.315   1.00 19.24 ? 2648 G   A "C1'" 1 
ATOM   30  N N9    . G   A 1 2  ? -5.305  -15.452 3.629   1.00 18.28 ? 2648 G   A N9    1 
ATOM   31  C C8    . G   A 1 2  ? -4.231  -15.507 2.781   1.00 18.03 ? 2648 G   A C8    1 
ATOM   32  N N7    . G   A 1 2  ? -3.086  -15.485 3.406   1.00 17.73 ? 2648 G   A N7    1 
ATOM   33  C C5    . G   A 1 2  ? -3.438  -15.405 4.751   1.00 17.54 ? 2648 G   A C5    1 
ATOM   34  C C6    . G   A 1 2  ? -2.647  -15.338 5.919   1.00 17.29 ? 2648 G   A C6    1 
ATOM   35  O O6    . G   A 1 2  ? -1.376  -15.342 5.973   1.00 17.00 ? 2648 G   A O6    1 
ATOM   36  N N1    . G   A 1 2  ? -3.384  -15.255 7.089   1.00 17.26 ? 2648 G   A N1    1 
ATOM   37  C C2    . G   A 1 2  ? -4.766  -15.244 7.118   1.00 17.35 ? 2648 G   A C2    1 
ATOM   38  N N2    . G   A 1 2  ? -5.353  -15.166 8.316   1.00 17.27 ? 2648 G   A N2    1 
ATOM   39  N N3    . G   A 1 2  ? -5.523  -15.293 6.036   1.00 17.51 ? 2648 G   A N3    1 
ATOM   40  C C4    . G   A 1 2  ? -4.797  -15.379 4.909   1.00 17.73 ? 2648 G   A C4    1 
ATOM   41  P P     . C   A 1 3  ? -8.021  -11.036 1.998   1.00 20.03 ? 2649 C   A P     1 
ATOM   42  O OP1   . C   A 1 3  ? -9.292  -10.373 1.582   1.00 21.05 ? 2649 C   A OP1   1 
ATOM   43  O OP2   . C   A 1 3  ? -6.771  -10.788 1.270   1.00 20.59 ? 2649 C   A OP2   1 
ATOM   44  O "O5'" . C   A 1 3  ? -7.825  -10.752 3.552   1.00 19.71 ? 2649 C   A "O5'" 1 
ATOM   45  C "C5'" . C   A 1 3  ? -8.901  -11.036 4.467   1.00 19.27 ? 2649 C   A "C5'" 1 
ATOM   46  C "C4'" . C   A 1 3  ? -8.384  -10.991 5.881   1.00 18.76 ? 2649 C   A "C4'" 1 
ATOM   47  O "O4'" . C   A 1 3  ? -7.475  -12.120 6.108   1.00 18.50 ? 2649 C   A "O4'" 1 
ATOM   48  C "C3'" . C   A 1 3  ? -7.527  -9.759  6.213   1.00 18.33 ? 2649 C   A "C3'" 1 
ATOM   49  O "O3'" . C   A 1 3  ? -8.279  -8.629  6.576   1.00 17.77 ? 2649 C   A "O3'" 1 
ATOM   50  C "C2'" . C   A 1 3  ? -6.736  -10.283 7.416   1.00 18.31 ? 2649 C   A "C2'" 1 
ATOM   51  O "O2'" . C   A 1 3  ? -7.503  -10.280 8.604   1.00 18.92 ? 2649 C   A "O2'" 1 
ATOM   52  C "C1'" . C   A 1 3  ? -6.433  -11.718 6.979   1.00 18.22 ? 2649 C   A "C1'" 1 
ATOM   53  N N1    . C   A 1 3  ? -5.144  -11.853 6.308   1.00 17.67 ? 2649 C   A N1    1 
ATOM   54  C C2    . C   A 1 3  ? -3.986  -11.911 7.108   1.00 17.52 ? 2649 C   A C2    1 
ATOM   55  O O2    . C   A 1 3  ? -4.146  -11.818 8.331   1.00 17.56 ? 2649 C   A O2    1 
ATOM   56  N N3    . C   A 1 3  ? -2.763  -12.042 6.552   1.00 17.23 ? 2649 C   A N3    1 
ATOM   57  C C4    . C   A 1 3  ? -2.655  -12.116 5.224   1.00 17.23 ? 2649 C   A C4    1 
ATOM   58  N N4    . C   A 1 3  ? -1.422  -12.295 4.718   1.00 16.83 ? 2649 C   A N4    1 
ATOM   59  C C5    . C   A 1 3  ? -3.808  -12.031 4.375   1.00 17.33 ? 2649 C   A C5    1 
ATOM   60  C C6    . C   A 1 3  ? -5.004  -11.870 4.950   1.00 17.55 ? 2649 C   A C6    1 
ATOM   61  P P     . U   A 1 4  ? -7.771  -7.148  6.200   1.00 17.08 ? 2650 U   A P     1 
ATOM   62  O OP1   . U   A 1 4  ? -8.859  -6.208  6.434   1.00 18.75 ? 2650 U   A OP1   1 
ATOM   63  O OP2   . U   A 1 4  ? -6.977  -7.158  4.929   1.00 18.08 ? 2650 U   A OP2   1 
ATOM   64  O "O5'" . U   A 1 4  ? -6.615  -6.866  7.288   1.00 15.46 ? 2650 U   A "O5'" 1 
ATOM   65  C "C5'" . U   A 1 4  ? -6.867  -6.780  8.695   1.00 14.27 ? 2650 U   A "C5'" 1 
ATOM   66  C "C4'" . U   A 1 4  ? -5.540  -6.905  9.411   1.00 13.00 ? 2650 U   A "C4'" 1 
ATOM   67  O "O4'" . U   A 1 4  ? -4.876  -8.116  8.970   1.00 12.38 ? 2650 U   A "O4'" 1 
ATOM   68  C "C3'" . U   A 1 4  ? -4.481  -5.842  9.094   1.00 11.95 ? 2650 U   A "C3'" 1 
ATOM   69  O "O3'" . U   A 1 4  ? -4.759  -4.651  9.828   1.00 10.84 ? 2650 U   A "O3'" 1 
ATOM   70  C "C2'" . U   A 1 4  ? -3.219  -6.549  9.614   1.00 11.48 ? 2650 U   A "C2'" 1 
ATOM   71  O "O2'" . U   A 1 4  ? -3.197  -6.591  11.052  1.00 11.59 ? 2650 U   A "O2'" 1 
ATOM   72  C "C1'" . U   A 1 4  ? -3.472  -7.966  9.106   1.00 11.50 ? 2650 U   A "C1'" 1 
ATOM   73  N N1    . U   A 1 4  ? -2.903  -8.290  7.796   1.00 11.18 ? 2650 U   A N1    1 
ATOM   74  C C2    . U   A 1 4  ? -1.536  -8.481  7.748   1.00 10.76 ? 2650 U   A C2    1 
ATOM   75  O O2    . U   A 1 4  ? -0.835  -8.333  8.734   1.00 10.43 ? 2650 U   A O2    1 
ATOM   76  N N3    . U   A 1 4  ? -1.025  -8.806  6.526   1.00 10.49 ? 2650 U   A N3    1 
ATOM   77  C C4    . U   A 1 4  ? -1.740  -8.932  5.348   1.00 10.69 ? 2650 U   A C4    1 
ATOM   78  O O4    . U   A 1 4  ? -1.090  -9.245  4.339   1.00 10.61 ? 2650 U   A O4    1 
ATOM   79  C C5    . U   A 1 4  ? -3.131  -8.654  5.469   1.00 11.02 ? 2650 U   A C5    1 
ATOM   80  C C6    . U   A 1 4  ? -3.685  -8.349  6.656   1.00 11.29 ? 2650 U   A C6    1 
ATOM   81  P P     . C   A 1 5  ? -4.232  -3.245  9.258   1.00 10.08 ? 2651 C   A P     1 
ATOM   82  O OP1   . C   A 1 5  ? -4.821  -2.207  10.150  1.00 10.38 ? 2651 C   A OP1   1 
ATOM   83  O OP2   . C   A 1 5  ? -4.422  -3.179  7.805   1.00 10.93 ? 2651 C   A OP2   1 
ATOM   84  O "O5'" . C   A 1 5  ? -2.644  -3.261  9.511   1.00 9.28  ? 2651 C   A "O5'" 1 
ATOM   85  C "C5'" . C   A 1 5  ? -2.169  -3.338  10.881  1.00 8.73  ? 2651 C   A "C5'" 1 
ATOM   86  C "C4'" . C   A 1 5  ? -0.660  -3.497  10.936  1.00 8.41  ? 2651 C   A "C4'" 1 
ATOM   87  O "O4'" . C   A 1 5  ? -0.350  -4.800  10.357  1.00 8.09  ? 2651 C   A "O4'" 1 
ATOM   88  C "C3'" . C   A 1 5  ? 0.133   -2.542  10.007  1.00 8.49  ? 2651 C   A "C3'" 1 
ATOM   89  O "O3'" . C   A 1 5  ? 0.337   -1.287  10.632  1.00 8.87  ? 2651 C   A "O3'" 1 
ATOM   90  C "C2'" . C   A 1 5  ? 1.465   -3.312  9.917   1.00 8.16  ? 2651 C   A "C2'" 1 
ATOM   91  O "O2'" . C   A 1 5  ? 2.142   -3.312  11.161  1.00 8.41  ? 2651 C   A "O2'" 1 
ATOM   92  C "C1'" . C   A 1 5  ? 0.895   -4.705  9.671   1.00 8.08  ? 2651 C   A "C1'" 1 
ATOM   93  N N1    . C   A 1 5  ? 0.687   -5.071  8.278   1.00 8.03  ? 2651 C   A N1    1 
ATOM   94  C C2    . C   A 1 5  ? 1.814   -5.479  7.544   1.00 7.99  ? 2651 C   A C2    1 
ATOM   95  O O2    . C   A 1 5  ? 2.937   -5.430  8.080   1.00 8.31  ? 2651 C   A O2    1 
ATOM   96  N N3    . C   A 1 5  ? 1.685   -5.877  6.245   1.00 8.08  ? 2651 C   A N3    1 
ATOM   97  C C4    . C   A 1 5  ? 0.487   -5.781  5.662   1.00 7.87  ? 2651 C   A C4    1 
ATOM   98  N N4    . C   A 1 5  ? 0.390   -6.296  4.426   1.00 7.90  ? 2651 C   A N4    1 
ATOM   99  C C5    . C   A 1 5  ? -0.667  -5.314  6.359   1.00 7.95  ? 2651 C   A C5    1 
ATOM   100 C C6    . C   A 1 5  ? -0.512  -4.928  7.641   1.00 7.94  ? 2651 C   A C6    1 
ATOM   101 P P     . C   A 1 6  ? 0.555   -0.001  9.677   1.00 9.23  ? 2652 C   A P     1 
ATOM   102 O OP1   . C   A 1 6  ? 0.560   1.147   10.619  1.00 10.83 ? 2652 C   A OP1   1 
ATOM   103 O OP2   . C   A 1 6  ? -0.355  -0.061  8.512   1.00 10.34 ? 2652 C   A OP2   1 
ATOM   104 O "O5'" . C   A 1 6  ? 2.011   -0.246  9.072   1.00 9.07  ? 2652 C   A "O5'" 1 
ATOM   105 C "C5'" . C   A 1 6  ? 3.174   -0.185  9.937   1.00 8.65  ? 2652 C   A "C5'" 1 
ATOM   106 C "C4'" . C   A 1 6  ? 4.405   -0.569  9.141   1.00 8.36  ? 2652 C   A "C4'" 1 
ATOM   107 O "O4'" . C   A 1 6  ? 4.229   -1.892  8.532   1.00 8.23  ? 2652 C   A "O4'" 1 
ATOM   108 C "C3'" . C   A 1 6  ? 4.625   0.330   7.927   1.00 8.13  ? 2652 C   A "C3'" 1 
ATOM   109 O "O3'" . C   A 1 6  ? 5.188   1.569   8.311   1.00 8.05  ? 2652 C   A "O3'" 1 
ATOM   110 C "C2'" . C   A 1 6  ? 5.609   -0.538  7.106   1.00 8.19  ? 2652 C   A "C2'" 1 
ATOM   111 O "O2'" . C   A 1 6  ? 6.877   -0.593  7.788   1.00 8.30  ? 2652 C   A "O2'" 1 
ATOM   112 C "C1'" . C   A 1 6  ? 4.914   -1.878  7.279   1.00 8.18  ? 2652 C   A "C1'" 1 
ATOM   113 N N1    . C   A 1 6  ? 4.004   -2.286  6.211   1.00 8.08  ? 2652 C   A N1    1 
ATOM   114 C C2    . C   A 1 6  ? 4.579   -2.766  5.027   1.00 8.29  ? 2652 C   A C2    1 
ATOM   115 O O2    . C   A 1 6  ? 5.825   -2.749  4.976   1.00 8.62  ? 2652 C   A O2    1 
ATOM   116 N N3    . C   A 1 6  ? 3.825   -3.159  3.971   1.00 8.43  ? 2652 C   A N3    1 
ATOM   117 C C4    . C   A 1 6  ? 2.503   -3.134  4.111   1.00 8.35  ? 2652 C   A C4    1 
ATOM   118 N N4    . C   A 1 6  ? 1.781   -3.618  3.084   1.00 8.63  ? 2652 C   A N4    1 
ATOM   119 C C5    . C   A 1 6  ? 1.868   -2.567  5.271   1.00 8.15  ? 2652 C   A C5    1 
ATOM   120 C C6    . C   A 1 6  ? 2.649   -2.155  6.281   1.00 8.03  ? 2652 C   A C6    1 
ATOM   121 P P     . U   A 1 7  ? 4.944   2.869   7.399   1.00 8.24  ? 2653 U   A P     1 
ATOM   122 O OP1   . U   A 1 7  ? 5.618   3.977   8.093   1.00 9.46  ? 2653 U   A OP1   1 
ATOM   123 O OP2   . U   A 1 7  ? 3.520   3.005   7.069   1.00 8.49  ? 2653 U   A OP2   1 
ATOM   124 O "O5'" . U   A 1 7  ? 5.725   2.564   6.049   1.00 8.35  ? 2653 U   A "O5'" 1 
ATOM   125 C "C5'" . U   A 1 7  ? 7.157   2.360   6.036   1.00 8.65  ? 2653 U   A "C5'" 1 
ATOM   126 C "C4'" . U   A 1 7  ? 7.548   1.789   4.685   1.00 8.60  ? 2653 U   A "C4'" 1 
ATOM   127 O "O4'" . U   A 1 7  ? 6.845   0.545   4.417   1.00 8.52  ? 2653 U   A "O4'" 1 
ATOM   128 C "C3'" . U   A 1 7  ? 7.107   2.645   3.471   1.00 8.75  ? 2653 U   A "C3'" 1 
ATOM   129 O "O3'" . U   A 1 7  ? 8.081   3.675   3.304   1.00 9.26  ? 2653 U   A "O3'" 1 
ATOM   130 C "C2'" . U   A 1 7  ? 7.191   1.607   2.356   1.00 8.68  ? 2653 U   A "C2'" 1 
ATOM   131 O "O2'" . U   A 1 7  ? 8.533   1.300   1.974   1.00 9.44  ? 2653 U   A "O2'" 1 
ATOM   132 C "C1'" . U   A 1 7  ? 6.577   0.384   3.038   1.00 8.43  ? 2653 U   A "C1'" 1 
ATOM   133 N N1    . U   A 1 7  ? 5.121   0.245   2.890   1.00 8.22  ? 2653 U   A N1    1 
ATOM   134 C C2    . U   A 1 7  ? 4.662   -0.506  1.815   1.00 8.34  ? 2653 U   A C2    1 
ATOM   135 O O2    . U   A 1 7  ? 5.409   -1.011  0.995   1.00 8.78  ? 2653 U   A O2    1 
ATOM   136 N N3    . U   A 1 7  ? 3.311   -0.638  1.686   1.00 8.34  ? 2653 U   A N3    1 
ATOM   137 C C4    . U   A 1 7  ? 2.366   -0.093  2.535   1.00 8.36  ? 2653 U   A C4    1 
ATOM   138 O O4    . U   A 1 7  ? 1.168   -0.283  2.279   1.00 8.59  ? 2653 U   A O4    1 
ATOM   139 C C5    . U   A 1 7  ? 2.910   0.684   3.604   1.00 8.24  ? 2653 U   A C5    1 
ATOM   140 C C6    . U   A 1 7  ? 4.233   0.849   3.749   1.00 8.18  ? 2653 U   A C6    1 
ATOM   141 P P     . A   A 1 8  ? 7.636   5.102   2.700   1.00 9.45  ? 2654 A   A P     1 
ATOM   142 O OP1   . A   A 1 8  ? 7.065   4.937   1.346   1.00 9.66  ? 2654 A   A OP1   1 
ATOM   143 O OP2   . A   A 1 8  ? 8.811   6.007   2.809   1.00 10.44 ? 2654 A   A OP2   1 
ATOM   144 O "O5'" . A   A 1 8  ? 6.466   5.501   3.710   1.00 9.24  ? 2654 A   A "O5'" 1 
ATOM   145 C "C5'" . A   A 1 8  ? 5.977   6.850   3.752   1.00 9.31  ? 2654 A   A "C5'" 1 
ATOM   146 C "C4'" . A   A 1 8  ? 4.477   6.876   3.755   1.00 9.24  ? 2654 A   A "C4'" 1 
ATOM   147 O "O4'" . A   A 1 8  ? 3.981   6.239   2.537   1.00 9.06  ? 2654 A   A "O4'" 1 
ATOM   148 C "C3'" . A   A 1 8  ? 3.851   6.077   4.911   1.00 9.41  ? 2654 A   A "C3'" 1 
ATOM   149 O "O3'" . A   A 1 8  ? 2.605   6.728   5.242   1.00 10.56 ? 2654 A   A "O3'" 1 
ATOM   150 C "C2'" . A   A 1 8  ? 3.474   4.758   4.222   1.00 8.96  ? 2654 A   A "C2'" 1 
ATOM   151 O "O2'" . A   A 1 8  ? 2.457   4.082   4.927   1.00 8.75  ? 2654 A   A "O2'" 1 
ATOM   152 C "C1'" . A   A 1 8  ? 2.982   5.281   2.857   1.00 8.89  ? 2654 A   A "C1'" 1 
ATOM   153 N N9    . A   A 1 8  ? 3.046   4.221   1.828   1.00 8.44  ? 2654 A   A N9    1 
ATOM   154 C C8    . A   A 1 8  ? 4.172   3.740   1.226   1.00 8.22  ? 2654 A   A C8    1 
ATOM   155 N N7    . A   A 1 8  ? 3.887   2.792   0.364   1.00 8.13  ? 2654 A   A N7    1 
ATOM   156 C C5    . A   A 1 8  ? 2.506   2.628   0.417   1.00 8.19  ? 2654 A   A C5    1 
ATOM   157 C C6    . A   A 1 8  ? 1.615   1.769   -0.252  1.00 8.31  ? 2654 A   A C6    1 
ATOM   158 N N6    . A   A 1 8  ? 1.944   0.844   -1.164  1.00 8.25  ? 2654 A   A N6    1 
ATOM   159 N N1    . A   A 1 8  ? 0.296   1.891   0.050   1.00 8.53  ? 2654 A   A N1    1 
ATOM   160 C C2    . A   A 1 8  ? -0.100  2.793   0.960   1.00 8.47  ? 2654 A   A C2    1 
ATOM   161 N N3    . A   A 1 8  ? 0.686   3.641   1.643   1.00 8.50  ? 2654 A   A N3    1 
ATOM   162 C C4    . A   A 1 8  ? 1.982   3.514   1.323   1.00 8.35  ? 2654 A   A C4    1 
ATOM   163 P P     . G   A 1 9  ? 2.550   7.750   6.482   1.00 11.36 ? 2655 G   A P     1 
ATOM   164 O OP1   . G   A 1 9  ? 3.723   8.631   6.472   1.00 12.05 ? 2655 G   A OP1   1 
ATOM   165 O OP2   . G   A 1 9  ? 2.202   7.006   7.711   1.00 12.96 ? 2655 G   A OP2   1 
ATOM   166 O "O5'" . G   A 1 9  ? 1.196   8.517   6.085   1.00 11.60 ? 2655 G   A "O5'" 1 
ATOM   167 C "C5'" . G   A 1 9  ? 1.165   9.750   5.378   1.00 11.29 ? 2655 G   A "C5'" 1 
ATOM   168 C "C4'" . G   A 1 9  ? 1.071   9.431   3.892   1.00 10.95 ? 2655 G   A "C4'" 1 
ATOM   169 O "O4'" . G   A 1 9  ? -0.190  8.753   3.616   1.00 11.09 ? 2655 G   A "O4'" 1 
ATOM   170 C "C3'" . G   A 1 9  ? 1.017   10.733  3.080   1.00 10.77 ? 2655 G   A "C3'" 1 
ATOM   171 O "O3'" . G   A 1 9  ? 1.637   10.437  1.836   1.00 10.36 ? 2655 G   A "O3'" 1 
ATOM   172 C "C2'" . G   A 1 9  ? -0.498  10.912  2.908   1.00 10.93 ? 2655 G   A "C2'" 1 
ATOM   173 O "O2'" . G   A 1 9  ? -0.778  11.792  1.832   1.00 11.39 ? 2655 G   A "O2'" 1 
ATOM   174 C "C1'" . G   A 1 9  ? -0.853  9.467   2.555   1.00 10.88 ? 2655 G   A "C1'" 1 
ATOM   175 N N9    . G   A 1 9  ? -2.269  9.098   2.578   1.00 11.02 ? 2655 G   A N9    1 
ATOM   176 C C8    . G   A 1 9  ? -3.308  9.641   3.285   1.00 11.43 ? 2655 G   A C8    1 
ATOM   177 N N7    . G   A 1 9  ? -4.467  9.052   3.039   1.00 11.53 ? 2655 G   A N7    1 
ATOM   178 C C5    . G   A 1 9  ? -4.164  8.057   2.121   1.00 11.14 ? 2655 G   A C5    1 
ATOM   179 C C6    . G   A 1 9  ? -4.971  7.085   1.476   1.00 11.17 ? 2655 G   A C6    1 
ATOM   180 O O6    . G   A 1 9  ? -6.232  6.900   1.611   1.00 12.50 ? 2655 G   A O6    1 
ATOM   181 N N1    . G   A 1 9  ? -4.258  6.264   0.589   1.00 10.75 ? 2655 G   A N1    1 
ATOM   182 C C2    . G   A 1 9  ? -2.909  6.402   0.389   1.00 10.51 ? 2655 G   A C2    1 
ATOM   183 N N2    . G   A 1 9  ? -2.308  5.565   -0.486  1.00 10.24 ? 2655 G   A N2    1 
ATOM   184 N N3    . G   A 1 9  ? -2.146  7.309   0.986   1.00 10.52 ? 2655 G   A N3    1 
ATOM   185 C C4    . G   A 1 9  ? -2.823  8.089   1.831   1.00 10.82 ? 2655 G   A C4    1 
ATOM   186 P P     . U   A 1 10 ? 2.063   11.581  0.807   1.00 10.55 ? 2656 U   A P     1 
ATOM   187 O OP1   . U   A 1 10 ? 2.279   12.840  1.562   1.00 11.06 ? 2656 U   A OP1   1 
ATOM   188 O OP2   . U   A 1 10 ? 1.145   11.531  -0.354  1.00 11.09 ? 2656 U   A OP2   1 
ATOM   189 O "O5'" . U   A 1 10 ? 3.441   11.007  0.268   1.00 10.41 ? 2656 U   A "O5'" 1 
ATOM   190 C "C5'" . U   A 1 10 ? 4.614   11.020  1.133   1.00 10.08 ? 2656 U   A "C5'" 1 
ATOM   191 C "C4'" . U   A 1 10 ? 5.545   9.959   0.588   1.00 9.84  ? 2656 U   A "C4'" 1 
ATOM   192 O "O4'" . U   A 1 10 ? 5.108   8.643   1.026   1.00 9.37  ? 2656 U   A "O4'" 1 
ATOM   193 C "C3'" . U   A 1 10 ? 5.602   9.836   -0.934  1.00 9.78  ? 2656 U   A "C3'" 1 
ATOM   194 O "O3'" . U   A 1 10 ? 6.671   10.690  -1.405  1.00 10.40 ? 2656 U   A "O3'" 1 
ATOM   195 C "C2'" . U   A 1 10 ? 6.019   8.372   -1.118  1.00 9.48  ? 2656 U   A "C2'" 1 
ATOM   196 O "O2'" . U   A 1 10 ? 7.394   8.140   -0.804  1.00 10.14 ? 2656 U   A "O2'" 1 
ATOM   197 C "C1'" . U   A 1 10 ? 5.205   7.718   -0.028  1.00 9.27  ? 2656 U   A "C1'" 1 
ATOM   198 N N1    . U   A 1 10 ? 3.878   7.192   -0.319  1.00 8.62  ? 2656 U   A N1    1 
ATOM   199 C C2    . U   A 1 10 ? 3.819   6.167   -1.249  1.00 8.44  ? 2656 U   A C2    1 
ATOM   200 O O2    . U   A 1 10 ? 4.826   5.697   -1.768  1.00 8.51  ? 2656 U   A O2    1 
ATOM   201 N N3    . U   A 1 10 ? 2.577   5.673   -1.478  1.00 8.18  ? 2656 U   A N3    1 
ATOM   202 C C4    . U   A 1 10 ? 1.400   6.115   -0.930  1.00 8.23  ? 2656 U   A C4    1 
ATOM   203 O O4    . U   A 1 10 ? 0.346   5.536   -1.220  1.00 8.40  ? 2656 U   A O4    1 
ATOM   204 C C5    . U   A 1 10 ? 1.537   7.154   0.040   1.00 8.18  ? 2656 U   A C5    1 
ATOM   205 C C6    . U   A 1 10 ? 2.736   7.701   0.268   1.00 8.40  ? 2656 U   A C6    1 
ATOM   206 P P     . A   A 1 11 ? 6.463   11.519  -2.754  1.00 10.65 ? 2657 A   A P     1 
ATOM   207 O OP1   . A   A 1 11 ? 7.725   12.283  -2.985  1.00 11.48 ? 2657 A   A OP1   1 
ATOM   208 O OP2   . A   A 1 11 ? 5.162   12.211  -2.778  1.00 10.90 ? 2657 A   A OP2   1 
ATOM   209 O "O5'" . A   A 1 11 ? 6.362   10.346  -3.853  1.00 10.06 ? 2657 A   A "O5'" 1 
ATOM   210 C "C5'" . A   A 1 11 ? 7.564   9.571   -4.141  1.00 10.13 ? 2657 A   A "C5'" 1 
ATOM   211 C "C4'" . A   A 1 11 ? 7.188   8.450   -5.095  1.00 9.99  ? 2657 A   A "C4'" 1 
ATOM   212 O "O4'" . A   A 1 11 ? 6.216   7.577   -4.440  1.00 9.83  ? 2657 A   A "O4'" 1 
ATOM   213 C "C3'" . A   A 1 11 ? 6.397   8.917   -6.319  1.00 9.89  ? 2657 A   A "C3'" 1 
ATOM   214 O "O3'" . A   A 1 11 ? 7.285   9.387   -7.324  1.00 9.95  ? 2657 A   A "O3'" 1 
ATOM   215 C "C2'" . A   A 1 11 ? 5.772   7.591   -6.782  1.00 9.87  ? 2657 A   A "C2'" 1 
ATOM   216 O "O2'" . A   A 1 11 ? 6.770   6.751   -7.372  1.00 10.96 ? 2657 A   A "O2'" 1 
ATOM   217 C "C1'" . A   A 1 11 ? 5.409   6.969   -5.439  1.00 9.69  ? 2657 A   A "C1'" 1 
ATOM   218 N N9    . A   A 1 11 ? 4.008   7.154   -5.054  1.00 9.16  ? 2657 A   A N9    1 
ATOM   219 C C8    . A   A 1 11 ? 3.454   7.919   -4.069  1.00 8.94  ? 2657 A   A C8    1 
ATOM   220 N N7    . A   A 1 11 ? 2.141   7.856   -4.031  1.00 8.79  ? 2657 A   A N7    1 
ATOM   221 C C5    . A   A 1 11 ? 1.808   6.977   -5.058  1.00 8.82  ? 2657 A   A C5    1 
ATOM   222 C C6    . A   A 1 11 ? 0.566   6.493   -5.518  1.00 8.78  ? 2657 A   A C6    1 
ATOM   223 N N6    . A   A 1 11 ? -0.581  6.839   -4.924  1.00 8.43  ? 2657 A   A N6    1 
ATOM   224 N N1    . A   A 1 11 ? 0.552   5.640   -6.569  1.00 8.88  ? 2657 A   A N1    1 
ATOM   225 C C2    . A   A 1 11 ? 1.749   5.340   -7.069  1.00 9.02  ? 2657 A   A C2    1 
ATOM   226 N N3    . A   A 1 11 ? 2.995   5.724   -6.743  1.00 9.17  ? 2657 A   A N3    1 
ATOM   227 C C4    . A   A 1 11 ? 2.950   6.547   -5.690  1.00 9.02  ? 2657 A   A C4    1 
ATOM   228 P P     . C   A 1 12 ? 6.814   10.614  -8.230  1.00 10.05 ? 2658 C   A P     1 
ATOM   229 O OP1   . C   A 1 12 ? 7.899   10.819  -9.220  1.00 10.73 ? 2658 C   A OP1   1 
ATOM   230 O OP2   . C   A 1 12 ? 6.373   11.753  -7.396  1.00 10.35 ? 2658 C   A OP2   1 
ATOM   231 O "O5'" . C   A 1 12 ? 5.509   10.069  -8.962  1.00 9.63  ? 2658 C   A "O5'" 1 
ATOM   232 C "C5'" . C   A 1 12 ? 5.607   9.086   -10.004 1.00 9.54  ? 2658 C   A "C5'" 1 
ATOM   233 C "C4'" . C   A 1 12 ? 4.203   8.641   -10.372 1.00 9.37  ? 2658 C   A "C4'" 1 
ATOM   234 O "O4'" . C   A 1 12 ? 3.544   8.062   -9.207  1.00 8.97  ? 2658 C   A "O4'" 1 
ATOM   235 C "C3'" . C   A 1 12 ? 3.260   9.814   -10.677 1.00 9.29  ? 2658 C   A "C3'" 1 
ATOM   236 O "O3'" . C   A 1 12 ? 3.496   10.151  -12.060 1.00 9.66  ? 2658 C   A "O3'" 1 
ATOM   237 C "C2'" . C   A 1 12 ? 1.913   9.103   -10.524 1.00 8.93  ? 2658 C   A "C2'" 1 
ATOM   238 O "O2'" . C   A 1 12 ? 1.664   8.141   -11.546 1.00 9.73  ? 2658 C   A "O2'" 1 
ATOM   239 C "C1'" . C   A 1 12 ? 2.146   8.302   -9.230  1.00 8.74  ? 2658 C   A "C1'" 1 
ATOM   240 N N1    . C   A 1 12 ? 1.799   9.114   -8.041  1.00 8.36  ? 2658 C   A N1    1 
ATOM   241 C C2    . C   A 1 12 ? 0.452   9.207   -7.697  1.00 8.21  ? 2658 C   A C2    1 
ATOM   242 O O2    . C   A 1 12 ? -0.348  8.632   -8.462  1.00 8.53  ? 2658 C   A O2    1 
ATOM   243 N N3    . C   A 1 12 ? 0.073   9.916   -6.617  1.00 7.91  ? 2658 C   A N3    1 
ATOM   244 C C4    . C   A 1 12 ? 0.988   10.574  -5.899  1.00 7.87  ? 2658 C   A C4    1 
ATOM   245 N N4    . C   A 1 12 ? 0.563   11.242  -4.820  1.00 7.74  ? 2658 C   A N4    1 
ATOM   246 C C5    . C   A 1 12 ? 2.368   10.508  -6.235  1.00 8.00  ? 2658 C   A C5    1 
ATOM   247 C C6    . C   A 1 12 ? 2.742   9.789   -7.312  1.00 8.25  ? 2658 C   A C6    1 
ATOM   248 P P     . G   A 1 13 ? 3.231   11.680  -12.476 1.00 9.86  ? 2659 G   A P     1 
ATOM   249 O OP1   . G   A 1 13 ? 3.525   11.735  -13.933 1.00 11.15 ? 2659 G   A OP1   1 
ATOM   250 O OP2   . G   A 1 13 ? 3.918   12.585  -11.546 1.00 9.93  ? 2659 G   A OP2   1 
ATOM   251 O "O5'" . G   A 1 13 ? 1.677   11.860  -12.202 1.00 9.54  ? 2659 G   A "O5'" 1 
ATOM   252 C "C5'" . G   A 1 13 ? 0.742   11.217  -13.087 1.00 9.55  ? 2659 G   A "C5'" 1 
ATOM   253 C "C4'" . G   A 1 13 ? -0.673  11.551  -12.626 1.00 9.22  ? 2659 G   A "C4'" 1 
ATOM   254 O "O4'" . G   A 1 13 ? -0.852  11.002  -11.293 1.00 8.70  ? 2659 G   A "O4'" 1 
ATOM   255 C "C3'" . G   A 1 13 ? -0.920  13.050  -12.376 1.00 9.24  ? 2659 G   A "C3'" 1 
ATOM   256 O "O3'" . G   A 1 13 ? -1.170  13.669  -13.650 1.00 10.28 ? 2659 G   A "O3'" 1 
ATOM   257 C "C2'" . G   A 1 13 ? -2.175  12.928  -11.506 1.00 8.75  ? 2659 G   A "C2'" 1 
ATOM   258 O "O2'" . G   A 1 13 ? -3.357  12.761  -12.265 1.00 9.00  ? 2659 G   A "O2'" 1 
ATOM   259 C "C1'" . G   A 1 13 ? -1.869  11.696  -10.583 1.00 8.40  ? 2659 G   A "C1'" 1 
ATOM   260 N N9    . G   A 1 13 ? -1.231  12.303  -9.408  1.00 7.75  ? 2659 G   A N9    1 
ATOM   261 C C8    . G   A 1 13 ? 0.116   12.441  -9.125  1.00 7.60  ? 2659 G   A C8    1 
ATOM   262 N N7    . G   A 1 13 ? 0.306   13.094  -7.986  1.00 7.47  ? 2659 G   A N7    1 
ATOM   263 C C5    . G   A 1 13 ? -0.988  13.404  -7.558  1.00 7.41  ? 2659 G   A C5    1 
ATOM   264 C C6    . G   A 1 13 ? -1.477  14.117  -6.439  1.00 7.45  ? 2659 G   A C6    1 
ATOM   265 O O6    . G   A 1 13 ? -0.779  14.644  -5.519  1.00 8.60  ? 2659 G   A O6    1 
ATOM   266 N N1    . G   A 1 13 ? -2.852  14.218  -6.378  1.00 7.30  ? 2659 G   A N1    1 
ATOM   267 C C2    . G   A 1 13 ? -3.734  13.719  -7.309  1.00 7.24  ? 2659 G   A C2    1 
ATOM   268 N N2    . G   A 1 13 ? -5.049  13.924  -7.077  1.00 6.92  ? 2659 G   A N2    1 
ATOM   269 N N3    . G   A 1 13 ? -3.294  13.050  -8.344  1.00 7.38  ? 2659 G   A N3    1 
ATOM   270 C C4    . G   A 1 13 ? -1.942  12.932  -8.419  1.00 7.44  ? 2659 G   A C4    1 
ATOM   271 P P     . U   A 1 14 ? -0.468  15.065  -14.001 1.00 10.76 ? 2660 U   A P     1 
ATOM   272 O OP1   . U   A 1 14 ? -0.924  15.441  -15.350 1.00 11.88 ? 2660 U   A OP1   1 
ATOM   273 O OP2   . U   A 1 14 ? 1.008   15.033  -13.729 1.00 11.12 ? 2660 U   A OP2   1 
ATOM   274 O "O5'" . U   A 1 14 ? -1.142  16.018  -12.901 1.00 10.52 ? 2660 U   A "O5'" 1 
ATOM   275 C "C5'" . U   A 1 14 ? -0.665  17.336  -12.572 1.00 10.16 ? 2660 U   A "C5'" 1 
ATOM   276 C "C4'" . U   A 1 14 ? -1.865  18.255  -12.463 1.00 9.82  ? 2660 U   A "C4'" 1 
ATOM   277 O "O4'" . U   A 1 14 ? -2.500  18.324  -13.781 1.00 9.74  ? 2660 U   A "O4'" 1 
ATOM   278 C "C3'" . U   A 1 14 ? -2.980  17.771  -11.549 1.00 9.75  ? 2660 U   A "C3'" 1 
ATOM   279 O "O3'" . U   A 1 14 ? -2.710  18.245  -10.226 1.00 9.59  ? 2660 U   A "O3'" 1 
ATOM   280 C "C2'" . U   A 1 14 ? -4.212  18.486  -12.106 1.00 9.68  ? 2660 U   A "C2'" 1 
ATOM   281 O "O2'" . U   A 1 14 ? -4.331  19.817  -11.565 1.00 9.88  ? 2660 U   A "O2'" 1 
ATOM   282 C "C1'" . U   A 1 14 ? -3.877  18.591  -13.580 1.00 9.67  ? 2660 U   A "C1'" 1 
ATOM   283 N N1    . U   A 1 14 ? -4.611  17.799  -14.555 1.00 9.74  ? 2660 U   A N1    1 
ATOM   284 C C2    . U   A 1 14 ? -5.878  18.216  -14.893 1.00 9.94  ? 2660 U   A C2    1 
ATOM   285 O O2    . U   A 1 14 ? -6.367  19.176  -14.359 1.00 10.33 ? 2660 U   A O2    1 
ATOM   286 N N3    . U   A 1 14 ? -6.522  17.479  -15.828 1.00 10.24 ? 2660 U   A N3    1 
ATOM   287 C C4    . U   A 1 14 ? -6.040  16.341  -16.443 1.00 10.61 ? 2660 U   A C4    1 
ATOM   288 O O4    . U   A 1 14 ? -6.769  15.785  -17.268 1.00 11.80 ? 2660 U   A O4    1 
ATOM   289 C C5    . U   A 1 14 ? -4.736  15.941  -16.012 1.00 10.42 ? 2660 U   A C5    1 
ATOM   290 C C6    . U   A 1 14 ? -4.093  16.639  -15.077 1.00 10.08 ? 2660 U   A C6    1 
ATOM   291 P P     . A   A 1 15 ? -2.601  17.267  -8.958  1.00 8.93  ? 2661 A   A P     1 
ATOM   292 O OP1   . A   A 1 15 ? -1.833  18.104  -7.996  1.00 8.47  ? 2661 A   A OP1   1 
ATOM   293 O OP2   . A   A 1 15 ? -2.156  15.931  -9.379  1.00 8.61  ? 2661 A   A OP2   1 
ATOM   294 O "O5'" . A   A 1 15 ? -4.104  17.160  -8.448  1.00 9.46  ? 2661 A   A "O5'" 1 
ATOM   295 C "C5'" . A   A 1 15 ? -4.850  18.302  -7.942  1.00 9.62  ? 2661 A   A "C5'" 1 
ATOM   296 C "C4'" . A   A 1 15 ? -6.277  18.219  -8.462  1.00 9.56  ? 2661 A   A "C4'" 1 
ATOM   297 O "O4'" . A   A 1 15 ? -6.288  18.020  -9.904  1.00 9.32  ? 2661 A   A "O4'" 1 
ATOM   298 C "C3'" . A   A 1 15 ? -7.065  17.024  -7.928  1.00 9.73  ? 2661 A   A "C3'" 1 
ATOM   299 O "O3'" . A   A 1 15 ? -7.697  17.426  -6.727  1.00 10.07 ? 2661 A   A "O3'" 1 
ATOM   300 C "C2'" . A   A 1 15 ? -8.121  16.807  -9.006  1.00 9.44  ? 2661 A   A "C2'" 1 
ATOM   301 O "O2'" . A   A 1 15 ? -9.177  17.770  -8.934  1.00 9.84  ? 2661 A   A "O2'" 1 
ATOM   302 C "C1'" . A   A 1 15 ? -7.322  17.091  -10.240 1.00 9.26  ? 2661 A   A "C1'" 1 
ATOM   303 N N9    . A   A 1 15 ? -6.698  16.017  -11.006 1.00 9.20  ? 2661 A   A N9    1 
ATOM   304 C C8    . A   A 1 15 ? -5.556  15.298  -10.764 1.00 9.37  ? 2661 A   A C8    1 
ATOM   305 N N7    . A   A 1 15 ? -5.288  14.414  -11.698 1.00 9.58  ? 2661 A   A N7    1 
ATOM   306 C C5    . A   A 1 15 ? -6.313  14.572  -12.620 1.00 9.65  ? 2661 A   A C5    1 
ATOM   307 C C6    . A   A 1 15 ? -6.597  13.919  -13.843 1.00 10.01 ? 2661 A   A C6    1 
ATOM   308 N N6    . A   A 1 15 ? -5.839  12.957  -14.375 1.00 10.42 ? 2661 A   A N6    1 
ATOM   309 N N1    . A   A 1 15 ? -7.695  14.330  -14.482 1.00 10.09 ? 2661 A   A N1    1 
ATOM   310 C C2    . A   A 1 15 ? -8.451  15.305  -13.966 1.00 9.90  ? 2661 A   A C2    1 
ATOM   311 N N3    . A   A 1 15 ? -8.314  15.996  -12.835 1.00 9.55  ? 2661 A   A N3    1 
ATOM   312 C C4    . A   A 1 15 ? -7.189  15.548  -12.205 1.00 9.42  ? 2661 A   A C4    1 
ATOM   313 P P     . A   A 1 16 ? -7.980  16.429  -5.527  1.00 10.09 ? 2662 A   A P     1 
ATOM   314 O OP1   . A   A 1 16 ? -8.460  17.309  -4.435  1.00 10.69 ? 2662 A   A OP1   1 
ATOM   315 O OP2   . A   A 1 16 ? -6.853  15.501  -5.316  1.00 9.97  ? 2662 A   A OP2   1 
ATOM   316 O "O5'" . A   A 1 16 ? -9.215  15.549  -6.039  1.00 10.03 ? 2662 A   A "O5'" 1 
ATOM   317 C "C5'" . A   A 1 16 ? -10.499 16.144  -6.268  1.00 10.13 ? 2662 A   A "C5'" 1 
ATOM   318 C "C4'" . A   A 1 16 ? -11.305 15.155  -7.094  1.00 9.72  ? 2662 A   A "C4'" 1 
ATOM   319 O "O4'" . A   A 1 16 ? -10.656 15.013  -8.364  1.00 9.45  ? 2662 A   A "O4'" 1 
ATOM   320 C "C3'" . A   A 1 16 ? -11.340 13.745  -6.526  1.00 9.80  ? 2662 A   A "C3'" 1 
ATOM   321 O "O3'" . A   A 1 16 ? -12.461 13.668  -5.645  1.00 10.87 ? 2662 A   A "O3'" 1 
ATOM   322 C "C2'" . A   A 1 16 ? -11.513 12.875  -7.772  1.00 9.51  ? 2662 A   A "C2'" 1 
ATOM   323 O "O2'" . A   A 1 16 ? -12.856 12.753  -8.194  1.00 9.53  ? 2662 A   A "O2'" 1 
ATOM   324 C "C1'" . A   A 1 16 ? -10.731 13.688  -8.844  1.00 9.19  ? 2662 A   A "C1'" 1 
ATOM   325 N N9    . A   A 1 16 ? -9.345  13.171  -8.922  1.00 8.85  ? 2662 A   A N9    1 
ATOM   326 C C8    . A   A 1 16 ? -8.343  13.173  -7.976  1.00 8.88  ? 2662 A   A C8    1 
ATOM   327 N N7    . A   A 1 16 ? -7.228  12.627  -8.407  1.00 8.80  ? 2662 A   A N7    1 
ATOM   328 C C5    . A   A 1 16 ? -7.521  12.205  -9.694  1.00 8.60  ? 2662 A   A C5    1 
ATOM   329 C C6    . A   A 1 16 ? -6.767  11.557  -10.671 1.00 8.62  ? 2662 A   A C6    1 
ATOM   330 N N6    . A   A 1 16 ? -5.513  11.146  -10.509 1.00 8.80  ? 2662 A   A N6    1 
ATOM   331 N N1    . A   A 1 16 ? -7.349  11.293  -11.853 1.00 8.65  ? 2662 A   A N1    1 
ATOM   332 C C2    . A   A 1 16 ? -8.629  11.679  -12.034 1.00 8.64  ? 2662 A   A C2    1 
ATOM   333 N N3    . A   A 1 16 ? -9.447  12.314  -11.181 1.00 8.60  ? 2662 A   A N3    1 
ATOM   334 C C4    . A   A 1 16 ? -8.814  12.540  -10.018 1.00 8.62  ? 2662 A   A C4    1 
ATOM   335 P P     A G   A 1 17 ? -12.071 12.918  -4.258  0.43 11.32 ? 2663 G   A P     1 
ATOM   336 P P     B G   A 1 17 ? -12.463 12.763  -4.301  0.57 11.48 ? 2663 G   A P     1 
ATOM   337 O OP1   A G   A 1 17 ? -13.206 12.840  -3.324  0.43 11.60 ? 2663 G   A OP1   1 
ATOM   338 O OP1   B G   A 1 17 ? -13.843 12.675  -3.885  0.57 12.16 ? 2663 G   A OP1   1 
ATOM   339 O OP2   A G   A 1 17 ? -10.803 13.490  -3.712  0.43 11.34 ? 2663 G   A OP2   1 
ATOM   340 O OP2   B G   A 1 17 ? -11.446 13.426  -3.392  0.57 11.88 ? 2663 G   A OP2   1 
ATOM   341 O "O5'" . G   A 1 17 ? -11.789 11.475  -4.918  1.00 11.08 ? 2663 G   A "O5'" 1 
ATOM   342 C "C5'" . G   A 1 17 ? -10.742 10.703  -4.308  1.00 10.38 ? 2663 G   A "C5'" 1 
ATOM   343 C "C4'" . G   A 1 17 ? -9.918  10.000  -5.391  1.00 9.58  ? 2663 G   A "C4'" 1 
ATOM   344 O "O4'" . G   A 1 17 ? -8.966  11.016  -5.882  1.00 9.37  ? 2663 G   A "O4'" 1 
ATOM   345 C "C3'" . G   A 1 17 ? -8.976  8.955   -4.773  1.00 9.21  ? 2663 G   A "C3'" 1 
ATOM   346 O "O3'" . G   A 1 17 ? -9.682  7.739   -4.542  1.00 8.81  ? 2663 G   A "O3'" 1 
ATOM   347 C "C2'" . G   A 1 17 ? -7.974  8.864   -5.942  1.00 9.18  ? 2663 G   A "C2'" 1 
ATOM   348 O "O2'" . G   A 1 17 ? -8.549  8.074   -6.981  1.00 9.18  ? 2663 G   A "O2'" 1 
ATOM   349 C "C1'" . G   A 1 17 ? -7.792  10.358  -6.354  1.00 9.19  ? 2663 G   A "C1'" 1 
ATOM   350 N N9    . G   A 1 17 ? -6.651  10.879  -5.619  1.00 8.96  ? 2663 G   A N9    1 
ATOM   351 C C8    . G   A 1 17 ? -6.582  11.653  -4.488  1.00 9.00  ? 2663 G   A C8    1 
ATOM   352 N N7    . G   A 1 17 ? -5.349  11.906  -4.074  1.00 8.92  ? 2663 G   A N7    1 
ATOM   353 C C5    . G   A 1 17 ? -4.555  11.244  -4.981  1.00 8.75  ? 2663 G   A C5    1 
ATOM   354 C C6    . G   A 1 17 ? -3.159  11.127  -5.104  1.00 8.69  ? 2663 G   A C6    1 
ATOM   355 O O6    . G   A 1 17 ? -2.262  11.614  -4.351  1.00 8.64  ? 2663 G   A O6    1 
ATOM   356 N N1    . G   A 1 17 ? -2.752  10.360  -6.199  1.00 8.67  ? 2663 G   A N1    1 
ATOM   357 C C2    . G   A 1 17 ? -3.621  9.769   -7.075  1.00 8.83  ? 2663 G   A C2    1 
ATOM   358 N N2    . G   A 1 17 ? -3.114  9.054   -8.105  1.00 9.21  ? 2663 G   A N2    1 
ATOM   359 N N3    . G   A 1 17 ? -4.932  9.889   -6.998  1.00 8.86  ? 2663 G   A N3    1 
ATOM   360 C C4    . G   A 1 17 ? -5.334  10.605  -5.930  1.00 8.84  ? 2663 G   A C4    1 
ATOM   361 P P     . G   A 1 18 ? -9.263  6.867   -3.253  1.00 8.92  ? 2664 G   A P     1 
ATOM   362 O OP1   . G   A 1 18 ? -10.096 5.642   -3.328  1.00 9.42  ? 2664 G   A OP1   1 
ATOM   363 O OP2   . G   A 1 18 ? -9.282  7.720   -2.048  1.00 9.66  ? 2664 G   A OP2   1 
ATOM   364 O "O5'" . G   A 1 18 ? -7.719  6.533   -3.504  1.00 8.68  ? 2664 G   A "O5'" 1 
ATOM   365 C "C5'" . G   A 1 18 ? -7.299  5.766   -4.656  1.00 8.66  ? 2664 G   A "C5'" 1 
ATOM   366 C "C4'" . G   A 1 18 ? -5.780  5.733   -4.752  1.00 8.65  ? 2664 G   A "C4'" 1 
ATOM   367 O "O4'" . G   A 1 18 ? -5.279  7.082   -4.933  1.00 8.76  ? 2664 G   A "O4'" 1 
ATOM   368 C "C3'" . G   A 1 18 ? -5.040  5.284   -3.484  1.00 8.71  ? 2664 G   A "C3'" 1 
ATOM   369 O "O3'" . G   A 1 18 ? -5.114  3.871   -3.361  1.00 9.07  ? 2664 G   A "O3'" 1 
ATOM   370 C "C2'" . G   A 1 18 ? -3.638  5.809   -3.764  1.00 8.66  ? 2664 G   A "C2'" 1 
ATOM   371 O "O2'" . G   A 1 18 ? -3.026  5.166   -4.866  1.00 8.82  ? 2664 G   A "O2'" 1 
ATOM   372 C "C1'" . G   A 1 18 ? -4.023  7.213   -4.249  1.00 8.81  ? 2664 G   A "C1'" 1 
ATOM   373 N N9    . G   A 1 18 ? -4.147  8.169   -3.171  1.00 9.08  ? 2664 G   A N9    1 
ATOM   374 C C8    . G   A 1 18 ? -5.322  8.604   -2.584  1.00 9.32  ? 2664 G   A C8    1 
ATOM   375 N N7    . G   A 1 18 ? -5.079  9.472   -1.629  1.00 9.64  ? 2664 G   A N7    1 
ATOM   376 C C5    . G   A 1 18 ? -3.711  9.612   -1.584  1.00 9.55  ? 2664 G   A C5    1 
ATOM   377 C C6    . G   A 1 18 ? -2.879  10.403  -0.752  1.00 10.00 ? 2664 G   A C6    1 
ATOM   378 O O6    . G   A 1 18 ? -3.307  11.199  0.154   1.00 11.78 ? 2664 G   A O6    1 
ATOM   379 N N1    . G   A 1 18 ? -1.530  10.251  -1.037  1.00 9.78  ? 2664 G   A N1    1 
ATOM   380 C C2    . G   A 1 18 ? -1.040  9.417   -2.009  1.00 9.34  ? 2664 G   A C2    1 
ATOM   381 N N2    . G   A 1 18 ? 0.292   9.367   -2.159  1.00 9.41  ? 2664 G   A N2    1 
ATOM   382 N N3    . G   A 1 18 ? -1.781  8.647   -2.796  1.00 9.00  ? 2664 G   A N3    1 
ATOM   383 C C4    . G   A 1 18 ? -3.100  8.805   -2.512  1.00 9.17  ? 2664 G   A C4    1 
ATOM   384 P P     . A   A 1 19 ? -4.884  3.210   -1.923  1.00 9.23  ? 2665 A   A P     1 
ATOM   385 O OP1   . A   A 1 19 ? -5.441  1.842   -2.033  1.00 10.16 ? 2665 A   A OP1   1 
ATOM   386 O OP2   . A   A 1 19 ? -5.303  4.142   -0.849  1.00 9.51  ? 2665 A   A OP2   1 
ATOM   387 O "O5'" . A   A 1 19 ? -3.288  3.186   -1.796  1.00 9.05  ? 2665 A   A "O5'" 1 
ATOM   388 C "C5'" . A   A 1 19 ? -2.456  2.051   -2.009  1.00 9.11  ? 2665 A   A "C5'" 1 
ATOM   389 C "C4'" . A   A 1 19 ? -2.322  1.640   -3.457  1.00 9.13  ? 2665 A   A "C4'" 1 
ATOM   390 O "O4'" . A   A 1 19 ? -1.838  2.767   -4.234  1.00 9.20  ? 2665 A   A "O4'" 1 
ATOM   391 C "C3'" . A   A 1 19 ? -1.238  0.569   -3.656  1.00 9.18  ? 2665 A   A "C3'" 1 
ATOM   392 O "O3'" . A   A 1 19 ? -1.805  -0.721  -3.423  1.00 9.87  ? 2665 A   A "O3'" 1 
ATOM   393 C "C2'" . A   A 1 19 ? -0.922  0.787   -5.142  1.00 9.21  ? 2665 A   A "C2'" 1 
ATOM   394 O "O2'" . A   A 1 19 ? -2.030  0.403   -5.963  1.00 10.57 ? 2665 A   A "O2'" 1 
ATOM   395 C "C1'" . A   A 1 19 ? -0.836  2.322   -5.176  1.00 9.22  ? 2665 A   A "C1'" 1 
ATOM   396 N N9    . A   A 1 19 ? 0.476   2.771   -4.683  1.00 8.84  ? 2665 A   A N9    1 
ATOM   397 C C8    . A   A 1 19 ? 0.737   3.441   -3.506  1.00 8.68  ? 2665 A   A C8    1 
ATOM   398 N N7    . A   A 1 19 ? 2.012   3.717   -3.340  1.00 8.70  ? 2665 A   A N7    1 
ATOM   399 C C5    . A   A 1 19 ? 2.640   3.179   -4.456  1.00 8.73  ? 2665 A   A C5    1 
ATOM   400 C C6    . A   A 1 19 ? 3.987   3.152   -4.867  1.00 8.82  ? 2665 A   A C6    1 
ATOM   401 N N6    . A   A 1 19 ? 4.987   3.668   -4.135  1.00 8.76  ? 2665 A   A N6    1 
ATOM   402 N N1    . A   A 1 19 ? 4.256   2.533   -6.050  1.00 9.02  ? 2665 A   A N1    1 
ATOM   403 C C2    . A   A 1 19 ? 3.232   2.020   -6.739  1.00 8.96  ? 2665 A   A C2    1 
ATOM   404 N N3    . A   A 1 19 ? 1.921   1.996   -6.472  1.00 8.87  ? 2665 A   A N3    1 
ATOM   405 C C4    . A   A 1 19 ? 1.699   2.581   -5.277  1.00 8.79  ? 2665 A   A C4    1 
ATOM   406 P P     . C   A 1 20 ? -0.862  -1.901  -2.932  1.00 10.20 ? 2666 C   A P     1 
ATOM   407 O OP1   . C   A 1 20 ? -1.744  -3.000  -2.467  1.00 11.41 ? 2666 C   A OP1   1 
ATOM   408 O OP2   . C   A 1 20 ? 0.180   -1.372  -2.023  1.00 10.61 ? 2666 C   A OP2   1 
ATOM   409 O "O5'" . C   A 1 20 ? -0.109  -2.332  -4.267  1.00 10.52 ? 2666 C   A "O5'" 1 
ATOM   410 C "C5'" . C   A 1 20 ? -0.922  -2.779  -5.394  1.00 10.78 ? 2666 C   A "C5'" 1 
ATOM   411 C "C4'" . C   A 1 20 ? -0.044  -2.946  -6.619  1.00 10.90 ? 2666 C   A "C4'" 1 
ATOM   412 O "O4'" . C   A 1 20 ? 0.649   -1.687  -6.866  1.00 10.40 ? 2666 C   A "O4'" 1 
ATOM   413 C "C3'" . C   A 1 20 ? 1.109   -3.940  -6.437  1.00 11.34 ? 2666 C   A "C3'" 1 
ATOM   414 O "O3'" . C   A 1 20 ? 0.664   -5.280  -6.592  1.00 12.17 ? 2666 C   A "O3'" 1 
ATOM   415 C "C2'" . C   A 1 20 ? 2.066   -3.485  -7.539  1.00 10.95 ? 2666 C   A "C2'" 1 
ATOM   416 O "O2'" . C   A 1 20 ? 1.550   -3.874  -8.811  1.00 11.89 ? 2666 C   A "O2'" 1 
ATOM   417 C "C1'" . C   A 1 20 ? 1.942   -1.953  -7.394  1.00 10.43 ? 2666 C   A "C1'" 1 
ATOM   418 N N1    . C   A 1 20 ? 2.961   -1.386  -6.502  1.00 10.09 ? 2666 C   A N1    1 
ATOM   419 C C2    . C   A 1 20 ? 4.272   -1.265  -6.995  1.00 10.08 ? 2666 C   A C2    1 
ATOM   420 O O2    . C   A 1 20 ? 4.528   -1.618  -8.158  1.00 10.64 ? 2666 C   A O2    1 
ATOM   421 N N3    . C   A 1 20 ? 5.234   -0.756  -6.178  1.00 10.02 ? 2666 C   A N3    1 
ATOM   422 C C4    . C   A 1 20 ? 4.910   -0.370  -4.929  1.00 9.67  ? 2666 C   A C4    1 
ATOM   423 N N4    . C   A 1 20 ? 5.871   0.155   -4.177  1.00 9.21  ? 2666 C   A N4    1 
ATOM   424 C C5    . C   A 1 20 ? 3.585   -0.447  -4.404  1.00 9.70  ? 2666 C   A C5    1 
ATOM   425 C C6    . C   A 1 20 ? 2.670   -0.988  -5.226  1.00 9.76  ? 2666 C   A C6    1 
ATOM   426 P P     . C   A 1 21 ? 1.225   -6.427  -5.604  1.00 13.34 ? 2667 C   A P     1 
ATOM   427 O OP1   . C   A 1 21 ? 0.648   -7.713  -6.085  1.00 14.57 ? 2667 C   A OP1   1 
ATOM   428 O OP2   . C   A 1 21 ? 1.034   -5.991  -4.212  1.00 13.73 ? 2667 C   A OP2   1 
ATOM   429 O "O5'" . C   A 1 21 ? 2.815   -6.462  -5.848  1.00 13.19 ? 2667 C   A "O5'" 1 
ATOM   430 C "C5'" . C   A 1 21 ? 3.340   -6.800  -7.157  1.00 13.50 ? 2667 C   A "C5'" 1 
ATOM   431 C "C4'" . C   A 1 21 ? 4.811   -6.448  -7.212  1.00 13.14 ? 2667 C   A "C4'" 1 
ATOM   432 O "O4'" . C   A 1 21 ? 4.956   -5.004  -7.038  1.00 12.83 ? 2667 C   A "O4'" 1 
ATOM   433 C "C3'" . C   A 1 21 ? 5.652   -7.002  -6.057  1.00 13.60 ? 2667 C   A "C3'" 1 
ATOM   434 O "O3'" . C   A 1 21 ? 5.992   -8.360  -6.347  1.00 14.55 ? 2667 C   A "O3'" 1 
ATOM   435 C "C2'" . C   A 1 21 ? 6.893   -6.108  -6.232  1.00 13.32 ? 2667 C   A "C2'" 1 
ATOM   436 O "O2'" . C   A 1 21 ? 7.623   -6.458  -7.406  1.00 13.04 ? 2667 C   A "O2'" 1 
ATOM   437 C "C1'" . C   A 1 21 ? 6.204   -4.755  -6.415  1.00 12.92 ? 2667 C   A "C1'" 1 
ATOM   438 N N1    . C   A 1 21 ? 5.896   -4.129  -5.116  1.00 13.08 ? 2667 C   A N1    1 
ATOM   439 C C2    . C   A 1 21 ? 6.943   -3.504  -4.430  1.00 13.30 ? 2667 C   A C2    1 
ATOM   440 O O2    . C   A 1 21 ? 8.066   -3.536  -4.955  1.00 14.22 ? 2667 C   A O2    1 
ATOM   441 N N3    . C   A 1 21 ? 6.695   -2.954  -3.219  1.00 13.45 ? 2667 C   A N3    1 
ATOM   442 C C4    . C   A 1 21 ? 5.450   -2.957  -2.743  1.00 13.35 ? 2667 C   A C4    1 
ATOM   443 N N4    . C   A 1 21 ? 5.247   -2.351  -1.570  1.00 14.05 ? 2667 C   A N4    1 
ATOM   444 C C5    . C   A 1 21 ? 4.358   -3.560  -3.433  1.00 13.23 ? 2667 C   A C5    1 
ATOM   445 C C6    . C   A 1 21 ? 4.637   -4.207  -4.573  1.00 12.97 ? 2667 C   A C6    1 
ATOM   446 P P     . G   A 1 22 ? 5.920   -9.440  -5.149  1.00 15.38 ? 2668 G   A P     1 
ATOM   447 O OP1   . G   A 1 22 ? 6.510   -10.703 -5.662  1.00 16.85 ? 2668 G   A OP1   1 
ATOM   448 O OP2   . G   A 1 22 ? 4.560   -9.423  -4.576  1.00 16.67 ? 2668 G   A OP2   1 
ATOM   449 O "O5'" . G   A 1 22 ? 6.894   -8.816  -4.052  1.00 15.38 ? 2668 G   A "O5'" 1 
ATOM   450 C "C5'" . G   A 1 22 ? 8.309   -8.694  -4.333  1.00 15.28 ? 2668 G   A "C5'" 1 
ATOM   451 C "C4'" . G   A 1 22 ? 8.966   -7.847  -3.270  1.00 15.38 ? 2668 G   A "C4'" 1 
ATOM   452 O "O4'" . G   A 1 22 ? 8.443   -6.497  -3.212  1.00 14.90 ? 2668 G   A "O4'" 1 
ATOM   453 C "C3'" . G   A 1 22 ? 8.783   -8.401  -1.857  1.00 15.29 ? 2668 G   A "C3'" 1 
ATOM   454 O "O3'" . G   A 1 22 ? 9.661   -9.533  -1.733  1.00 15.46 ? 2668 G   A "O3'" 1 
ATOM   455 C "C2'" . G   A 1 22 ? 9.185   -7.172  -1.057  1.00 14.79 ? 2668 G   A "C2'" 1 
ATOM   456 O "O2'" . G   A 1 22 ? 10.548  -6.812  -1.223  1.00 15.44 ? 2668 G   A "O2'" 1 
ATOM   457 C "C1'" . G   A 1 22 ? 8.424   -6.085  -1.841  1.00 14.51 ? 2668 G   A "C1'" 1 
ATOM   458 N N9    . G   A 1 22 ? 7.051   -5.965  -1.406  1.00 13.82 ? 2668 G   A N9    1 
ATOM   459 C C8    . G   A 1 22 ? 5.944   -6.462  -2.058  1.00 13.68 ? 2668 G   A C8    1 
ATOM   460 N N7    . G   A 1 22 ? 4.841   -6.208  -1.393  1.00 13.34 ? 2668 G   A N7    1 
ATOM   461 C C5    . G   A 1 22 ? 5.240   -5.521  -0.261  1.00 12.99 ? 2668 G   A C5    1 
ATOM   462 C C6    . G   A 1 22 ? 4.464   -4.981  0.799   1.00 12.58 ? 2668 G   A C6    1 
ATOM   463 O O6    . G   A 1 22 ? 3.193   -4.998  0.964   1.00 12.29 ? 2668 G   A O6    1 
ATOM   464 N N1    . G   A 1 22 ? 5.259   -4.363  1.748   1.00 12.41 ? 2668 G   A N1    1 
ATOM   465 C C2    . G   A 1 22 ? 6.628   -4.269  1.670   1.00 12.58 ? 2668 G   A C2    1 
ATOM   466 N N2    . G   A 1 22 ? 7.233   -3.632  2.702   1.00 12.20 ? 2668 G   A N2    1 
ATOM   467 N N3    . G   A 1 22 ? 7.361   -4.764  0.682   1.00 12.83 ? 2668 G   A N3    1 
ATOM   468 C C4    . G   A 1 22 ? 6.606   -5.367  -0.252  1.00 13.19 ? 2668 G   A C4    1 
ATOM   469 P P     A G   A 1 23 ? 9.091   -10.686 -0.735  0.52 15.13 ? 2669 G   A P     1 
ATOM   470 P P     B G   A 1 23 ? 9.488   -10.763 -0.762  0.48 15.27 ? 2669 G   A P     1 
ATOM   471 O OP1   A G   A 1 23 ? 9.853   -11.942 -0.976  0.52 15.80 ? 2669 G   A OP1   1 
ATOM   472 O OP1   B G   A 1 23 ? 10.806  -11.463 -0.812  0.48 15.72 ? 2669 G   A OP1   1 
ATOM   473 O OP2   A G   A 1 23 ? 7.608   -10.776 -0.829  0.52 14.94 ? 2669 G   A OP2   1 
ATOM   474 O OP2   B G   A 1 23 ? 8.171   -11.397 -0.989  0.48 15.27 ? 2669 G   A OP2   1 
ATOM   475 O "O5'" . G   A 1 23 ? 9.435   -10.127 0.717   1.00 14.51 ? 2669 G   A "O5'" 1 
ATOM   476 C "C5'" . G   A 1 23 ? 10.682  -9.584  1.181   1.00 13.79 ? 2669 G   A "C5'" 1 
ATOM   477 C "C4'" . G   A 1 23 ? 10.518  -8.698  2.391   1.00 12.51 ? 2669 G   A "C4'" 1 
ATOM   478 O "O4'" . G   A 1 23 ? 9.608   -7.597  2.079   1.00 11.69 ? 2669 G   A "O4'" 1 
ATOM   479 C "C3'" . G   A 1 23 ? 9.790   -9.370  3.561   1.00 12.07 ? 2669 G   A "C3'" 1 
ATOM   480 O "O3'" . G   A 1 23 ? 10.650  -10.244 4.247   1.00 12.06 ? 2669 G   A "O3'" 1 
ATOM   481 C "C2'" . G   A 1 23 ? 9.366   -8.145  4.376   1.00 11.26 ? 2669 G   A "C2'" 1 
ATOM   482 O "O2'" . G   A 1 23 ? 10.501  -7.480  4.923   1.00 10.60 ? 2669 G   A "O2'" 1 
ATOM   483 C "C1'" . G   A 1 23 ? 8.840   -7.272  3.232   1.00 10.93 ? 2669 G   A "C1'" 1 
ATOM   484 N N9    . G   A 1 23 ? 7.438   -7.473  2.910   1.00 10.33 ? 2669 G   A N9    1 
ATOM   485 C C8    . G   A 1 23 ? 6.906   -8.108  1.813   1.00 10.46 ? 2669 G   A C8    1 
ATOM   486 N N7    . G   A 1 23 ? 5.576   -8.128  1.833   1.00 10.13 ? 2669 G   A N7    1 
ATOM   487 C C5    . G   A 1 23 ? 5.244   -7.451  3.007   1.00 9.58  ? 2669 G   A C5    1 
ATOM   488 C C6    . G   A 1 23 ? 3.990   -7.152  3.586   1.00 9.09  ? 2669 G   A C6    1 
ATOM   489 O O6    . G   A 1 23 ? 2.834   -7.428  3.136   1.00 8.87  ? 2669 G   A O6    1 
ATOM   490 N N1    . G   A 1 23 ? 4.078   -6.489  4.816   1.00 8.70  ? 2669 G   A N1    1 
ATOM   491 C C2    . G   A 1 23 ? 5.280   -6.139  5.411   1.00 8.66  ? 2669 G   A C2    1 
ATOM   492 N N2    . G   A 1 23 ? 5.193   -5.509  6.592   1.00 7.95  ? 2669 G   A N2    1 
ATOM   493 N N3    . G   A 1 23 ? 6.457   -6.409  4.882   1.00 9.12  ? 2669 G   A N3    1 
ATOM   494 C C4    . G   A 1 23 ? 6.376   -7.050  3.694   1.00 9.64  ? 2669 G   A C4    1 
ATOM   495 P P     . A   A 1 24 ? 10.065  -11.495 5.050   1.00 12.49 ? 2670 A   A P     1 
ATOM   496 O OP1   . A   A 1 24 ? 11.239  -12.224 5.598   1.00 13.29 ? 2670 A   A OP1   1 
ATOM   497 O OP2   . A   A 1 24 ? 9.086   -12.247 4.220   1.00 13.50 ? 2670 A   A OP2   1 
ATOM   498 O "O5'" . A   A 1 24 ? 9.225   -10.880 6.237   1.00 11.54 ? 2670 A   A "O5'" 1 
ATOM   499 C "C5'" . A   A 1 24 ? 9.875   -10.142 7.290   1.00 10.88 ? 2670 A   A "C5'" 1 
ATOM   500 C "C4'" . A   A 1 24 ? 8.813   -9.507  8.150   1.00 10.12 ? 2670 A   A "C4'" 1 
ATOM   501 O "O4'" . A   A 1 24 ? 7.928   -8.672  7.329   1.00 9.97  ? 2670 A   A "O4'" 1 
ATOM   502 C "C3'" . A   A 1 24 ? 7.822   -10.486 8.774   1.00 10.04 ? 2670 A   A "C3'" 1 
ATOM   503 O "O3'" . A   A 1 24 ? 8.371   -11.090 9.927   1.00 10.23 ? 2670 A   A "O3'" 1 
ATOM   504 C "C2'" . A   A 1 24 ? 6.709   -9.520  9.196   1.00 9.88  ? 2670 A   A "C2'" 1 
ATOM   505 O "O2'" . A   A 1 24 ? 7.050   -8.669  10.276  1.00 9.94  ? 2670 A   A "O2'" 1 
ATOM   506 C "C1'" . A   A 1 24 ? 6.619   -8.730  7.904   1.00 9.76  ? 2670 A   A "C1'" 1 
ATOM   507 N N9    . A   A 1 24 ? 5.715   -9.225  6.888   1.00 9.43  ? 2670 A   A N9    1 
ATOM   508 C C8    . A   A 1 24 ? 5.981   -9.839  5.684   1.00 9.42  ? 2670 A   A C8    1 
ATOM   509 N N7    . A   A 1 24 ? 4.906   -10.162 4.995   1.00 9.32  ? 2670 A   A N7    1 
ATOM   510 C C5    . A   A 1 24 ? 3.864   -9.706  5.787   1.00 9.18  ? 2670 A   A C5    1 
ATOM   511 C C6    . A   A 1 24 ? 2.475   -9.743  5.609   1.00 9.10  ? 2670 A   A C6    1 
ATOM   512 N N6    . A   A 1 24 ? 1.867   -10.251 4.517   1.00 9.05  ? 2670 A   A N6    1 
ATOM   513 N N1    . A   A 1 24 ? 1.746   -9.238  6.620   1.00 9.11  ? 2670 A   A N1    1 
ATOM   514 C C2    . A   A 1 24 ? 2.340   -8.720  7.693   1.00 9.17  ? 2670 A   A C2    1 
ATOM   515 N N3    . A   A 1 24 ? 3.642   -8.636  7.982   1.00 9.29  ? 2670 A   A N3    1 
ATOM   516 C C4    . A   A 1 24 ? 4.338   -9.154  6.957   1.00 9.30  ? 2670 A   A C4    1 
ATOM   517 P P     . G   A 1 25 ? 7.908   -12.595 10.278  1.00 10.63 ? 2671 G   A P     1 
ATOM   518 O OP1   . G   A 1 25 ? 8.940   -13.090 11.242  1.00 10.86 ? 2671 G   A OP1   1 
ATOM   519 O OP2   . G   A 1 25 ? 7.608   -13.372 9.076   1.00 11.76 ? 2671 G   A OP2   1 
ATOM   520 O "O5'" . G   A 1 25 ? 6.525   -12.412 11.055  1.00 10.84 ? 2671 G   A "O5'" 1 
ATOM   521 C "C5'" . G   A 1 25 ? 6.518   -11.710 12.318  1.00 11.44 ? 2671 G   A "C5'" 1 
ATOM   522 C "C4'" . G   A 1 25 ? 5.096   -11.398 12.696  1.00 11.92 ? 2671 G   A "C4'" 1 
ATOM   523 O "O4'" . G   A 1 25 ? 4.464   -10.576 11.684  1.00 11.67 ? 2671 G   A "O4'" 1 
ATOM   524 C "C3'" . G   A 1 25 ? 4.142   -12.599 12.785  1.00 12.93 ? 2671 G   A "C3'" 1 
ATOM   525 O "O3'" . G   A 1 25 ? 4.305   -13.226 14.054  1.00 14.74 ? 2671 G   A "O3'" 1 
ATOM   526 C "C2'" . G   A 1 25 ? 2.791   -11.870 12.713  1.00 12.74 ? 2671 G   A "C2'" 1 
ATOM   527 O "O2'" . G   A 1 25 ? 2.540   -11.139 13.926  1.00 13.83 ? 2671 G   A "O2'" 1 
ATOM   528 C "C1'" . G   A 1 25 ? 3.100   -10.904 11.579  1.00 12.02 ? 2671 G   A "C1'" 1 
ATOM   529 N N9    . G   A 1 25 ? 2.898   -11.409 10.230  1.00 11.82 ? 2671 G   A N9    1 
ATOM   530 C C8    . G   A 1 25 ? 3.831   -11.821 9.298   1.00 11.72 ? 2671 G   A C8    1 
ATOM   531 N N7    . G   A 1 25 ? 3.267   -12.208 8.177   1.00 11.76 ? 2671 G   A N7    1 
ATOM   532 C C5    . G   A 1 25 ? 1.903   -12.026 8.369   1.00 11.75 ? 2671 G   A C5    1 
ATOM   533 C C6    . G   A 1 25 ? 0.769   -12.246 7.554   1.00 11.86 ? 2671 G   A C6    1 
ATOM   534 O O6    . G   A 1 25 ? 0.776   -12.688 6.355   1.00 11.93 ? 2671 G   A O6    1 
ATOM   535 N N1    . G   A 1 25 ? -0.436  -11.950 8.171   1.00 12.02 ? 2671 G   A N1    1 
ATOM   536 C C2    . G   A 1 25 ? -0.548  -11.468 9.444   1.00 12.11 ? 2671 G   A C2    1 
ATOM   537 N N2    . G   A 1 25 ? -1.758  -11.213 9.982   1.00 12.66 ? 2671 G   A N2    1 
ATOM   538 N N3    . G   A 1 25 ? 0.503   -11.237 10.217  1.00 12.00 ? 2671 G   A N3    1 
ATOM   539 C C4    . G   A 1 25 ? 1.671   -11.535 9.626   1.00 11.81 ? 2671 G   A C4    1 
ATOM   540 P P     . U   A 1 26 ? 4.018   -14.792 14.180  1.00 16.59 ? 2672 U   A P     1 
ATOM   541 O OP1   . U   A 1 26 ? 4.266   -15.191 15.590  1.00 17.91 ? 2672 U   A OP1   1 
ATOM   542 O OP2   . U   A 1 26 ? 4.736   -15.500 13.074  1.00 16.84 ? 2672 U   A OP2   1 
ATOM   543 O "O5'" . U   A 1 26 ? 2.462   -14.976 13.858  1.00 17.51 ? 2672 U   A "O5'" 1 
ATOM   544 C "C5'" . U   A 1 26 ? 1.444   -14.335 14.657  1.00 18.41 ? 2672 U   A "C5'" 1 
ATOM   545 C "C4'" . U   A 1 26 ? 0.111   -14.450 13.959  1.00 19.00 ? 2672 U   A "C4'" 1 
ATOM   546 O "O4'" . U   A 1 26 ? 0.131   -13.775 12.670  1.00 18.96 ? 2672 U   A "O4'" 1 
ATOM   547 C "C3'" . U   A 1 26 ? -0.255  -15.894 13.618  1.00 19.62 ? 2672 U   A "C3'" 1 
ATOM   548 O "O3'" . U   A 1 26 ? -0.876  -16.435 14.797  1.00 20.18 ? 2672 U   A "O3'" 1 
ATOM   549 C "C2'" . U   A 1 26 ? -1.262  -15.719 12.499  1.00 19.43 ? 2672 U   A "C2'" 1 
ATOM   550 O "O2'" . U   A 1 26 ? -2.532  -15.301 12.982  1.00 21.11 ? 2672 U   A "O2'" 1 
ATOM   551 C "C1'" . U   A 1 26 ? -0.684  -14.503 11.770  1.00 19.03 ? 2672 U   A "C1'" 1 
ATOM   552 N N1    . U   A 1 26 ? 0.104   -14.824 10.588  1.00 18.40 ? 2672 U   A N1    1 
ATOM   553 C C2    . U   A 1 26 ? -0.606  -14.989 9.417   1.00 18.09 ? 2672 U   A C2    1 
ATOM   554 O O2    . U   A 1 26 ? -1.824  -14.881 9.416   1.00 18.20 ? 2672 U   A O2    1 
ATOM   555 N N3    . U   A 1 26 ? 0.128   -15.312 8.306   1.00 17.95 ? 2672 U   A N3    1 
ATOM   556 C C4    . U   A 1 26 ? 1.512   -15.426 8.264   1.00 17.96 ? 2672 U   A C4    1 
ATOM   557 O O4    . U   A 1 26 ? 2.059   -15.662 7.187   1.00 18.26 ? 2672 U   A O4    1 
ATOM   558 C C5    . U   A 1 26 ? 2.169   -15.259 9.519   1.00 18.07 ? 2672 U   A C5    1 
ATOM   559 C C6    . U   A 1 26 ? 1.460   -15.024 10.622  1.00 18.22 ? 2672 U   A C6    1 
ATOM   560 P P     . G   A 1 27 ? -0.785  -18.018 14.966  0.50 20.52 ? 2673 G   A P     1 
ATOM   561 O OP1   . G   A 1 27 ? -0.915  -18.318 16.413  0.50 20.48 ? 2673 G   A OP1   1 
ATOM   562 O OP2   . G   A 1 27 ? 0.347   -18.580 14.209  0.50 20.13 ? 2673 G   A OP2   1 
ATOM   563 O "O5'" . G   A 1 27 ? -2.165  -18.439 14.258  0.50 20.65 ? 2673 G   A "O5'" 1 
ATOM   564 C "C5'" . G   A 1 27 ? -3.350  -17.706 14.652  0.50 20.91 ? 2673 G   A "C5'" 1 
ATOM   565 C "C4'" . G   A 1 27 ? -4.613  -18.315 14.097  0.50 20.93 ? 2673 G   A "C4'" 1 
ATOM   566 O "O4'" . G   A 1 27 ? -5.070  -17.520 12.961  0.50 20.69 ? 2673 G   A "O4'" 1 
ATOM   567 C "C3'" . G   A 1 27 ? -4.471  -19.736 13.543  0.50 21.02 ? 2673 G   A "C3'" 1 
ATOM   568 O "O3'" . G   A 1 27 ? -4.673  -20.681 14.588  0.50 21.66 ? 2673 G   A "O3'" 1 
ATOM   569 C "C2'" . G   A 1 27 ? -5.676  -19.764 12.590  0.50 20.95 ? 2673 G   A "C2'" 1 
ATOM   570 O "O2'" . G   A 1 27 ? -6.881  -19.757 13.347  0.50 21.18 ? 2673 G   A "O2'" 1 
ATOM   571 C "C1'" . G   A 1 27 ? -5.480  -18.393 11.924  0.50 20.62 ? 2673 G   A "C1'" 1 
ATOM   572 N N9    . G   A 1 27 ? -4.417  -18.405 10.920  0.50 20.22 ? 2673 G   A N9    1 
ATOM   573 C C8    . G   A 1 27 ? -3.060  -18.375 11.121  0.50 20.10 ? 2673 G   A C8    1 
ATOM   574 N N7    . G   A 1 27 ? -2.373  -18.399 10.008  0.50 19.96 ? 2673 G   A N7    1 
ATOM   575 C C5    . G   A 1 27 ? -3.333  -18.449 8.999   0.50 19.80 ? 2673 G   A C5    1 
ATOM   576 C C6    . G   A 1 27 ? -3.229  -18.492 7.593   0.50 19.58 ? 2673 G   A C6    1 
ATOM   577 O O6    . G   A 1 27 ? -2.216  -18.497 6.825   0.50 19.52 ? 2673 G   A O6    1 
ATOM   578 N N1    . G   A 1 27 ? -4.464  -18.532 6.958   0.50 19.47 ? 2673 G   A N1    1 
ATOM   579 C C2    . G   A 1 27 ? -5.673  -18.534 7.605   0.50 19.48 ? 2673 G   A C2    1 
ATOM   580 N N2    . G   A 1 27 ? -6.744  -18.580 6.803   0.50 19.36 ? 2673 G   A N2    1 
ATOM   581 N N3    . G   A 1 27 ? -5.798  -18.497 8.925   0.50 19.68 ? 2673 G   A N3    1 
ATOM   582 C C4    . G   A 1 27 ? -4.603  -18.450 9.557   0.50 19.89 ? 2673 G   A C4    1 
HETATM 583 O O     . HOH B 2 .  ? 1.287   -11.730 1.317   1.00 29.21 ? 3001 HOH A O     1 
HETATM 584 O O     . HOH B 2 .  ? -1.456  17.777  -2.623  0.50 35.12 ? 3002 HOH A O     1 
HETATM 585 O O     . HOH B 2 .  ? 5.079   0.921   -1.447  1.00 10.72 ? 3003 HOH A O     1 
HETATM 586 O O     . HOH B 2 .  ? -0.405  17.627  -5.572  0.50 12.92 ? 3004 HOH A O     1 
HETATM 587 O O     . HOH B 2 .  ? 0.739   16.041  -9.159  1.00 10.31 ? 3005 HOH A O     1 
HETATM 588 O O     . HOH B 2 .  ? 2.159   14.941  -11.152 1.00 11.59 ? 3006 HOH A O     1 
HETATM 589 O O     . HOH B 2 .  ? 4.814   13.176  -5.472  1.00 11.23 ? 3007 HOH A O     1 
HETATM 590 O O     . HOH B 2 .  ? 2.353   -2.350  -0.462  1.00 13.18 ? 3008 HOH A O     1 
HETATM 591 O O     . HOH B 2 .  ? 4.295   13.173  -8.915  1.00 12.88 ? 3009 HOH A O     1 
HETATM 592 O O     . HOH B 2 .  ? -6.254  7.853   -8.342  1.00 11.18 ? 3010 HOH A O     1 
HETATM 593 O O     . HOH B 2 .  ? -4.244  15.908  -4.557  1.00 13.32 ? 3011 HOH A O     1 
HETATM 594 O O     . HOH B 2 .  ? -12.881 10.100  -8.767  1.00 10.55 ? 3012 HOH A O     1 
HETATM 595 O O     . HOH B 2 .  ? 2.547   12.130  -2.802  1.00 12.74 ? 3013 HOH A O     1 
HETATM 596 O O     . HOH B 2 .  ? -0.368  13.908  -0.808  1.00 17.97 ? 3014 HOH A O     1 
HETATM 597 O O     . HOH B 2 .  ? -15.000 10.137  -7.188  1.00 17.34 ? 3015 HOH A O     1 
HETATM 598 O O     . HOH B 2 .  ? -1.825  20.773  -8.765  1.00 18.62 ? 3016 HOH A O     1 
HETATM 599 O O     . HOH B 2 .  ? 8.407   14.467  -4.309  1.00 20.73 ? 3017 HOH A O     1 
HETATM 600 O O     . HOH B 2 .  ? 1.957   -1.988  13.708  1.00 18.76 ? 3018 HOH A O     1 
HETATM 601 O O     . HOH B 2 .  ? -0.324  -7.679  11.546  1.00 16.90 ? 3019 HOH A O     1 
HETATM 602 O O     . HOH B 2 .  ? 7.543   -11.260 -7.920  1.00 21.93 ? 3020 HOH A O     1 
HETATM 603 O O     . HOH B 2 .  ? -0.652  5.512   3.010   1.00 24.31 ? 3021 HOH A O     1 
HETATM 604 O O     . HOH B 2 .  ? -0.554  -5.813  -9.577  1.00 24.58 ? 3022 HOH A O     1 
HETATM 605 O O     . HOH B 2 .  ? -4.473  -8.875  12.257  1.00 20.84 ? 3023 HOH A O     1 
HETATM 606 O O     . HOH B 2 .  ? 1.631   14.514  -4.075  1.00 23.89 ? 3024 HOH A O     1 
HETATM 607 O O     . HOH B 2 .  ? 4.602   10.316  4.471   1.00 17.56 ? 3025 HOH A O     1 
HETATM 608 O O     . HOH B 2 .  ? -4.574  -0.774  -5.171  1.00 31.05 ? 3026 HOH A O     1 
HETATM 609 O O     . HOH B 2 .  ? 7.350   6.008   7.626   1.00 18.69 ? 3027 HOH A O     1 
HETATM 610 O O     . HOH B 2 .  ? -3.961  3.176   -7.427  1.00 25.95 ? 3028 HOH A O     1 
HETATM 611 O O     . HOH B 2 .  ? 9.129   6.222   5.684   1.00 20.53 ? 3029 HOH A O     1 
HETATM 612 O O     . HOH B 2 .  ? 5.165   4.953   -8.566  1.00 17.75 ? 3030 HOH A O     1 
HETATM 613 O O     . HOH B 2 .  ? -0.857  -1.463  0.842   1.00 25.83 ? 3031 HOH A O     1 
HETATM 614 O O     . HOH B 2 .  ? -5.605  -8.547  2.951   1.00 30.60 ? 3032 HOH A O     1 
HETATM 615 O O     . HOH B 2 .  ? 2.362   -7.157  -1.941  1.00 22.96 ? 3033 HOH A O     1 
HETATM 616 O O     . HOH B 2 .  ? -0.974  7.667   -11.553 1.00 36.23 ? 3034 HOH A O     1 
HETATM 617 O O     . HOH B 2 .  ? 6.951   2.393   -7.302  1.00 30.87 ? 3035 HOH A O     1 
HETATM 618 O O     . HOH B 2 .  ? -3.119  12.058  -15.282 1.00 30.58 ? 3036 HOH A O     1 
HETATM 619 O O     . HOH B 2 .  ? 4.044   5.989   9.513   1.00 23.20 ? 3037 HOH A O     1 
HETATM 620 O O     . HOH B 2 .  ? -1.193  -5.577  -2.819  1.00 32.42 ? 3038 HOH A O     1 
HETATM 621 O O     . HOH B 2 .  ? 6.120   8.582   7.768   1.00 22.40 ? 3039 HOH A O     1 
HETATM 622 O O     . HOH B 2 .  ? -1.982  13.922  -2.826  1.00 19.84 ? 3040 HOH A O     1 
HETATM 623 O O     . HOH B 2 .  ? -4.815  13.311  -1.877  1.00 21.21 ? 3041 HOH A O     1 
HETATM 624 O O     . HOH B 2 .  ? 3.425   -9.539  0.321   1.00 25.29 ? 3042 HOH A O     1 
HETATM 625 O O     . HOH B 2 .  ? 7.703   -0.756  -7.675  1.00 26.74 ? 3043 HOH A O     1 
HETATM 626 O O     . HOH B 2 .  ? -9.525  3.024   -3.049  1.00 24.28 ? 3044 HOH A O     1 
HETATM 627 O O     . HOH B 2 .  ? -1.425  -1.491  6.540   1.00 27.54 ? 3045 HOH A O     1 
HETATM 628 O O     . HOH B 2 .  ? 8.649   13.499  -6.693  1.00 24.38 ? 3046 HOH A O     1 
HETATM 629 O O     . HOH B 2 .  ? 0.827   1.592   6.480   1.00 21.73 ? 3047 HOH A O     1 
HETATM 630 O O     . HOH B 2 .  ? 10.536  -3.692  -3.920  1.00 35.21 ? 3048 HOH A O     1 
HETATM 631 O O     . HOH B 2 .  ? -12.038 8.480   -1.441  1.00 21.93 ? 3049 HOH A O     1 
HETATM 632 O O     . HOH B 2 .  ? -10.568 16.109  -2.592  1.00 28.62 ? 3050 HOH A O     1 
HETATM 633 O O     . HOH B 2 .  ? -14.856 10.735  -4.520  1.00 22.96 ? 3051 HOH A O     1 
HETATM 634 O O     . HOH B 2 .  ? 0.114   8.274   9.215   1.00 31.69 ? 3052 HOH A O     1 
HETATM 635 O O     . HOH B 2 .  ? -0.795  0.694   4.040   1.00 22.90 ? 3053 HOH A O     1 
HETATM 636 O O     . HOH B 2 .  ? 3.547   -8.964  15.286  1.00 34.88 ? 3054 HOH A O     1 
HETATM 637 O O     . HOH B 2 .  ? -1.550  5.044   -8.387  1.00 28.00 ? 3055 HOH A O     1 
HETATM 638 O O     . HOH B 2 .  ? 9.484   7.353   -8.496  1.00 34.71 ? 3056 HOH A O     1 
HETATM 639 O O     . HOH B 2 .  ? 4.974   14.444  -1.270  1.00 22.42 ? 3057 HOH A O     1 
HETATM 640 O O     . HOH B 2 .  ? 9.667   9.904   0.041   1.00 24.81 ? 3058 HOH A O     1 
HETATM 641 O O     . HOH B 2 .  ? -12.288 4.894   -2.089  1.00 25.88 ? 3059 HOH A O     1 
HETATM 642 O O     . HOH B 2 .  ? 8.776   0.919   -5.332  1.00 31.65 ? 3060 HOH A O     1 
HETATM 643 O O     . HOH B 2 .  ? -8.360  13.910  -2.921  1.00 29.01 ? 3061 HOH A O     1 
HETATM 644 O O     . HOH B 2 .  ? 5.515   10.142  -14.804 1.00 24.07 ? 3062 HOH A O     1 
HETATM 645 O O     . HOH B 2 .  ? -5.232  -0.654  -0.776  1.00 29.26 ? 3063 HOH A O     1 
HETATM 646 O O     . HOH B 2 .  ? 5.597   -15.496 9.740   1.00 26.68 ? 3064 HOH A O     1 
HETATM 647 O O     . HOH B 2 .  ? -3.625  19.007  -4.760  1.00 31.81 ? 3065 HOH A O     1 
HETATM 648 O O     . HOH B 2 .  ? 10.083  -4.345  1.748   1.00 26.47 ? 3066 HOH A O     1 
HETATM 649 O O     . HOH B 2 .  ? 7.885   3.568   -4.675  1.00 30.33 ? 3067 HOH A O     1 
HETATM 650 O O     . HOH B 2 .  ? 2.786   17.173  -14.528 0.50 23.53 ? 3068 HOH A O     1 
HETATM 651 O O     . HOH B 2 .  ? 7.643   -12.595 -4.036  1.00 34.93 ? 3069 HOH A O     1 
HETATM 652 O O     . HOH B 2 .  ? 8.989   -14.986 12.869  1.00 29.87 ? 3070 HOH A O     1 
HETATM 653 O O     . HOH B 2 .  ? 4.770   -11.711 2.822   1.00 36.24 ? 3071 HOH A O     1 
HETATM 654 O O     . HOH B 2 .  ? -8.602  6.711   0.444   1.00 30.25 ? 3072 HOH A O     1 
HETATM 655 O O     . HOH B 2 .  ? 0.418   -4.719  0.068   1.00 35.25 ? 3073 HOH A O     1 
HETATM 656 O O     . HOH B 2 .  ? -1.419  -0.333  -8.653  1.00 35.39 ? 3074 HOH A O     1 
HETATM 657 O O     . HOH B 2 .  ? 2.475   -13.464 4.644   1.00 29.62 ? 3075 HOH A O     1 
HETATM 658 O O     . HOH B 2 .  ? 1.369   -7.250  0.756   1.00 30.70 ? 3076 HOH A O     1 
HETATM 659 O O     . HOH B 2 .  ? 8.885   8.548   2.067   1.00 30.26 ? 3077 HOH A O     1 
HETATM 660 O O     . HOH B 2 .  ? -3.057  -10.814 13.007  1.00 42.17 ? 3078 HOH A O     1 
HETATM 661 O O     . HOH B 2 .  ? -9.487  19.939  -6.846  1.00 32.72 ? 3079 HOH A O     1 
HETATM 662 O O     . HOH B 2 .  ? 4.101   14.061  2.338   1.00 32.85 ? 3080 HOH A O     1 
HETATM 663 O O     . HOH B 2 .  ? 5.458   8.019   -13.928 1.00 38.27 ? 3081 HOH A O     1 
HETATM 664 O O     . HOH B 2 .  ? -6.523  1.331   -4.292  1.00 39.72 ? 3082 HOH A O     1 
HETATM 665 O O     . HOH B 2 .  ? 1.057   0.860   -9.250  1.00 37.92 ? 3083 HOH A O     1 
HETATM 666 O O     . HOH B 2 .  ? -0.107  -8.241  -8.436  1.00 29.25 ? 3084 HOH A O     1 
HETATM 667 O O     . HOH B 2 .  ? -4.796  0.273   7.097   1.00 43.27 ? 3086 HOH A O     1 
HETATM 668 O O     . HOH B 2 .  ? -1.057  17.643  -16.822 1.00 30.61 ? 3087 HOH A O     1 
HETATM 669 O O     . HOH B 2 .  ? 12.517  -12.145 7.943   1.00 34.41 ? 3088 HOH A O     1 
HETATM 670 O O     . HOH B 2 .  ? -6.713  -9.173  11.841  1.00 41.03 ? 3089 HOH A O     1 
HETATM 671 O O     . HOH B 2 .  ? -2.156  -5.748  2.966   1.00 20.95 ? 3090 HOH A O     1 
HETATM 672 O O     . HOH B 2 .  ? 7.263   10.315  3.738   1.00 20.15 ? 3091 HOH A O     1 
HETATM 673 O O     . HOH B 2 .  ? -1.279  -3.571  2.960   1.00 24.41 ? 3092 HOH A O     1 
HETATM 674 O O     . HOH B 2 .  ? 11.783  -11.896 10.483  1.00 38.57 ? 3093 HOH A O     1 
HETATM 675 O O     . HOH B 2 .  ? 3.832   -0.015  13.600  1.00 21.24 ? 3094 HOH A O     1 
HETATM 676 O O     . HOH B 2 .  ? -3.881  -11.118 0.770   1.00 34.79 ? 3095 HOH A O     1 
HETATM 677 O O     . HOH B 2 .  ? -8.176  -14.456 8.488   1.00 35.90 ? 3096 HOH A O     1 
HETATM 678 O O     . HOH B 2 .  ? -10.035 -14.807 6.972   1.00 33.56 ? 3098 HOH A O     1 
HETATM 679 O O     . HOH B 2 .  ? 4.033   13.044  4.679   1.00 38.10 ? 3099 HOH A O     1 
HETATM 680 O O     . HOH B 2 .  ? 0.980   -15.411 4.336   1.00 33.17 ? 3100 HOH A O     1 
HETATM 681 O O     . HOH B 2 .  ? -2.958  1.449   7.910   1.00 35.39 ? 3101 HOH A O     1 
HETATM 682 O O     . HOH B 2 .  ? -3.942  8.423   -11.278 1.00 33.10 ? 3102 HOH A O     1 
HETATM 683 O O     . HOH B 2 .  ? -4.021  -23.269 13.210  1.00 41.11 ? 3103 HOH A O     1 
HETATM 684 O O     . HOH B 2 .  ? -0.598  -15.177 1.999   1.00 34.33 ? 3104 HOH A O     1 
HETATM 685 O O     . HOH B 2 .  ? 5.739   -13.231 6.671   1.00 40.91 ? 3105 HOH A O     1 
HETATM 686 O O     . HOH B 2 .  ? -4.396  -15.240 11.221  1.00 36.65 ? 3107 HOH A O     1 
HETATM 687 O O     . HOH B 2 .  ? -4.976  -12.835 11.725  1.00 37.08 ? 3108 HOH A O     1 
HETATM 688 O O     . HOH B 2 .  ? -8.600  -19.995 -0.700  1.00 32.26 ? 3109 HOH A O     1 
HETATM 689 O O     . HOH B 2 .  ? -1.850  -12.045 1.302   1.00 51.16 ? 3110 HOH A O     1 
HETATM 690 O O     . HOH B 2 .  ? 2.708   13.849  -15.235 1.00 40.69 ? 3111 HOH A O     1 
HETATM 691 O O     . HOH B 2 .  ? 7.997   10.390  7.395   1.00 36.30 ? 3112 HOH A O     1 
# 
loop_
_atom_site_anisotrop.id 
_atom_site_anisotrop.type_symbol 
_atom_site_anisotrop.pdbx_label_atom_id 
_atom_site_anisotrop.pdbx_label_alt_id 
_atom_site_anisotrop.pdbx_label_comp_id 
_atom_site_anisotrop.pdbx_label_asym_id 
_atom_site_anisotrop.pdbx_label_seq_id 
_atom_site_anisotrop.pdbx_PDB_ins_code 
_atom_site_anisotrop.U[1][1] 
_atom_site_anisotrop.U[2][2] 
_atom_site_anisotrop.U[3][3] 
_atom_site_anisotrop.U[1][2] 
_atom_site_anisotrop.U[1][3] 
_atom_site_anisotrop.U[2][3] 
_atom_site_anisotrop.pdbx_auth_seq_id 
_atom_site_anisotrop.pdbx_auth_comp_id 
_atom_site_anisotrop.pdbx_auth_asym_id 
_atom_site_anisotrop.pdbx_auth_atom_id 
1   O "O5'" . U   A 1  ? 0.2947 0.2453 0.3058 0.0106  -0.0482 -0.0245 2647 U   A "O5'" 
2   C "C5'" . U   A 1  ? 0.2832 0.2407 0.3042 0.0060  -0.0563 -0.0284 2647 U   A "C5'" 
3   C "C4'" . U   A 1  ? 0.2815 0.2388 0.3008 0.0067  -0.0589 -0.0301 2647 U   A "C4'" 
4   O "O4'" . U   A 1  ? 0.2798 0.2376 0.2990 0.0072  -0.0574 -0.0317 2647 U   A "O4'" 
5   C "C3'" . U   A 1  ? 0.2782 0.2371 0.3006 0.0070  -0.0626 -0.0308 2647 U   A "C3'" 
6   O "O3'" . U   A 1  ? 0.2769 0.2359 0.3032 0.0037  -0.0702 -0.0319 2647 U   A "O3'" 
7   C "C2'" . U   A 1  ? 0.2783 0.2361 0.2999 0.0071  -0.0614 -0.0329 2647 U   A "C2'" 
8   O "O2'" . U   A 1  ? 0.2743 0.2367 0.3010 0.0119  -0.0596 -0.0399 2647 U   A "O2'" 
9   C "C1'" . U   A 1  ? 0.2775 0.2359 0.2985 0.0074  -0.0591 -0.0331 2647 U   A "C1'" 
10  N N1    . U   A 1  ? 0.2746 0.2307 0.2986 0.0075  -0.0586 -0.0343 2647 U   A N1    
11  C C2    . U   A 1  ? 0.2739 0.2273 0.2985 0.0075  -0.0589 -0.0356 2647 U   A C2    
12  O O2    . U   A 1  ? 0.2745 0.2215 0.2959 0.0059  -0.0590 -0.0435 2647 U   A O2    
13  N N3    . U   A 1  ? 0.2703 0.2260 0.2987 0.0079  -0.0586 -0.0341 2647 U   A N3    
14  C C4    . U   A 1  ? 0.2695 0.2249 0.3003 0.0085  -0.0573 -0.0338 2647 U   A C4    
15  O O4    . U   A 1  ? 0.2652 0.2243 0.3003 0.0085  -0.0567 -0.0331 2647 U   A O4    
16  C C5    . U   A 1  ? 0.2711 0.2261 0.2997 0.0085  -0.0570 -0.0337 2647 U   A C5    
17  C C6    . U   A 1  ? 0.2743 0.2275 0.3000 0.0084  -0.0580 -0.0338 2647 U   A C6    
18  P P     . G   A 2  ? 0.2682 0.2360 0.3038 0.0020  -0.0784 -0.0315 2648 G   A P     
19  O OP1   . G   A 2  ? 0.2700 0.2404 0.3114 0.0022  -0.0769 -0.0234 2648 G   A OP1   
20  O OP2   . G   A 2  ? 0.2613 0.2469 0.3052 -0.0012 -0.0715 -0.0265 2648 G   A OP2   
21  O "O5'" . G   A 2  ? 0.2551 0.2261 0.3038 0.0001  -0.0848 -0.0341 2648 G   A "O5'" 
22  C "C5'" . G   A 2  ? 0.2572 0.2154 0.3096 0.0026  -0.0892 -0.0363 2648 G   A "C5'" 
23  C "C4'" . G   A 2  ? 0.2452 0.2015 0.3110 0.0017  -0.0908 -0.0386 2648 G   A "C4'" 
24  O "O4'" . G   A 2  ? 0.2369 0.1979 0.3086 -0.0014 -0.0925 -0.0422 2648 G   A "O4'" 
25  C "C3'" . G   A 2  ? 0.2406 0.1986 0.3121 0.0033  -0.0961 -0.0365 2648 G   A "C3'" 
26  O "O3'" . G   A 2  ? 0.2416 0.2031 0.3150 0.0055  -0.1002 -0.0398 2648 G   A "O3'" 
27  C "C2'" . G   A 2  ? 0.2332 0.1928 0.3123 0.0006  -0.0913 -0.0397 2648 G   A "C2'" 
28  O "O2'" . G   A 2  ? 0.2370 0.2012 0.3564 -0.0016 -0.0787 -0.0350 2648 G   A "O2'" 
29  C "C1'" . G   A 2  ? 0.2359 0.1865 0.3088 -0.0052 -0.0892 -0.0420 2648 G   A "C1'" 
30  N N9    . G   A 2  ? 0.2349 0.1578 0.3018 -0.0081 -0.0860 -0.0391 2648 G   A N9    
31  C C8    . G   A 2  ? 0.2378 0.1485 0.2988 -0.0094 -0.0854 -0.0398 2648 G   A C8    
32  N N7    . G   A 2  ? 0.2356 0.1413 0.2969 -0.0103 -0.0829 -0.0388 2648 G   A N7    
33  C C5    . G   A 2  ? 0.2325 0.1370 0.2968 -0.0119 -0.0824 -0.0348 2648 G   A C5    
34  C C6    . G   A 2  ? 0.2315 0.1299 0.2957 -0.0130 -0.0815 -0.0309 2648 G   A C6    
35  O O6    . G   A 2  ? 0.2315 0.1199 0.2944 -0.0138 -0.0813 -0.0168 2648 G   A O6    
36  N N1    . G   A 2  ? 0.2321 0.1271 0.2964 -0.0138 -0.0809 -0.0321 2648 G   A N1    
37  C C2    . G   A 2  ? 0.2322 0.1277 0.2994 -0.0157 -0.0799 -0.0331 2648 G   A C2    
38  N N2    . G   A 2  ? 0.2345 0.1215 0.3002 -0.0256 -0.0765 -0.0221 2648 G   A N2    
39  N N3    . G   A 2  ? 0.2314 0.1317 0.3021 -0.0152 -0.0814 -0.0348 2648 G   A N3    
40  C C4    . G   A 2  ? 0.2323 0.1414 0.2999 -0.0126 -0.0831 -0.0361 2648 G   A C4    
41  P P     . C   A 3  ? 0.2378 0.2017 0.3213 0.0078  -0.0962 -0.0354 2649 C   A P     
42  O OP1   . C   A 3  ? 0.2480 0.2128 0.3390 0.0153  -0.1050 -0.0308 2649 C   A OP1   
43  O OP2   . C   A 3  ? 0.2489 0.2121 0.3215 0.0044  -0.0881 -0.0310 2649 C   A OP2   
44  O "O5'" . C   A 3  ? 0.2293 0.1969 0.3228 0.0032  -0.0917 -0.0410 2649 C   A "O5'" 
45  C "C5'" . C   A 3  ? 0.2188 0.1897 0.3237 -0.0004 -0.0961 -0.0509 2649 C   A "C5'" 
46  C "C4'" . C   A 3  ? 0.2099 0.1814 0.3215 -0.0015 -0.0909 -0.0558 2649 C   A "C4'" 
47  O "O4'" . C   A 3  ? 0.2083 0.1787 0.3159 -0.0033 -0.0939 -0.0608 2649 C   A "O4'" 
48  C "C3'" . C   A 3  ? 0.2033 0.1784 0.3148 -0.0012 -0.0778 -0.0534 2649 C   A "C3'" 
49  O "O3'" . C   A 3  ? 0.1948 0.1809 0.2996 -0.0057 -0.0681 -0.0521 2649 C   A "O3'" 
50  C "C2'" . C   A 3  ? 0.2102 0.1730 0.3125 -0.0046 -0.0831 -0.0595 2649 C   A "C2'" 
51  O "O2'" . C   A 3  ? 0.2432 0.1651 0.3105 -0.0229 -0.0739 -0.0645 2649 C   A "O2'" 
52  C "C1'" . C   A 3  ? 0.2099 0.1722 0.3099 -0.0056 -0.0910 -0.0605 2649 C   A "C1'" 
53  N N1    . C   A 3  ? 0.2091 0.1587 0.3035 -0.0062 -0.0935 -0.0583 2649 C   A N1    
54  C C2    . C   A 3  ? 0.2100 0.1520 0.3037 -0.0074 -0.0940 -0.0561 2649 C   A C2    
55  O O2    . C   A 3  ? 0.2078 0.1555 0.3039 -0.0103 -0.0938 -0.0572 2649 C   A O2    
56  N N3    . C   A 3  ? 0.2091 0.1444 0.3011 -0.0093 -0.0947 -0.0535 2649 C   A N3    
57  C C4    . C   A 3  ? 0.2122 0.1413 0.3012 -0.0090 -0.0944 -0.0535 2649 C   A C4    
58  N N4    . C   A 3  ? 0.2121 0.1270 0.3003 -0.0120 -0.0934 -0.0497 2649 C   A N4    
59  C C5    . C   A 3  ? 0.2126 0.1461 0.2999 -0.0089 -0.0943 -0.0542 2649 C   A C5    
60  C C6    . C   A 3  ? 0.2125 0.1511 0.3032 -0.0069 -0.0943 -0.0555 2649 C   A C6    
61  P P     . U   A 4  ? 0.1931 0.1793 0.2764 0.0023  -0.0599 -0.0503 2650 U   A P     
62  O OP1   . U   A 4  ? 0.1906 0.1898 0.3319 0.0100  -0.0622 -0.0391 2650 U   A OP1   
63  O OP2   . U   A 4  ? 0.2361 0.1999 0.2509 0.0069  -0.0668 -0.0472 2650 U   A OP2   
64  O "O5'" . U   A 4  ? 0.1785 0.1658 0.2431 -0.0013 -0.0369 -0.0442 2650 U   A "O5'" 
65  C "C5'" . U   A 4  ? 0.1382 0.1536 0.2505 -0.0096 -0.0166 -0.0382 2650 U   A "C5'" 
66  C "C4'" . U   A 4  ? 0.1328 0.1410 0.2202 -0.0122 -0.0030 -0.0323 2650 U   A "C4'" 
67  O "O4'" . U   A 4  ? 0.1322 0.1409 0.1974 -0.0169 -0.0053 -0.0362 2650 U   A "O4'" 
68  C "C3'" . U   A 4  ? 0.1368 0.1369 0.1805 -0.0091 -0.0061 -0.0249 2650 U   A "C3'" 
69  O "O3'" . U   A 4  ? 0.1194 0.1389 0.1535 -0.0107 -0.0061 -0.0180 2650 U   A "O3'" 
70  C "C2'" . U   A 4  ? 0.1341 0.1310 0.1710 -0.0116 -0.0071 -0.0334 2650 U   A "C2'" 
71  O "O2'" . U   A 4  ? 0.1402 0.1293 0.1708 -0.0163 -0.0083 -0.0361 2650 U   A "O2'" 
72  C "C1'" . U   A 4  ? 0.1329 0.1345 0.1694 -0.0125 -0.0126 -0.0364 2650 U   A "C1'" 
73  N N1    . U   A 4  ? 0.1288 0.1330 0.1630 -0.0122 -0.0189 -0.0324 2650 U   A N1    
74  C C2    . U   A 4  ? 0.1294 0.1266 0.1529 -0.0100 -0.0207 -0.0309 2650 U   A C2    
75  O O2    . U   A 4  ? 0.1313 0.1220 0.1431 -0.0046 -0.0166 -0.0236 2650 U   A O2    
76  N N3    . U   A 4  ? 0.1266 0.1221 0.1499 -0.0092 -0.0274 -0.0343 2650 U   A N3    
77  C C4    . U   A 4  ? 0.1238 0.1266 0.1557 -0.0120 -0.0311 -0.0336 2650 U   A C4    
78  O O4    . U   A 4  ? 0.1185 0.1330 0.1517 -0.0183 -0.0357 -0.0384 2650 U   A O4    
79  C C5    . U   A 4  ? 0.1233 0.1304 0.1650 -0.0138 -0.0285 -0.0322 2650 U   A C5    
80  C C6    . U   A 4  ? 0.1266 0.1329 0.1696 -0.0136 -0.0226 -0.0317 2650 U   A C6    
81  P P     . C   A 5  ? 0.1181 0.1350 0.1299 -0.0022 -0.0119 -0.0175 2651 C   A P     
82  O OP1   . C   A 5  ? 0.1160 0.1401 0.1384 0.0026  -0.0090 -0.0189 2651 C   A OP1   
83  O OP2   . C   A 5  ? 0.1215 0.1622 0.1315 0.0028  -0.0186 -0.0192 2651 C   A OP2   
84  O "O5'" . C   A 5  ? 0.1168 0.1244 0.1114 -0.0027 -0.0064 -0.0134 2651 C   A "O5'" 
85  C "C5'" . C   A 5  ? 0.1085 0.1178 0.1053 -0.0044 0.0038  -0.0149 2651 C   A "C5'" 
86  C "C4'" . C   A 5  ? 0.1089 0.1143 0.0962 -0.0020 0.0049  -0.0115 2651 C   A "C4'" 
87  O "O4'" . C   A 5  ? 0.1095 0.1146 0.0834 -0.0039 0.0009  -0.0108 2651 C   A "O4'" 
88  C "C3'" . C   A 5  ? 0.1103 0.1136 0.0987 -0.0008 0.0061  -0.0102 2651 C   A "C3'" 
89  O "O3'" . C   A 5  ? 0.1153 0.1131 0.1088 -0.0020 0.0111  -0.0126 2651 C   A "O3'" 
90  C "C2'" . C   A 5  ? 0.1079 0.1134 0.0888 -0.0027 0.0017  -0.0124 2651 C   A "C2'" 
91  O "O2'" . C   A 5  ? 0.1199 0.1114 0.0880 -0.0009 -0.0008 -0.0146 2651 C   A "O2'" 
92  C "C1'" . C   A 5  ? 0.1097 0.1124 0.0850 -0.0025 0.0016  -0.0104 2651 C   A "C1'" 
93  N N1    . C   A 5  ? 0.1092 0.1109 0.0852 0.0014  0.0018  -0.0115 2651 C   A N1    
94  C C2    . C   A 5  ? 0.1072 0.1106 0.0860 0.0009  0.0015  -0.0092 2651 C   A C2    
95  O O2    . C   A 5  ? 0.1107 0.1086 0.0963 0.0110  -0.0058 -0.0057 2651 C   A O2    
96  N N3    . C   A 5  ? 0.1131 0.1090 0.0849 -0.0002 0.0054  -0.0084 2651 C   A N3    
97  C C4    . C   A 5  ? 0.1147 0.1064 0.0780 -0.0024 0.0050  -0.0087 2651 C   A C4    
98  N N4    . C   A 5  ? 0.1240 0.0996 0.0763 -0.0126 0.0097  -0.0056 2651 C   A N4    
99  C C5    . C   A 5  ? 0.1136 0.1071 0.0813 0.0011  0.0026  -0.0095 2651 C   A C5    
100 C C6    . C   A 5  ? 0.1085 0.1103 0.0829 0.0034  0.0032  -0.0129 2651 C   A C6    
101 P P     . C   A 6  ? 0.1170 0.1149 0.1188 -0.0039 0.0153  -0.0088 2652 C   A P     
102 O OP1   . C   A 6  ? 0.1412 0.1135 0.1568 -0.0059 0.0341  -0.0236 2652 C   A OP1   
103 O OP2   . C   A 6  ? 0.1177 0.1388 0.1362 -0.0072 0.0023  0.0155  2652 C   A OP2   
104 O "O5'" . C   A 6  ? 0.1155 0.1183 0.1109 -0.0002 0.0108  -0.0067 2652 C   A "O5'" 
105 C "C5'" . C   A 6  ? 0.1184 0.1122 0.0981 0.0019  0.0136  -0.0076 2652 C   A "C5'" 
106 C "C4'" . C   A 6  ? 0.1163 0.1090 0.0924 0.0020  0.0110  -0.0040 2652 C   A "C4'" 
107 O "O4'" . C   A 6  ? 0.1153 0.1072 0.0904 0.0021  0.0120  -0.0016 2652 C   A "O4'" 
108 C "C3'" . C   A 6  ? 0.1095 0.1054 0.0939 0.0035  0.0061  -0.0030 2652 C   A "C3'" 
109 O "O3'" . C   A 6  ? 0.1092 0.1086 0.0882 0.0023  -0.0047 -0.0005 2652 C   A "O3'" 
110 C "C2'" . C   A 6  ? 0.1080 0.1085 0.0949 0.0040  0.0104  0.0012  2652 C   A "C2'" 
111 O "O2'" . C   A 6  ? 0.1091 0.1177 0.0885 0.0051  0.0113  0.0040  2652 C   A "O2'" 
112 C "C1'" . C   A 6  ? 0.1146 0.1050 0.0914 0.0055  0.0126  -0.0002 2652 C   A "C1'" 
113 N N1    . C   A 6  ? 0.1197 0.0969 0.0902 0.0057  0.0118  -0.0002 2652 C   A N1    
114 C C2    . C   A 6  ? 0.1278 0.0958 0.0916 0.0075  0.0143  -0.0001 2652 C   A C2    
115 O O2    . C   A 6  ? 0.1281 0.0939 0.1055 0.0073  0.0201  -0.0097 2652 C   A O2    
116 N N3    . C   A 6  ? 0.1384 0.0919 0.0900 0.0080  0.0116  0.0006  2652 C   A N3    
117 C C4    . C   A 6  ? 0.1370 0.0934 0.0869 0.0046  0.0055  0.0030  2652 C   A C4    
118 N N4    . C   A 6  ? 0.1504 0.0929 0.0845 0.0005  0.0011  0.0080  2652 C   A N4    
119 C C5    . C   A 6  ? 0.1266 0.0960 0.0872 0.0042  0.0047  0.0040  2652 C   A C5    
120 C C6    . C   A 6  ? 0.1192 0.0972 0.0887 0.0048  0.0083  0.0000  2652 C   A C6    
121 P P     . U   A 7  ? 0.1135 0.1082 0.0915 -0.0012 -0.0031 0.0018  2653 U   A P     
122 O OP1   . U   A 7  ? 0.1422 0.1148 0.1023 -0.0183 0.0006  -0.0011 2653 U   A OP1   
123 O OP2   . U   A 7  ? 0.1123 0.1128 0.0976 0.0070  0.0030  0.0110  2653 U   A OP2   
124 O "O5'" . U   A 7  ? 0.1059 0.1189 0.0922 0.0016  -0.0037 0.0054  2653 U   A "O5'" 
125 C "C5'" . U   A 7  ? 0.1058 0.1296 0.0934 0.0023  -0.0074 0.0084  2653 U   A "C5'" 
126 C "C4'" . U   A 7  ? 0.0967 0.1365 0.0936 0.0050  -0.0083 0.0076  2653 U   A "C4'" 
127 O "O4'" . U   A 7  ? 0.1003 0.1354 0.0880 0.0057  -0.0108 0.0076  2653 U   A "O4'" 
128 C "C3'" . U   A 7  ? 0.0987 0.1397 0.0940 0.0001  -0.0071 0.0115  2653 U   A "C3'" 
129 O "O3'" . U   A 7  ? 0.1036 0.1459 0.1022 -0.0055 -0.0084 0.0134  2653 U   A "O3'" 
130 C "C2'" . U   A 7  ? 0.0955 0.1419 0.0924 0.0041  -0.0065 0.0118  2653 U   A "C2'" 
131 O "O2'" . U   A 7  ? 0.1008 0.1568 0.1010 0.0102  0.0021  0.0182  2653 U   A "O2'" 
132 C "C1'" . U   A 7  ? 0.0963 0.1374 0.0866 0.0072  -0.0087 0.0103  2653 U   A "C1'" 
133 N N1    . U   A 7  ? 0.0962 0.1332 0.0828 0.0070  -0.0073 0.0131  2653 U   A N1    
134 C C2    . U   A 7  ? 0.0949 0.1336 0.0883 0.0076  -0.0071 0.0090  2653 U   A C2    
135 O O2    . U   A 7  ? 0.0948 0.1385 0.1004 0.0089  -0.0074 -0.0015 2653 U   A O2    
136 N N3    . U   A 7  ? 0.0947 0.1336 0.0886 0.0088  -0.0076 0.0094  2653 U   A N3    
137 C C4    . U   A 7  ? 0.0954 0.1350 0.0873 0.0088  -0.0069 0.0105  2653 U   A C4    
138 O O4    . U   A 7  ? 0.0950 0.1413 0.0902 0.0090  -0.0067 0.0079  2653 U   A O4    
139 C C5    . U   A 7  ? 0.0972 0.1315 0.0845 0.0085  -0.0066 0.0132  2653 U   A C5    
140 C C6    . U   A 7  ? 0.0975 0.1312 0.0819 0.0082  -0.0076 0.0142  2653 U   A C6    
141 P P     . A   A 8  ? 0.1071 0.1399 0.1119 -0.0099 -0.0141 0.0099  2654 A   A P     
142 O OP1   . A   A 8  ? 0.1106 0.1531 0.1033 -0.0134 -0.0080 0.0223  2654 A   A OP1   
143 O OP2   . A   A 8  ? 0.1136 0.1506 0.1324 -0.0189 -0.0105 0.0109  2654 A   A OP2   
144 O "O5'" . A   A 8  ? 0.1097 0.1329 0.1082 -0.0099 -0.0155 0.0074  2654 A   A "O5'" 
145 C "C5'" . A   A 8  ? 0.1141 0.1328 0.1070 -0.0092 -0.0188 0.0086  2654 A   A "C5'" 
146 C "C4'" . A   A 8  ? 0.1142 0.1340 0.1030 -0.0063 -0.0173 0.0094  2654 A   A "C4'" 
147 O "O4'" . A   A 8  ? 0.1118 0.1316 0.1009 -0.0090 -0.0163 0.0127  2654 A   A "O4'" 
148 C "C3'" . A   A 8  ? 0.1186 0.1386 0.1004 -0.0055 -0.0128 0.0068  2654 A   A "C3'" 
149 O "O3'" . A   A 8  ? 0.1299 0.1497 0.1215 0.0008  0.0013  0.0005  2654 A   A "O3'" 
150 C "C2'" . A   A 8  ? 0.1093 0.1366 0.0948 -0.0058 -0.0142 0.0115  2654 A   A "C2'" 
151 O "O2'" . A   A 8  ? 0.1005 0.1453 0.0867 -0.0039 -0.0177 0.0101  2654 A   A "O2'" 
152 C "C1'" . A   A 8  ? 0.1094 0.1298 0.0987 -0.0057 -0.0147 0.0148  2654 A   A "C1'" 
153 N N9    . A   A 8  ? 0.1074 0.1223 0.0910 -0.0044 -0.0157 0.0226  2654 A   A N9    
154 C C8    . A   A 8  ? 0.1076 0.1187 0.0863 -0.0054 -0.0147 0.0273  2654 A   A C8    
155 N N7    . A   A 8  ? 0.1072 0.1177 0.0839 -0.0035 -0.0161 0.0286  2654 A   A N7    
156 C C5    . A   A 8  ? 0.1074 0.1173 0.0865 -0.0042 -0.0157 0.0272  2654 A   A C5    
157 C C6    . A   A 8  ? 0.1083 0.1167 0.0908 -0.0046 -0.0153 0.0255  2654 A   A C6    
158 N N6    . A   A 8  ? 0.1097 0.1148 0.0888 -0.0011 -0.0187 0.0274  2654 A   A N6    
159 N N1    . A   A 8  ? 0.1086 0.1188 0.0966 -0.0072 -0.0132 0.0227  2654 A   A N1    
160 C C2    . A   A 8  ? 0.1081 0.1198 0.0941 -0.0067 -0.0132 0.0235  2654 A   A C2    
161 N N3    . A   A 8  ? 0.1074 0.1228 0.0926 -0.0049 -0.0146 0.0220  2654 A   A N3    
162 C C4    . A   A 8  ? 0.1072 0.1205 0.0897 -0.0045 -0.0153 0.0241  2654 A   A C4    
163 P P     . G   A 9  ? 0.1520 0.1539 0.1257 0.0057  0.0014  -0.0036 2655 G   A P     
164 O OP1   . G   A 9  ? 0.1548 0.1654 0.1379 -0.0008 -0.0181 -0.0108 2655 G   A OP1   
165 O OP2   . G   A 9  ? 0.1950 0.1757 0.1217 0.0086  0.0073  0.0008  2655 G   A OP2   
166 O "O5'" . G   A 9  ? 0.1476 0.1578 0.1355 0.0069  0.0035  -0.0112 2655 G   A "O5'" 
167 C "C5'" . G   A 9  ? 0.1383 0.1562 0.1344 0.0095  -0.0034 -0.0134 2655 G   A "C5'" 
168 C "C4'" . G   A 9  ? 0.1256 0.1553 0.1352 0.0099  -0.0073 -0.0139 2655 G   A "C4'" 
169 O "O4'" . G   A 9  ? 0.1224 0.1569 0.1422 0.0101  -0.0014 -0.0153 2655 G   A "O4'" 
170 C "C3'" . G   A 9  ? 0.1193 0.1549 0.1351 0.0102  -0.0132 -0.0145 2655 G   A "C3'" 
171 O "O3'" . G   A 9  ? 0.1094 0.1484 0.1356 0.0064  -0.0139 -0.0134 2655 G   A "O3'" 
172 C "C2'" . G   A 9  ? 0.1172 0.1582 0.1398 0.0090  -0.0059 -0.0141 2655 G   A "C2'" 
173 O "O2'" . G   A 9  ? 0.1195 0.1611 0.1521 0.0144  -0.0142 -0.0094 2655 G   A "O2'" 
174 C "C1'" . G   A 9  ? 0.1126 0.1587 0.1419 0.0086  -0.0004 -0.0159 2655 G   A "C1'" 
175 N N9    . G   A 9  ? 0.1133 0.1636 0.1418 0.0068  0.0059  -0.0189 2655 G   A N9    
176 C C8    . G   A 9  ? 0.1181 0.1682 0.1480 0.0069  0.0098  -0.0236 2655 G   A C8    
177 N N7    . G   A 9  ? 0.1165 0.1711 0.1505 0.0062  0.0144  -0.0254 2655 G   A N7    
178 C C5    . G   A 9  ? 0.1099 0.1708 0.1427 0.0064  0.0113  -0.0222 2655 G   A C5    
179 C C6    . G   A 9  ? 0.1061 0.1744 0.1440 0.0050  0.0140  -0.0239 2655 G   A C6    
180 O O6    . G   A 9  ? 0.1066 0.2103 0.1580 0.0008  0.0185  -0.0475 2655 G   A O6    
181 N N1    . G   A 9  ? 0.1018 0.1658 0.1410 0.0056  0.0113  -0.0185 2655 G   A N1    
182 C C2    . G   A 9  ? 0.0999 0.1627 0.1369 0.0077  0.0059  -0.0160 2655 G   A C2    
183 N N2    . G   A 9  ? 0.0968 0.1494 0.1428 0.0093  0.0056  -0.0111 2655 G   A N2    
184 N N3    . G   A 9  ? 0.1025 0.1637 0.1334 0.0083  0.0027  -0.0153 2655 G   A N3    
185 C C4    . G   A 9  ? 0.1079 0.1655 0.1376 0.0071  0.0062  -0.0180 2655 G   A C4    
186 P P     . U   A 10 ? 0.1163 0.1485 0.1360 0.0011  -0.0187 -0.0130 2656 U   A P     
187 O OP1   . U   A 10 ? 0.1223 0.1521 0.1458 -0.0043 -0.0104 -0.0190 2656 U   A OP1   
188 O OP2   . U   A 10 ? 0.1236 0.1510 0.1469 -0.0008 -0.0288 -0.0059 2656 U   A OP2   
189 O "O5'" . U   A 10 ? 0.1166 0.1418 0.1371 -0.0013 -0.0145 -0.0068 2656 U   A "O5'" 
190 C "C5'" . U   A 10 ? 0.1135 0.1340 0.1354 -0.0047 -0.0119 -0.0002 2656 U   A "C5'" 
191 C "C4'" . U   A 10 ? 0.1098 0.1286 0.1353 -0.0102 -0.0056 0.0040  2656 U   A "C4'" 
192 O "O4'" . U   A 10 ? 0.1006 0.1311 0.1245 -0.0125 -0.0096 0.0033  2656 U   A "O4'" 
193 C "C3'" . U   A 10 ? 0.1088 0.1279 0.1351 -0.0130 -0.0011 0.0078  2656 U   A "C3'" 
194 O "O3'" . U   A 10 ? 0.1138 0.1305 0.1510 -0.0152 0.0024  0.0124  2656 U   A "O3'" 
195 C "C2'" . U   A 10 ? 0.1010 0.1289 0.1301 -0.0126 -0.0019 0.0075  2656 U   A "C2'" 
196 O "O2'" . U   A 10 ? 0.1013 0.1411 0.1429 -0.0109 -0.0036 0.0073  2656 U   A "O2'" 
197 C "C1'" . U   A 10 ? 0.1028 0.1283 0.1211 -0.0108 -0.0059 0.0070  2656 U   A "C1'" 
198 N N1    . U   A 10 ? 0.1015 0.1153 0.1106 -0.0075 -0.0034 0.0081  2656 U   A N1    
199 C C2    . U   A 10 ? 0.1047 0.1132 0.1028 -0.0049 -0.0020 0.0125  2656 U   A C2    
200 O O2    . U   A 10 ? 0.1062 0.1173 0.0997 -0.0064 0.0024  0.0157  2656 U   A O2    
201 N N3    . U   A 10 ? 0.1048 0.1065 0.0998 -0.0029 -0.0029 0.0107  2656 U   A N3    
202 C C4    . U   A 10 ? 0.1043 0.1061 0.1024 -0.0029 -0.0032 0.0094  2656 U   A C4    
203 O O4    . U   A 10 ? 0.1066 0.1010 0.1115 -0.0068 0.0042  0.0054  2656 U   A O4    
204 C C5    . U   A 10 ? 0.1015 0.1066 0.1027 -0.0030 -0.0036 0.0092  2656 U   A C5    
205 C C6    . U   A 10 ? 0.1030 0.1104 0.1058 -0.0051 -0.0055 0.0102  2656 U   A C6    
206 P P     . A   A 11 ? 0.1183 0.1300 0.1562 -0.0154 0.0050  0.0172  2657 A   A P     
207 O OP1   . A   A 11 ? 0.1287 0.1339 0.1734 -0.0253 0.0050  0.0201  2657 A   A OP1   
208 O OP2   . A   A 11 ? 0.1279 0.1248 0.1616 -0.0077 0.0065  0.0174  2657 A   A OP2   
209 O "O5'" . A   A 11 ? 0.1070 0.1276 0.1476 -0.0110 0.0053  0.0221  2657 A   A "O5'" 
210 C "C5'" . A   A 11 ? 0.1069 0.1298 0.1479 -0.0086 0.0042  0.0276  2657 A   A "C5'" 
211 C "C4'" . A   A 11 ? 0.1026 0.1294 0.1474 -0.0046 0.0061  0.0261  2657 A   A "C4'" 
212 O "O4'" . A   A 11 ? 0.0970 0.1301 0.1466 -0.0047 0.0018  0.0260  2657 A   A "O4'" 
213 C "C3'" . A   A 11 ? 0.0987 0.1322 0.1447 -0.0023 0.0090  0.0246  2657 A   A "C3'" 
214 O "O3'" . A   A 11 ? 0.0982 0.1355 0.1445 -0.0003 0.0105  0.0236  2657 A   A "O3'" 
215 C "C2'" . A   A 11 ? 0.1004 0.1310 0.1437 0.0004  0.0088  0.0224  2657 A   A "C2'" 
216 O "O2'" . A   A 11 ? 0.1200 0.1340 0.1623 0.0079  0.0232  0.0239  2657 A   A "O2'" 
217 C "C1'" . A   A 11 ? 0.0986 0.1268 0.1429 0.0001  0.0028  0.0239  2657 A   A "C1'" 
218 N N9    . A   A 11 ? 0.0981 0.1195 0.1305 0.0000  -0.0001 0.0250  2657 A   A N9    
219 C C8    . A   A 11 ? 0.0986 0.1183 0.1227 -0.0014 -0.0026 0.0278  2657 A   A C8    
220 N N7    . A   A 11 ? 0.0985 0.1161 0.1193 0.0002  -0.0027 0.0269  2657 A   A N7    
221 C C5    . A   A 11 ? 0.0980 0.1163 0.1206 0.0003  -0.0012 0.0255  2657 A   A C5    
222 C C6    . A   A 11 ? 0.0986 0.1158 0.1193 0.0006  -0.0020 0.0258  2657 A   A C6    
223 N N6    . A   A 11 ? 0.0986 0.1101 0.1116 -0.0026 -0.0003 0.0339  2657 A   A N6    
224 N N1    . A   A 11 ? 0.1020 0.1161 0.1192 0.0002  -0.0019 0.0256  2657 A   A N1    
225 C C2    . A   A 11 ? 0.1040 0.1134 0.1254 0.0036  -0.0011 0.0236  2657 A   A C2    
226 N N3    . A   A 11 ? 0.1024 0.1144 0.1316 0.0031  0.0021  0.0222  2657 A   A N3    
227 C C4    . A   A 11 ? 0.0990 0.1169 0.1269 0.0015  0.0001  0.0241  2657 A   A C4    
228 P P     . C   A 12 ? 0.1039 0.1362 0.1417 0.0016  0.0149  0.0242  2658 C   A P     
229 O OP1   . C   A 12 ? 0.1033 0.1534 0.1511 0.0019  0.0175  0.0329  2658 C   A OP1   
230 O OP2   . C   A 12 ? 0.1134 0.1297 0.1502 -0.0046 0.0135  0.0208  2658 C   A OP2   
231 O "O5'" . C   A 12 ? 0.0997 0.1312 0.1350 0.0098  0.0171  0.0193  2658 C   A "O5'" 
232 C "C5'" . C   A 12 ? 0.0950 0.1345 0.1332 0.0169  0.0178  0.0195  2658 C   A "C5'" 
233 C "C4'" . C   A 12 ? 0.0957 0.1354 0.1250 0.0191  0.0157  0.0164  2658 C   A "C4'" 
234 O "O4'" . C   A 12 ? 0.0860 0.1338 0.1210 0.0214  0.0116  0.0148  2658 C   A "O4'" 
235 C "C3'" . C   A 12 ? 0.1008 0.1356 0.1164 0.0204  0.0116  0.0142  2658 C   A "C3'" 
236 O "O3'" . C   A 12 ? 0.1031 0.1475 0.1163 0.0229  0.0131  0.0148  2658 C   A "O3'" 
237 C "C2'" . C   A 12 ? 0.0982 0.1328 0.1084 0.0220  0.0064  0.0094  2658 C   A "C2'" 
238 O "O2'" . C   A 12 ? 0.1189 0.1347 0.1162 0.0253  -0.0042 0.0056  2658 C   A "O2'" 
239 C "C1'" . C   A 12 ? 0.0863 0.1331 0.1127 0.0215  0.0051  0.0125  2658 C   A "C1'" 
240 N N1    . C   A 12 ? 0.0772 0.1326 0.1078 0.0203  0.0011  0.0147  2658 C   A N1    
241 C C2    . C   A 12 ? 0.0759 0.1311 0.1048 0.0188  -0.0012 0.0159  2658 C   A C2    
242 O O2    . C   A 12 ? 0.0815 0.1266 0.1162 0.0109  0.0022  0.0094  2658 C   A O2    
243 N N3    . C   A 12 ? 0.0720 0.1285 0.1002 0.0193  -0.0025 0.0202  2658 C   A N3    
244 C C4    . C   A 12 ? 0.0731 0.1271 0.0987 0.0185  -0.0031 0.0225  2658 C   A C4    
245 N N4    . C   A 12 ? 0.0767 0.1210 0.0963 0.0164  -0.0017 0.0259  2658 C   A N4    
246 C C5    . C   A 12 ? 0.0728 0.1291 0.1020 0.0177  -0.0032 0.0227  2658 C   A C5    
247 C C6    . C   A 12 ? 0.0749 0.1310 0.1075 0.0191  0.0006  0.0200  2658 C   A C6    
248 P P     . G   A 13 ? 0.1077 0.1518 0.1151 0.0223  0.0102  0.0220  2659 G   A P     
249 O OP1   . G   A 13 ? 0.1391 0.1638 0.1206 0.0162  0.0267  0.0238  2659 G   A OP1   
250 O OP2   . G   A 13 ? 0.1013 0.1455 0.1304 0.0188  0.0093  0.0223  2659 G   A OP2   
251 O "O5'" . G   A 13 ? 0.1057 0.1474 0.1092 0.0234  0.0023  0.0140  2659 G   A "O5'" 
252 C "C5'" . G   A 13 ? 0.1122 0.1399 0.1107 0.0197  0.0066  0.0082  2659 G   A "C5'" 
253 C "C4'" . G   A 13 ? 0.1087 0.1346 0.1069 0.0183  0.0001  0.0034  2659 G   A "C4'" 
254 O "O4'" . G   A 13 ? 0.0994 0.1267 0.1045 0.0193  -0.0015 -0.0006 2659 G   A "O4'" 
255 C "C3'" . G   A 13 ? 0.1128 0.1338 0.1043 0.0190  -0.0036 0.0060  2659 G   A "C3'" 
256 O "O3'" . G   A 13 ? 0.1378 0.1432 0.1096 0.0162  -0.0059 0.0141  2659 G   A "O3'" 
257 C "C2'" . G   A 13 ? 0.0997 0.1287 0.1040 0.0191  -0.0128 0.0022  2659 G   A "C2'" 
258 O "O2'" . G   A 13 ? 0.1139 0.1200 0.1079 0.0080  -0.0225 0.0022  2659 G   A "O2'" 
259 C "C1'" . G   A 13 ? 0.0915 0.1226 0.1051 0.0181  -0.0068 0.0000  2659 G   A "C1'" 
260 N N9    . G   A 13 ? 0.0849 0.1076 0.1019 0.0147  -0.0030 0.0070  2659 G   A N9    
261 C C8    . G   A 13 ? 0.0837 0.1052 0.1000 0.0142  -0.0001 0.0108  2659 G   A C8    
262 N N7    . G   A 13 ? 0.0802 0.1051 0.0984 0.0126  0.0000  0.0125  2659 G   A N7    
263 C C5    . G   A 13 ? 0.0794 0.1047 0.0975 0.0122  -0.0015 0.0117  2659 G   A C5    
264 C C6    . G   A 13 ? 0.0780 0.1056 0.0993 0.0108  -0.0012 0.0098  2659 G   A C6    
265 O O6    . G   A 13 ? 0.0780 0.1251 0.1234 0.0073  -0.0002 -0.0156 2659 G   A O6    
266 N N1    . G   A 13 ? 0.0779 0.1007 0.0988 0.0104  -0.0011 0.0125  2659 G   A N1    
267 C C2    . G   A 13 ? 0.0787 0.0991 0.0975 0.0106  -0.0025 0.0157  2659 G   A C2    
268 N N2    . G   A 13 ? 0.0790 0.0793 0.1046 0.0169  -0.0070 0.0207  2659 G   A N2    
269 N N3    . G   A 13 ? 0.0809 0.1010 0.0985 0.0096  -0.0028 0.0133  2659 G   A N3    
270 C C4    . G   A 13 ? 0.0812 0.1033 0.0981 0.0119  -0.0023 0.0116  2659 G   A C4    
271 P P     . U   A 14 ? 0.1472 0.1479 0.1135 0.0110  -0.0037 0.0172  2660 U   A P     
272 O OP1   . U   A 14 ? 0.1791 0.1565 0.1158 0.0042  -0.0107 0.0233  2660 U   A OP1   
273 O OP2   . U   A 14 ? 0.1414 0.1554 0.1257 0.0111  0.0114  0.0322  2660 U   A OP2   
274 O "O5'" . U   A 14 ? 0.1356 0.1420 0.1222 0.0075  -0.0044 0.0146  2660 U   A "O5'" 
275 C "C5'" . U   A 14 ? 0.1239 0.1468 0.1152 0.0051  -0.0144 0.0157  2660 U   A "C5'" 
276 C "C4'" . U   A 14 ? 0.1232 0.1407 0.1091 0.0021  -0.0173 0.0095  2660 U   A "C4'" 
277 O "O4'" . U   A 14 ? 0.1167 0.1450 0.1085 0.0003  -0.0154 0.0063  2660 U   A "O4'" 
278 C "C3'" . U   A 14 ? 0.1254 0.1372 0.1079 0.0011  -0.0150 0.0041  2660 U   A "C3'" 
279 O "O3'" . U   A 14 ? 0.1278 0.1281 0.1084 0.0013  -0.0172 0.0058  2660 U   A "O3'" 
280 C "C2'" . U   A 14 ? 0.1247 0.1389 0.1042 0.0024  -0.0138 0.0021  2660 U   A "C2'" 
281 O "O2'" . U   A 14 ? 0.1371 0.1380 0.1004 0.0053  -0.0203 0.0038  2660 U   A "O2'" 
282 C "C1'" . U   A 14 ? 0.1183 0.1449 0.1044 0.0020  -0.0134 0.0010  2660 U   A "C1'" 
283 N N1    . U   A 14 ? 0.1126 0.1520 0.1057 0.0005  -0.0069 -0.0055 2660 U   A N1    
284 C C2    . U   A 14 ? 0.1109 0.1589 0.1078 -0.0007 -0.0072 -0.0069 2660 U   A C2    
285 O O2    . U   A 14 ? 0.1023 0.1775 0.1126 0.0022  -0.0021 -0.0177 2660 U   A O2    
286 N N3    . U   A 14 ? 0.1165 0.1637 0.1089 -0.0037 -0.0099 -0.0067 2660 U   A N3    
287 C C4    . U   A 14 ? 0.1287 0.1638 0.1106 -0.0054 -0.0099 -0.0104 2660 U   A C4    
288 O O4    . U   A 14 ? 0.1475 0.1833 0.1174 -0.0039 -0.0207 -0.0206 2660 U   A O4    
289 C C5    . U   A 14 ? 0.1283 0.1563 0.1111 -0.0011 -0.0044 -0.0106 2660 U   A C5    
290 C C6    . U   A 14 ? 0.1188 0.1536 0.1105 0.0011  -0.0043 -0.0079 2660 U   A C6    
291 P P     . A   A 15 ? 0.1096 0.1222 0.1074 0.0047  -0.0108 0.0031  2661 A   A P     
292 O OP1   . A   A 15 ? 0.1084 0.1133 0.1001 0.0072  -0.0029 0.0023  2661 A   A OP1   
293 O OP2   . A   A 15 ? 0.1033 0.1283 0.0954 0.0081  -0.0250 -0.0047 2661 A   A OP2   
294 O "O5'" . A   A 15 ? 0.1110 0.1216 0.1266 0.0035  -0.0053 -0.0034 2661 A   A "O5'" 
295 C "C5'" . A   A 15 ? 0.1098 0.1234 0.1326 0.0014  -0.0078 -0.0107 2661 A   A "C5'" 
296 C "C4'" . A   A 15 ? 0.1090 0.1212 0.1331 0.0014  -0.0064 -0.0169 2661 A   A "C4'" 
297 O "O4'" . A   A 15 ? 0.1007 0.1193 0.1340 0.0018  -0.0036 -0.0201 2661 A   A "O4'" 
298 C "C3'" . A   A 15 ? 0.1111 0.1230 0.1356 0.0002  -0.0031 -0.0171 2661 A   A "C3'" 
299 O "O3'" . A   A 15 ? 0.1182 0.1258 0.1387 -0.0040 0.0010  -0.0206 2661 A   A "O3'" 
300 C "C2'" . A   A 15 ? 0.1006 0.1207 0.1375 0.0046  0.0004  -0.0180 2661 A   A "C2'" 
301 O "O2'" . A   A 15 ? 0.1099 0.1234 0.1406 0.0118  0.0148  0.0095  2661 A   A "O2'" 
302 C "C1'" . A   A 15 ? 0.0987 0.1178 0.1352 0.0029  -0.0016 -0.0203 2661 A   A "C1'" 
303 N N9    . A   A 15 ? 0.0993 0.1170 0.1334 0.0047  -0.0037 -0.0187 2661 A   A N9    
304 C C8    . A   A 15 ? 0.0983 0.1207 0.1369 0.0052  -0.0029 -0.0184 2661 A   A C8    
305 N N7    . A   A 15 ? 0.1023 0.1210 0.1407 0.0074  -0.0009 -0.0195 2661 A   A N7    
306 C C5    . A   A 15 ? 0.1083 0.1227 0.1355 0.0086  -0.0021 -0.0214 2661 A   A C5    
307 C C6    . A   A 15 ? 0.1199 0.1260 0.1344 0.0082  -0.0002 -0.0226 2661 A   A C6    
308 N N6    . A   A 15 ? 0.1279 0.1235 0.1443 0.0071  0.0043  -0.0257 2661 A   A N6    
309 N N1    . A   A 15 ? 0.1285 0.1279 0.1271 0.0082  -0.0044 -0.0195 2661 A   A N1    
310 C C2    . A   A 15 ? 0.1207 0.1284 0.1272 0.0086  -0.0072 -0.0171 2661 A   A C2    
311 N N3    . A   A 15 ? 0.1092 0.1256 0.1279 0.0093  -0.0053 -0.0173 2661 A   A N3    
312 C C4    . A   A 15 ? 0.1049 0.1218 0.1315 0.0078  -0.0039 -0.0194 2661 A   A C4    
313 P P     . A   A 16 ? 0.1173 0.1298 0.1361 -0.0033 0.0002  -0.0202 2662 A   A P     
314 O OP1   . A   A 16 ? 0.1207 0.1334 0.1520 -0.0152 0.0216  -0.0257 2662 A   A OP1   
315 O OP2   . A   A 16 ? 0.1058 0.1225 0.1505 -0.0133 0.0056  -0.0126 2662 A   A OP2   
316 O "O5'" . A   A 16 ? 0.1098 0.1292 0.1420 -0.0008 0.0010  -0.0159 2662 A   A "O5'" 
317 C "C5'" . A   A 16 ? 0.1146 0.1310 0.1395 0.0033  0.0005  -0.0088 2662 A   A "C5'" 
318 C "C4'" . A   A 16 ? 0.1088 0.1237 0.1367 0.0068  -0.0017 -0.0027 2662 A   A "C4'" 
319 O "O4'" . A   A 16 ? 0.1057 0.1187 0.1348 0.0058  -0.0039 -0.0007 2662 A   A "O4'" 
320 C "C3'" . A   A 16 ? 0.1093 0.1251 0.1381 0.0096  0.0073  -0.0005 2662 A   A "C3'" 
321 O "O3'" . A   A 16 ? 0.1277 0.1348 0.1506 0.0193  0.0244  0.0052  2662 A   A "O3'" 
322 C "C2'" . A   A 16 ? 0.1018 0.1207 0.1389 0.0075  0.0047  0.0014  2662 A   A "C2'" 
323 O "O2'" . A   A 16 ? 0.0995 0.1194 0.1431 0.0099  0.0068  0.0043  2662 A   A "O2'" 
324 C "C1'" . A   A 16 ? 0.0984 0.1178 0.1331 0.0047  -0.0035 0.0012  2662 A   A "C1'" 
325 N N9    . A   A 16 ? 0.0958 0.1141 0.1264 0.0010  -0.0063 0.0034  2662 A   A N9    
326 C C8    . A   A 16 ? 0.1011 0.1122 0.1241 -0.0008 -0.0079 0.0054  2662 A   A C8    
327 N N7    . A   A 16 ? 0.0975 0.1134 0.1236 -0.0014 -0.0111 0.0067  2662 A   A N7    
328 C C5    . A   A 16 ? 0.0888 0.1136 0.1245 -0.0031 -0.0091 0.0051  2662 A   A C5    
329 C C6    . A   A 16 ? 0.0831 0.1192 0.1252 -0.0045 -0.0091 0.0045  2662 A   A C6    
330 N N6    . A   A 16 ? 0.0850 0.1245 0.1249 -0.0015 -0.0098 0.0097  2662 A   A N6    
331 N N1    . A   A 16 ? 0.0810 0.1225 0.1251 -0.0037 -0.0079 0.0027  2662 A   A N1    
332 C C2    . A   A 16 ? 0.0800 0.1211 0.1273 -0.0050 -0.0080 -0.0002 2662 A   A C2    
333 N N3    . A   A 16 ? 0.0828 0.1163 0.1277 -0.0041 -0.0069 0.0017  2662 A   A N3    
334 C C4    . A   A 16 ? 0.0881 0.1136 0.1258 -0.0021 -0.0073 0.0033  2662 A   A C4    
335 P P     A G   A 17 ? 0.1338 0.1450 0.1513 0.0218  0.0280  0.0103  2663 G   A P     
336 P P     B G   A 17 ? 0.1368 0.1444 0.1550 0.0236  0.0305  0.0116  2663 G   A P     
337 O OP1   A G   A 17 ? 0.1379 0.1469 0.1559 0.0231  0.0325  0.0102  2663 G   A OP1   
338 O OP1   B G   A 17 ? 0.1424 0.1484 0.1710 0.0272  0.0431  0.0155  2663 G   A OP1   
339 O OP2   A G   A 17 ? 0.1366 0.1524 0.1418 0.0212  0.0262  0.0084  2663 G   A OP2   
340 O OP2   B G   A 17 ? 0.1534 0.1538 0.1442 0.0226  0.0265  0.0085  2663 G   A OP2   
341 O "O5'" . G   A 17 ? 0.1296 0.1420 0.1494 0.0223  0.0280  0.0145  2663 G   A "O5'" 
342 C "C5'" . G   A 17 ? 0.1172 0.1401 0.1369 0.0130  0.0322  0.0157  2663 G   A "C5'" 
343 C "C4'" . G   A 17 ? 0.1090 0.1325 0.1226 0.0070  0.0225  0.0171  2663 G   A "C4'" 
344 O "O4'" . G   A 17 ? 0.1078 0.1279 0.1201 0.0073  0.0185  0.0148  2663 G   A "O4'" 
345 C "C3'" . G   A 17 ? 0.1053 0.1272 0.1174 0.0026  0.0202  0.0133  2663 G   A "C3'" 
346 O "O3'" . G   A 17 ? 0.0928 0.1310 0.1109 0.0014  0.0120  0.0132  2663 G   A "O3'" 
347 C "C2'" . G   A 17 ? 0.1071 0.1241 0.1177 0.0030  0.0213  0.0158  2663 G   A "C2'" 
348 O "O2'" . G   A 17 ? 0.1133 0.1221 0.1136 0.0026  0.0204  0.0190  2663 G   A "O2'" 
349 C "C1'" . G   A 17 ? 0.1082 0.1230 0.1180 0.0050  0.0198  0.0149  2663 G   A "C1'" 
350 N N9    . G   A 17 ? 0.1071 0.1198 0.1134 0.0063  0.0220  0.0153  2663 G   A N9    
351 C C8    . G   A 17 ? 0.1069 0.1178 0.1176 0.0050  0.0248  0.0129  2663 G   A C8    
352 N N7    . G   A 17 ? 0.1070 0.1152 0.1167 0.0042  0.0254  0.0118  2663 G   A N7    
353 C C5    . G   A 17 ? 0.1067 0.1114 0.1142 0.0036  0.0248  0.0138  2663 G   A C5    
354 C C6    . G   A 17 ? 0.1066 0.1093 0.1142 0.0009  0.0267  0.0136  2663 G   A C6    
355 O O6    . G   A 17 ? 0.1063 0.0984 0.1235 -0.0029 0.0292  0.0102  2663 G   A O6    
356 N N1    . G   A 17 ? 0.1069 0.1091 0.1135 -0.0003 0.0273  0.0140  2663 G   A N1    
357 C C2    . G   A 17 ? 0.1080 0.1117 0.1158 -0.0011 0.0270  0.0120  2663 G   A C2    
358 N N2    . G   A 17 ? 0.1097 0.1124 0.1280 -0.0063 0.0303  0.0026  2663 G   A N2    
359 N N3    . G   A 17 ? 0.1082 0.1137 0.1149 0.0022  0.0236  0.0131  2663 G   A N3    
360 C C4    . G   A 17 ? 0.1074 0.1142 0.1144 0.0047  0.0231  0.0138  2663 G   A C4    
361 P P     . G   A 18 ? 0.1066 0.1240 0.1083 -0.0033 0.0057  0.0086  2664 G   A P     
362 O OP1   . G   A 18 ? 0.1083 0.1310 0.1184 -0.0091 -0.0055 0.0159  2664 G   A OP1   
363 O OP2   . G   A 18 ? 0.1175 0.1410 0.1085 -0.0115 0.0167  0.0025  2664 G   A OP2   
364 O "O5'" . G   A 18 ? 0.1047 0.1220 0.1032 -0.0023 -0.0019 0.0075  2664 G   A "O5'" 
365 C "C5'" . G   A 18 ? 0.1011 0.1227 0.1051 0.0000  -0.0034 0.0064  2664 G   A "C5'" 
366 C "C4'" . G   A 18 ? 0.1007 0.1177 0.1100 -0.0005 -0.0058 0.0049  2664 G   A "C4'" 
367 O "O4'" . G   A 18 ? 0.1028 0.1187 0.1113 -0.0014 -0.0118 0.0095  2664 G   A "O4'" 
368 C "C3'" . G   A 18 ? 0.1047 0.1122 0.1139 0.0021  -0.0078 0.0064  2664 G   A "C3'" 
369 O "O3'" . G   A 18 ? 0.1093 0.1125 0.1229 0.0014  -0.0003 0.0080  2664 G   A "O3'" 
370 C "C2'" . G   A 18 ? 0.1051 0.1139 0.1100 0.0002  -0.0106 0.0077  2664 G   A "C2'" 
371 O "O2'" . G   A 18 ? 0.1100 0.1130 0.1121 -0.0128 -0.0034 0.0045  2664 G   A "O2'" 
372 C "C1'" . G   A 18 ? 0.1107 0.1152 0.1090 -0.0027 -0.0181 0.0101  2664 G   A "C1'" 
373 N N9    . G   A 18 ? 0.1234 0.1090 0.1128 -0.0040 -0.0161 0.0106  2664 G   A N9    
374 C C8    . G   A 18 ? 0.1301 0.1076 0.1163 -0.0032 -0.0093 0.0098  2664 G   A C8    
375 N N7    . G   A 18 ? 0.1433 0.1075 0.1154 -0.0038 -0.0096 0.0102  2664 G   A N7    
376 C C5    . G   A 18 ? 0.1444 0.1049 0.1134 -0.0070 -0.0169 0.0124  2664 G   A C5    
377 C C6    . G   A 18 ? 0.1586 0.1042 0.1170 -0.0112 -0.0206 0.0113  2664 G   A C6    
378 O O6    . G   A 18 ? 0.1812 0.1297 0.1369 -0.0182 -0.0097 -0.0119 2664 G   A O6    
379 N N1    . G   A 18 ? 0.1542 0.1022 0.1153 -0.0153 -0.0286 0.0189  2664 G   A N1    
380 C C2    . G   A 18 ? 0.1384 0.1035 0.1129 -0.0144 -0.0285 0.0224  2664 G   A C2    
381 N N2    . G   A 18 ? 0.1376 0.1020 0.1180 -0.0243 -0.0280 0.0317  2664 G   A N2    
382 N N3    . G   A 18 ? 0.1283 0.1028 0.1107 -0.0092 -0.0254 0.0201  2664 G   A N3    
383 C C4    . G   A 18 ? 0.1315 0.1049 0.1118 -0.0079 -0.0195 0.0137  2664 G   A C4    
384 P P     . A   A 19 ? 0.1140 0.1119 0.1248 0.0024  0.0035  0.0112  2665 A   A P     
385 O OP1   . A   A 19 ? 0.1290 0.1169 0.1401 -0.0074 0.0024  0.0146  2665 A   A OP1   
386 O OP2   . A   A 19 ? 0.1215 0.1161 0.1235 0.0065  0.0172  0.0172  2665 A   A OP2   
387 O "O5'" . A   A 19 ? 0.1145 0.1131 0.1164 0.0071  0.0006  0.0043  2665 A   A "O5'" 
388 C "C5'" . A   A 19 ? 0.1187 0.1140 0.1135 0.0079  0.0022  0.0009  2665 A   A "C5'" 
389 C "C4'" . A   A 19 ? 0.1132 0.1216 0.1121 0.0049  0.0008  0.0015  2665 A   A "C4'" 
390 O "O4'" . A   A 19 ? 0.1134 0.1213 0.1151 0.0054  0.0048  0.0009  2665 A   A "O4'" 
391 C "C3'" . A   A 19 ? 0.1173 0.1195 0.1121 0.0048  0.0025  -0.0024 2665 A   A "C3'" 
392 O "O3'" . A   A 19 ? 0.1340 0.1194 0.1216 0.0024  0.0138  -0.0038 2665 A   A "O3'" 
393 C "C2'" . A   A 19 ? 0.1180 0.1207 0.1111 0.0029  0.0002  -0.0033 2665 A   A "C2'" 
394 O "O2'" . A   A 19 ? 0.1387 0.1404 0.1226 -0.0005 -0.0132 -0.0172 2665 A   A "O2'" 
395 C "C1'" . A   A 19 ? 0.1153 0.1205 0.1147 0.0059  0.0046  -0.0009 2665 A   A "C1'" 
396 N N9    . A   A 19 ? 0.1141 0.1118 0.1101 0.0064  0.0057  0.0054  2665 A   A N9    
397 C C8    . A   A 19 ? 0.1132 0.1076 0.1090 0.0065  0.0052  0.0078  2665 A   A C8    
398 N N7    . A   A 19 ? 0.1131 0.1064 0.1110 0.0068  0.0046  0.0089  2665 A   A N7    
399 C C5    . A   A 19 ? 0.1137 0.1041 0.1138 0.0074  0.0068  0.0093  2665 A   A C5    
400 C C6    . A   A 19 ? 0.1151 0.1012 0.1188 0.0055  0.0100  0.0120  2665 A   A C6    
401 N N6    . A   A 19 ? 0.1160 0.0859 0.1309 -0.0016 0.0125  0.0123  2665 A   A N6    
402 N N1    . A   A 19 ? 0.1190 0.1030 0.1208 0.0060  0.0142  0.0114  2665 A   A N1    
403 C C2    . A   A 19 ? 0.1217 0.1008 0.1179 0.0078  0.0134  0.0087  2665 A   A C2    
404 N N3    . A   A 19 ? 0.1199 0.1036 0.1137 0.0094  0.0088  0.0069  2665 A   A N3    
405 C C4    . A   A 19 ? 0.1152 0.1060 0.1129 0.0081  0.0070  0.0066  2665 A   A C4    
406 P P     . C   A 20 ? 0.1451 0.1152 0.1271 0.0045  0.0122  -0.0046 2666 C   A P     
407 O OP1   . C   A 20 ? 0.1706 0.1240 0.1390 -0.0061 0.0147  0.0058  2666 C   A OP1   
408 O OP2   . C   A 20 ? 0.1552 0.1300 0.1178 0.0043  0.0032  0.0057  2666 C   A OP2   
409 O "O5'" . C   A 20 ? 0.1480 0.1185 0.1332 0.0066  0.0133  -0.0131 2666 C   A "O5'" 
410 C "C5'" . C   A 20 ? 0.1480 0.1239 0.1377 0.0098  0.0127  -0.0212 2666 C   A "C5'" 
411 C "C4'" . C   A 20 ? 0.1483 0.1259 0.1399 0.0087  0.0135  -0.0267 2666 C   A "C4'" 
412 O "O4'" . C   A 20 ? 0.1338 0.1264 0.1349 0.0109  0.0109  -0.0296 2666 C   A "O4'" 
413 C "C3'" . C   A 20 ? 0.1572 0.1266 0.1472 0.0148  0.0147  -0.0291 2666 C   A "C3'" 
414 O "O3'" . C   A 20 ? 0.1799 0.1250 0.1576 0.0124  0.0230  -0.0288 2666 C   A "O3'" 
415 C "C2'" . C   A 20 ? 0.1506 0.1261 0.1391 0.0153  0.0101  -0.0348 2666 C   A "C2'" 
416 O "O2'" . C   A 20 ? 0.1665 0.1409 0.1442 0.0006  0.0094  -0.0428 2666 C   A "O2'" 
417 C "C1'" . C   A 20 ? 0.1352 0.1261 0.1350 0.0166  0.0089  -0.0326 2666 C   A "C1'" 
418 N N1    . C   A 20 ? 0.1324 0.1205 0.1306 0.0196  0.0082  -0.0264 2666 C   A N1    
419 C C2    . C   A 20 ? 0.1339 0.1208 0.1281 0.0187  0.0095  -0.0272 2666 C   A C2    
420 O O2    . C   A 20 ? 0.1445 0.1313 0.1284 0.0136  0.0134  -0.0284 2666 C   A O2    
421 N N3    . C   A 20 ? 0.1337 0.1159 0.1309 0.0170  0.0083  -0.0234 2666 C   A N3    
422 C C4    . C   A 20 ? 0.1306 0.1092 0.1277 0.0177  0.0043  -0.0199 2666 C   A C4    
423 N N4    . C   A 20 ? 0.1347 0.0919 0.1233 0.0178  -0.0035 -0.0017 2666 C   A N4    
424 C C5    . C   A 20 ? 0.1311 0.1086 0.1288 0.0209  0.0058  -0.0206 2666 C   A C5    
425 C C6    . C   A 20 ? 0.1275 0.1145 0.1286 0.0214  0.0073  -0.0223 2666 C   A C6    
426 P P     . C   A 21 ? 0.2107 0.1304 0.1658 0.0202  0.0272  -0.0203 2667 C   A P     
427 O OP1   . C   A 21 ? 0.2341 0.1256 0.1939 0.0138  0.0406  -0.0237 2667 C   A OP1   
428 O OP2   . C   A 21 ? 0.2222 0.1380 0.1614 0.0137  0.0382  -0.0108 2667 C   A OP2   
429 O "O5'" . C   A 21 ? 0.2087 0.1405 0.1520 0.0363  0.0171  -0.0227 2667 C   A "O5'" 
430 C "C5'" . C   A 21 ? 0.2132 0.1482 0.1513 0.0445  0.0183  -0.0188 2667 C   A "C5'" 
431 C "C4'" . C   A 21 ? 0.2107 0.1508 0.1376 0.0485  0.0135  -0.0177 2667 C   A "C4'" 
432 O "O4'" . C   A 21 ? 0.2061 0.1510 0.1304 0.0469  0.0065  -0.0165 2667 C   A "O4'" 
433 C "C3'" . C   A 21 ? 0.2249 0.1518 0.1401 0.0566  0.0112  -0.0163 2667 C   A "C3'" 
434 O "O3'" . C   A 21 ? 0.2521 0.1504 0.1504 0.0603  0.0151  -0.0129 2667 C   A "O3'" 
435 C "C2'" . C   A 21 ? 0.2182 0.1588 0.1291 0.0576  0.0039  -0.0155 2667 C   A "C2'" 
436 O "O2'" . C   A 21 ? 0.2153 0.1585 0.1218 0.0607  -0.0016 -0.0107 2667 C   A "O2'" 
437 C "C1'" . C   A 21 ? 0.2085 0.1555 0.1267 0.0516  0.0027  -0.0151 2667 C   A "C1'" 
438 N N1    . C   A 21 ? 0.2153 0.1547 0.1270 0.0528  0.0031  -0.0154 2667 C   A N1    
439 C C2    . C   A 21 ? 0.2183 0.1587 0.1285 0.0511  0.0027  -0.0184 2667 C   A C2    
440 O O2    . C   A 21 ? 0.2201 0.1799 0.1401 0.0400  0.0078  -0.0277 2667 C   A O2    
441 N N3    . C   A 21 ? 0.2288 0.1562 0.1262 0.0525  0.0016  -0.0160 2667 C   A N3    
442 C C4    . C   A 21 ? 0.2322 0.1521 0.1229 0.0536  0.0055  -0.0159 2667 C   A C4    
443 N N4    . C   A 21 ? 0.2482 0.1543 0.1313 0.0535  0.0091  -0.0240 2667 C   A N4    
444 C C5    . C   A 21 ? 0.2273 0.1508 0.1245 0.0536  0.0076  -0.0128 2667 C   A C5    
445 C C6    . C   A 21 ? 0.2179 0.1519 0.1230 0.0520  0.0050  -0.0129 2667 C   A C6    
446 P P     . G   A 22 ? 0.2739 0.1568 0.1538 0.0661  0.0191  -0.0081 2668 G   A P     
447 O OP1   . G   A 22 ? 0.3191 0.1472 0.1736 0.0656  0.0226  -0.0117 2668 G   A OP1   
448 O OP2   . G   A 22 ? 0.2751 0.1828 0.1754 0.0547  0.0256  0.0117  2668 G   A OP2   
449 O "O5'" . G   A 22 ? 0.2740 0.1649 0.1454 0.0714  0.0203  -0.0099 2668 G   A "O5'" 
450 C "C5'" . G   A 22 ? 0.2713 0.1691 0.1404 0.0780  0.0169  -0.0219 2668 G   A "C5'" 
451 C "C4'" . G   A 22 ? 0.2694 0.1734 0.1416 0.0837  0.0180  -0.0282 2668 G   A "C4'" 
452 O "O4'" . G   A 22 ? 0.2589 0.1757 0.1314 0.0846  0.0207  -0.0270 2668 G   A "O4'" 
453 C "C3'" . G   A 22 ? 0.2668 0.1721 0.1422 0.0846  0.0144  -0.0267 2668 G   A "C3'" 
454 O "O3'" . G   A 22 ? 0.2695 0.1720 0.1459 0.0853  0.0048  -0.0332 2668 G   A "O3'" 
455 C "C2'" . G   A 22 ? 0.2538 0.1688 0.1393 0.0857  0.0151  -0.0229 2668 G   A "C2'" 
456 O "O2'" . G   A 22 ? 0.2544 0.1916 0.1407 0.0793  0.0063  -0.0081 2668 G   A "O2'" 
457 C "C1'" . G   A 22 ? 0.2513 0.1715 0.1286 0.0821  0.0159  -0.0219 2668 G   A "C1'" 
458 N N9    . G   A 22 ? 0.2510 0.1571 0.1169 0.0776  0.0152  -0.0116 2668 G   A N9    
459 C C8    . G   A 22 ? 0.2533 0.1524 0.1140 0.0764  0.0155  -0.0106 2668 G   A C8    
460 N N7    . G   A 22 ? 0.2518 0.1479 0.1071 0.0746  0.0135  -0.0072 2668 G   A N7    
461 C C5    . G   A 22 ? 0.2480 0.1432 0.1023 0.0724  0.0124  -0.0001 2668 G   A C5    
462 C C6    . G   A 22 ? 0.2439 0.1385 0.0954 0.0687  0.0101  0.0038  2668 G   A C6    
463 O O6    . G   A 22 ? 0.2447 0.1331 0.0893 0.0585  0.0117  0.0019  2668 G   A O6    
464 N N1    . G   A 22 ? 0.2368 0.1383 0.0965 0.0676  0.0114  0.0063  2668 G   A N1    
465 C C2    . G   A 22 ? 0.2371 0.1399 0.1011 0.0690  0.0159  0.0066  2668 G   A C2    
466 N N2    . G   A 22 ? 0.2280 0.1436 0.0920 0.0666  0.0187  0.0141  2668 G   A N2    
467 N N3    . G   A 22 ? 0.2426 0.1405 0.1044 0.0719  0.0172  0.0041  2668 G   A N3    
468 C C4    . G   A 22 ? 0.2476 0.1455 0.1080 0.0741  0.0145  -0.0012 2668 G   A C4    
469 P P     A G   A 23 ? 0.2609 0.1645 0.1495 0.0848  0.0001  -0.0351 2669 G   A P     
470 P P     B G   A 23 ? 0.2634 0.1654 0.1514 0.0848  0.0033  -0.0354 2669 G   A P     
471 O OP1   A G   A 23 ? 0.2684 0.1681 0.1640 0.0887  0.0049  -0.0375 2669 G   A OP1   
472 O OP1   B G   A 23 ? 0.2681 0.1706 0.1586 0.0905  0.0045  -0.0387 2669 G   A OP1   
473 O OP2   A G   A 23 ? 0.2625 0.1566 0.1484 0.0814  -0.0095 -0.0416 2669 G   A OP2   
474 O OP2   B G   A 23 ? 0.2691 0.1587 0.1527 0.0846  -0.0052 -0.0419 2669 G   A OP2   
475 O "O5'" . G   A 23 ? 0.2380 0.1658 0.1476 0.0759  0.0032  -0.0314 2669 G   A "O5'" 
476 C "C5'" . G   A 23 ? 0.2275 0.1640 0.1326 0.0714  0.0188  -0.0157 2669 G   A "C5'" 
477 C "C4'" . G   A 23 ? 0.1907 0.1582 0.1263 0.0634  0.0206  -0.0094 2669 G   A "C4'" 
478 O "O4'" . G   A 23 ? 0.1679 0.1619 0.1142 0.0549  0.0159  -0.0112 2669 G   A "O4'" 
479 C "C3'" . G   A 23 ? 0.1688 0.1599 0.1298 0.0528  0.0083  -0.0066 2669 G   A "C3'" 
480 O "O3'" . G   A 23 ? 0.1621 0.1597 0.1365 0.0486  0.0087  -0.0026 2669 G   A "O3'" 
481 C "C2'" . G   A 23 ? 0.1505 0.1630 0.1144 0.0476  0.0046  -0.0062 2669 G   A "C2'" 
482 O "O2'" . G   A 23 ? 0.1322 0.1637 0.1069 0.0497  0.0188  0.0004  2669 G   A "O2'" 
483 C "C1'" . G   A 23 ? 0.1558 0.1550 0.1046 0.0453  0.0062  -0.0128 2669 G   A "C1'" 
484 N N9    . G   A 23 ? 0.1598 0.1410 0.0919 0.0409  0.0028  -0.0146 2669 G   A N9    
485 C C8    . G   A 23 ? 0.1737 0.1348 0.0890 0.0419  0.0056  -0.0162 2669 G   A C8    
486 N N7    . G   A 23 ? 0.1736 0.1302 0.0810 0.0389  -0.0019 -0.0199 2669 G   A N7    
487 C C5    . G   A 23 ? 0.1586 0.1280 0.0772 0.0365  -0.0079 -0.0187 2669 G   A C5    
488 C C6    . G   A 23 ? 0.1523 0.1204 0.0725 0.0336  -0.0148 -0.0195 2669 G   A C6    
489 O O6    . G   A 23 ? 0.1575 0.1049 0.0746 0.0276  -0.0174 -0.0194 2669 G   A O6    
490 N N1    . G   A 23 ? 0.1422 0.1183 0.0700 0.0315  -0.0161 -0.0161 2669 G   A N1    
491 C C2    . G   A 23 ? 0.1386 0.1191 0.0714 0.0312  -0.0142 -0.0108 2669 G   A C2    
492 N N2    . G   A 23 ? 0.1351 0.1080 0.0588 0.0192  -0.0126 0.0030  2669 G   A N2    
493 N N3    . G   A 23 ? 0.1416 0.1256 0.0794 0.0347  -0.0101 -0.0096 2669 G   A N3    
494 C C4    . G   A 23 ? 0.1512 0.1316 0.0836 0.0377  -0.0056 -0.0157 2669 G   A C4    
495 P P     . A   A 24 ? 0.1680 0.1619 0.1448 0.0387  -0.0028 0.0011  2670 A   A P     
496 O OP1   . A   A 24 ? 0.1702 0.1708 0.1639 0.0467  0.0066  0.0157  2670 A   A OP1   
497 O OP2   . A   A 24 ? 0.1899 0.1609 0.1623 0.0375  -0.0078 -0.0172 2670 A   A OP2   
498 O "O5'" . A   A 24 ? 0.1483 0.1559 0.1341 0.0274  -0.0088 0.0062  2670 A   A "O5'" 
499 C "C5'" . A   A 24 ? 0.1332 0.1512 0.1290 0.0181  -0.0029 0.0160  2670 A   A "C5'" 
500 C "C4'" . A   A 24 ? 0.1205 0.1466 0.1177 0.0100  -0.0092 0.0181  2670 A   A "C4'" 
501 O "O4'" . A   A 24 ? 0.1141 0.1491 0.1157 0.0049  -0.0090 0.0204  2670 A   A "O4'" 
502 C "C3'" . A   A 24 ? 0.1252 0.1424 0.1140 0.0039  -0.0174 0.0159  2670 A   A "C3'" 
503 O "O3'" . A   A 24 ? 0.1363 0.1356 0.1167 0.0005  -0.0236 0.0151  2670 A   A "O3'" 
504 C "C2'" . A   A 24 ? 0.1195 0.1451 0.1108 -0.0001 -0.0120 0.0175  2670 A   A "C2'" 
505 O "O2'" . A   A 24 ? 0.1077 0.1579 0.1122 -0.0039 -0.0048 0.0106  2670 A   A "O2'" 
506 C "C1'" . A   A 24 ? 0.1160 0.1426 0.1125 0.0033  -0.0078 0.0184  2670 A   A "C1'" 
507 N N9    . A   A 24 ? 0.1138 0.1373 0.1073 0.0044  -0.0051 0.0208  2670 A   A N9    
508 C C8    . A   A 24 ? 0.1123 0.1378 0.1078 0.0021  -0.0014 0.0214  2670 A   A C8    
509 N N7    . A   A 24 ? 0.1123 0.1359 0.1058 0.0005  0.0005  0.0198  2670 A   A N7    
510 C C5    . A   A 24 ? 0.1123 0.1304 0.1062 0.0015  -0.0012 0.0185  2670 A   A C5    
511 C C6    . A   A 24 ? 0.1122 0.1263 0.1071 0.0010  -0.0007 0.0171  2670 A   A C6    
512 N N6    . A   A 24 ? 0.1116 0.1252 0.1072 -0.0047 0.0021  0.0172  2670 A   A N6    
513 N N1    . A   A 24 ? 0.1134 0.1226 0.1101 0.0040  -0.0017 0.0150  2670 A   A N1    
514 C C2    . A   A 24 ? 0.1157 0.1222 0.1104 0.0035  -0.0020 0.0147  2670 A   A C2    
515 N N3    . A   A 24 ? 0.1164 0.1262 0.1102 0.0018  -0.0031 0.0149  2670 A   A N3    
516 C C4    . A   A 24 ? 0.1138 0.1312 0.1085 0.0018  -0.0028 0.0168  2670 A   A C4    
517 P P     . G   A 25 ? 0.1513 0.1355 0.1170 -0.0053 -0.0292 0.0121  2671 G   A P     
518 O OP1   . G   A 25 ? 0.1514 0.1442 0.1168 -0.0048 -0.0237 0.0247  2671 G   A OP1   
519 O OP2   . G   A 25 ? 0.1880 0.1376 0.1212 0.0014  -0.0353 0.0072  2671 G   A OP2   
520 O "O5'" . G   A 25 ? 0.1452 0.1451 0.1217 -0.0166 -0.0301 0.0140  2671 G   A "O5'" 
521 C "C5'" . G   A 25 ? 0.1558 0.1511 0.1278 -0.0216 -0.0140 0.0068  2671 G   A "C5'" 
522 C "C4'" . G   A 25 ? 0.1532 0.1587 0.1411 -0.0267 -0.0128 0.0051  2671 G   A "C4'" 
523 O "O4'" . G   A 25 ? 0.1428 0.1586 0.1420 -0.0295 -0.0142 0.0038  2671 G   A "O4'" 
524 C "C3'" . G   A 25 ? 0.1640 0.1701 0.1571 -0.0375 -0.0180 0.0171  2671 G   A "C3'" 
525 O "O3'" . G   A 25 ? 0.2008 0.1850 0.1742 -0.0471 -0.0300 0.0368  2671 G   A "O3'" 
526 C "C2'" . G   A 25 ? 0.1591 0.1674 0.1576 -0.0415 -0.0107 0.0088  2671 G   A "C2'" 
527 O "O2'" . G   A 25 ? 0.1999 0.1627 0.1628 -0.0463 0.0102  0.0106  2671 G   A "O2'" 
528 C "C1'" . G   A 25 ? 0.1462 0.1583 0.1523 -0.0366 -0.0144 0.0038  2671 G   A "C1'" 
529 N N9    . G   A 25 ? 0.1468 0.1470 0.1553 -0.0350 -0.0170 0.0026  2671 G   A N9    
530 C C8    . G   A 25 ? 0.1482 0.1419 0.1554 -0.0347 -0.0173 0.0014  2671 G   A C8    
531 N N7    . G   A 25 ? 0.1508 0.1371 0.1588 -0.0367 -0.0184 -0.0011 2671 G   A N7    
532 C C5    . G   A 25 ? 0.1503 0.1345 0.1615 -0.0359 -0.0206 0.0004  2671 G   A C5    
533 C C6    . G   A 25 ? 0.1531 0.1319 0.1658 -0.0366 -0.0239 0.0009  2671 G   A C6    
534 O O6    . G   A 25 ? 0.1591 0.1333 0.1609 -0.0449 -0.0233 0.0071  2671 G   A O6    
535 N N1    . G   A 25 ? 0.1512 0.1330 0.1727 -0.0335 -0.0255 0.0011  2671 G   A N1    
536 C C2    . G   A 25 ? 0.1480 0.1378 0.1744 -0.0306 -0.0223 -0.0011 2671 G   A C2    
537 N N2    . G   A 25 ? 0.1478 0.1390 0.1941 -0.0290 -0.0217 -0.0138 2671 G   A N2    
538 N N3    . G   A 25 ? 0.1475 0.1402 0.1682 -0.0313 -0.0195 -0.0012 2671 G   A N3    
539 C C4    . G   A 25 ? 0.1475 0.1405 0.1607 -0.0345 -0.0191 0.0015  2671 G   A C4    
540 P P     . U   A 26 ? 0.2376 0.1913 0.2014 -0.0636 -0.0310 0.0463  2672 U   A P     
541 O OP1   . U   A 26 ? 0.2604 0.2113 0.2087 -0.0874 -0.0336 0.0661  2672 U   A OP1   
542 O OP2   . U   A 26 ? 0.2522 0.1705 0.2170 -0.0489 -0.0357 0.0405  2672 U   A OP2   
543 O "O5'" . U   A 26 ? 0.2399 0.2018 0.2237 -0.0759 -0.0317 0.0402  2672 U   A "O5'" 
544 C "C5'" . U   A 26 ? 0.2341 0.2144 0.2510 -0.0782 -0.0216 0.0371  2672 U   A "C5'" 
545 C "C4'" . U   A 26 ? 0.2357 0.2215 0.2646 -0.0843 -0.0257 0.0360  2672 U   A "C4'" 
546 O "O4'" . U   A 26 ? 0.2339 0.2244 0.2622 -0.0867 -0.0340 0.0347  2672 U   A "O4'" 
547 C "C3'" . U   A 26 ? 0.2526 0.2243 0.2686 -0.0902 -0.0283 0.0344  2672 U   A "C3'" 
548 O "O3'" . U   A 26 ? 0.2741 0.2209 0.2718 -0.0945 -0.0226 0.0344  2672 U   A "O3'" 
549 C "C2'" . U   A 26 ? 0.2393 0.2266 0.2724 -0.0909 -0.0249 0.0329  2672 U   A "C2'" 
550 O "O2'" . U   A 26 ? 0.2372 0.2626 0.3022 -0.0943 -0.0157 0.0271  2672 U   A "O2'" 
551 C "C1'" . U   A 26 ? 0.2343 0.2192 0.2697 -0.0879 -0.0320 0.0308  2672 U   A "C1'" 
552 N N1    . U   A 26 ? 0.2278 0.2030 0.2683 -0.0877 -0.0348 0.0341  2672 U   A N1    
553 C C2    . U   A 26 ? 0.2221 0.1970 0.2684 -0.0870 -0.0337 0.0364  2672 U   A C2    
554 O O2    . U   A 26 ? 0.2221 0.1942 0.2752 -0.0868 -0.0322 0.0308  2672 U   A O2    
555 N N3    . U   A 26 ? 0.2200 0.1951 0.2668 -0.0863 -0.0349 0.0388  2672 U   A N3    
556 C C4    . U   A 26 ? 0.2203 0.1955 0.2667 -0.0851 -0.0363 0.0376  2672 U   A C4    
557 O O4    . U   A 26 ? 0.2212 0.2001 0.2726 -0.0792 -0.0371 0.0241  2672 U   A O4    
558 C C5    . U   A 26 ? 0.2242 0.1946 0.2679 -0.0854 -0.0387 0.0392  2672 U   A C5    
559 C C6    . U   A 26 ? 0.2285 0.1971 0.2665 -0.0862 -0.0386 0.0378  2672 U   A C6    
560 P P     . G   A 27 ? 0.2797 0.2199 0.2802 -0.0956 -0.0195 0.0314  2673 G   A P     
561 O OP1   . G   A 27 ? 0.2781 0.2165 0.2837 -0.1001 -0.0134 0.0366  2673 G   A OP1   
562 O OP2   . G   A 27 ? 0.2738 0.2088 0.2823 -0.1048 -0.0150 0.0385  2673 G   A OP2   
563 O "O5'" . G   A 27 ? 0.2753 0.2172 0.2922 -0.0891 -0.0191 0.0222  2673 G   A "O5'" 
564 C "C5'" . G   A 27 ? 0.2815 0.2130 0.3000 -0.0865 -0.0205 0.0144  2673 G   A "C5'" 
565 C "C4'" . G   A 27 ? 0.2758 0.2096 0.3101 -0.0812 -0.0173 0.0067  2673 G   A "C4'" 
566 O "O4'" . G   A 27 ? 0.2718 0.2069 0.3072 -0.0775 -0.0196 0.0004  2673 G   A "O4'" 
567 C "C3'" . G   A 27 ? 0.2764 0.2084 0.3138 -0.0797 -0.0173 0.0076  2673 G   A "C3'" 
568 O "O3'" . G   A 27 ? 0.2962 0.2108 0.3160 -0.0820 -0.0192 0.0103  2673 G   A "O3'" 
569 C "C2'" . G   A 27 ? 0.2744 0.2058 0.3156 -0.0787 -0.0168 0.0038  2673 G   A "C2'" 
570 O "O2'" . G   A 27 ? 0.2759 0.2086 0.3202 -0.0785 -0.0142 0.0028  2673 G   A "O2'" 
571 C "C1'" . G   A 27 ? 0.2691 0.2009 0.3134 -0.0768 -0.0196 -0.0008 2673 G   A "C1'" 
572 N N9    . G   A 27 ? 0.2685 0.1846 0.3152 -0.0752 -0.0190 -0.0025 2673 G   A N9    
573 C C8    . G   A 27 ? 0.2687 0.1782 0.3169 -0.0745 -0.0195 -0.0045 2673 G   A C8    
574 N N7    . G   A 27 ? 0.2678 0.1727 0.3178 -0.0729 -0.0191 -0.0069 2673 G   A N7    
575 C C5    . G   A 27 ? 0.2670 0.1683 0.3169 -0.0712 -0.0182 -0.0089 2673 G   A C5    
576 C C6    . G   A 27 ? 0.2656 0.1610 0.3173 -0.0686 -0.0175 -0.0124 2673 G   A C6    
577 O O6    . G   A 27 ? 0.2649 0.1587 0.3183 -0.0674 -0.0176 -0.0129 2673 G   A O6    
578 N N1    . G   A 27 ? 0.2650 0.1587 0.3162 -0.0673 -0.0166 -0.0157 2673 G   A N1    
579 C C2    . G   A 27 ? 0.2656 0.1600 0.3144 -0.0687 -0.0166 -0.0129 2673 G   A C2    
580 N N2    . G   A 27 ? 0.2650 0.1572 0.3133 -0.0678 -0.0158 -0.0125 2673 G   A N2    
581 N N3    . G   A 27 ? 0.2670 0.1665 0.3141 -0.0704 -0.0173 -0.0103 2673 G   A N3    
582 C C4    . G   A 27 ? 0.2675 0.1732 0.3151 -0.0723 -0.0180 -0.0072 2673 G   A C4    
583 O O     . HOH B .  ? 0.5053 0.3582 0.2464 0.0350  0.1098  -0.0644 3001 HOH A O     
584 O O     . HOH B .  ? 0.2671 0.6307 0.4366 -0.0133 -0.0681 -0.0134 3002 HOH A O     
585 O O     . HOH B .  ? 0.2017 0.1147 0.0909 -0.0106 -0.0111 -0.0055 3003 HOH A O     
586 O O     . HOH B .  ? 0.1553 0.1822 0.1534 -0.0014 0.0009  -0.0020 3004 HOH A O     
587 O O     . HOH B .  ? 0.1482 0.0942 0.1493 -0.0062 -0.0629 -0.0015 3005 HOH A O     
588 O O     . HOH B .  ? 0.0720 0.1507 0.2175 -0.0376 -0.0349 -0.0011 3006 HOH A O     
589 O O     . HOH B .  ? 0.0981 0.1779 0.1508 0.0111  -0.0384 -0.0182 3007 HOH A O     
590 O O     . HOH B .  ? 0.2273 0.1162 0.1571 0.0406  -0.0474 -0.0437 3008 HOH A O     
591 O O     . HOH B .  ? 0.1260 0.1865 0.1767 -0.0139 -0.0509 0.0287  3009 HOH A O     
592 O O     . HOH B .  ? 0.0996 0.2074 0.1180 0.0010  0.0022  -0.0311 3010 HOH A O     
593 O O     . HOH B .  ? 0.1988 0.1679 0.1395 -0.0226 -0.0196 -0.0736 3011 HOH A O     
594 O O     . HOH B .  ? 0.2027 0.0782 0.1202 -0.0108 -0.0708 -0.0184 3012 HOH A O     
595 O O     . HOH B .  ? 0.1215 0.2845 0.0779 0.0033  -0.0176 -0.0176 3013 HOH A O     
596 O O     . HOH B .  ? 0.2425 0.1856 0.2549 -0.0069 -0.0606 0.0037  3014 HOH A O     
597 O O     . HOH B .  ? 0.1601 0.2287 0.2701 0.0036  0.0396  0.0075  3015 HOH A O     
598 O O     . HOH B .  ? 0.2423 0.0924 0.3730 0.0053  -0.0949 -0.0118 3016 HOH A O     
599 O O     . HOH B .  ? 0.1151 0.2129 0.4596 -0.0230 0.1076  0.0107  3017 HOH A O     
600 O O     . HOH B .  ? 0.1894 0.3523 0.1712 -0.0728 0.0221  -0.0647 3018 HOH A O     
601 O O     . HOH B .  ? 0.1733 0.2389 0.2299 0.0188  -0.0001 -0.0536 3019 HOH A O     
602 O O     . HOH B .  ? 0.2573 0.3261 0.2497 -0.0217 0.0139  -0.0216 3020 HOH A O     
603 O O     . HOH B .  ? 0.2704 0.2775 0.3756 0.0980  -0.0245 -0.0058 3021 HOH A O     
604 O O     . HOH B .  ? 0.4103 0.3285 0.1952 0.0093  -0.0487 -0.1258 3022 HOH A O     
605 O O     . HOH B .  ? 0.2090 0.3324 0.2503 -0.1117 0.0296  -0.0472 3023 HOH A O     
606 O O     . HOH B .  ? 0.1990 0.2683 0.4403 0.0406  -0.0414 0.0387  3024 HOH A O     
607 O O     . HOH B .  ? 0.2518 0.2316 0.1838 -0.0253 0.0002  0.0386  3025 HOH A O     
608 O O     . HOH B .  ? 0.1907 0.4666 0.5224 0.0076  0.0562  0.0073  3026 HOH A O     
609 O O     . HOH B .  ? 0.2155 0.1811 0.3137 -0.0360 0.0372  -0.0459 3027 HOH A O     
610 O O     . HOH B .  ? 0.2775 0.2993 0.4094 0.0144  -0.0788 -0.0609 3028 HOH A O     
611 O O     . HOH B .  ? 0.2341 0.3296 0.2166 0.0175  -0.0263 -0.0007 3029 HOH A O     
612 O O     . HOH B .  ? 0.2727 0.1979 0.2039 0.0053  0.0968  -0.0030 3030 HOH A O     
613 O O     . HOH B .  ? 0.2637 0.4086 0.3091 0.0601  0.0609  -0.0575 3031 HOH A O     
614 O O     . HOH B .  ? 0.2886 0.3758 0.4981 -0.0141 -0.1700 0.0094  3032 HOH A O     
615 O O     . HOH B .  ? 0.3201 0.3268 0.2254 -0.0403 0.0594  0.0052  3033 HOH A O     
616 O O     . HOH B .  ? 0.2817 0.4864 0.6087 -0.0183 -0.0668 -0.1050 3034 HOH A O     
617 O O     . HOH B .  ? 0.5701 0.2742 0.3286 0.0522  0.0906  -0.0859 3035 HOH A O     
618 O O     . HOH B .  ? 0.3392 0.5167 0.3061 0.1259  -0.2074 -0.1716 3036 HOH A O     
619 O O     . HOH B .  ? 0.2840 0.4201 0.1776 0.1205  -0.0385 0.0116  3037 HOH A O     
620 O O     . HOH B .  ? 0.2890 0.4502 0.4925 0.0258  0.1709  0.1769  3038 HOH A O     
621 O O     . HOH B .  ? 0.2024 0.3648 0.2840 -0.0265 -0.1232 0.0040  3039 HOH A O     
622 O O     . HOH B .  ? 0.3467 0.2340 0.1731 -0.0050 0.0380  -0.0018 3040 HOH A O     
623 O O     . HOH B .  ? 0.2334 0.2958 0.2770 -0.0471 0.0431  -0.0583 3041 HOH A O     
624 O O     . HOH B .  ? 0.4907 0.3448 0.1254 -0.0503 0.0275  -0.0326 3042 HOH A O     
625 O O     . HOH B .  ? 0.2020 0.3987 0.4152 -0.0194 0.0478  -0.1549 3043 HOH A O     
626 O O     . HOH B .  ? 0.3152 0.1534 0.4539 0.0099  -0.0530 0.0425  3044 HOH A O     
627 O O     . HOH B .  ? 0.4917 0.2989 0.2560 0.0845  -0.0578 0.0491  3045 HOH A O     
628 O O     . HOH B .  ? 0.2214 0.3363 0.3685 -0.0056 -0.0168 0.1353  3046 HOH A O     
629 O O     . HOH B .  ? 0.2460 0.2993 0.2803 0.0080  0.0847  0.0406  3047 HOH A O     
630 O O     . HOH B .  ? 0.4507 0.4864 0.4007 -0.0384 -0.1825 -0.0402 3048 HOH A O     
631 O O     . HOH B .  ? 0.2641 0.3177 0.2512 0.0091  0.0574  0.0943  3049 HOH A O     
632 O O     . HOH B .  ? 0.2514 0.5237 0.3124 0.0931  -0.0252 -0.0030 3050 HOH A O     
633 O O     . HOH B .  ? 0.2256 0.4037 0.2430 -0.0129 -0.0365 -0.0001 3051 HOH A O     
634 O O     . HOH B .  ? 0.6451 0.2619 0.2970 0.0694  0.0817  -0.0895 3052 HOH A O     
635 O O     . HOH B .  ? 0.1473 0.4715 0.2515 0.0196  0.0822  0.0485  3053 HOH A O     
636 O O     . HOH B .  ? 0.4064 0.5349 0.3841 0.0658  0.0210  -0.0405 3054 HOH A O     
637 O O     . HOH B .  ? 0.2513 0.4433 0.3694 -0.1004 0.0069  -0.1751 3055 HOH A O     
638 O O     . HOH B .  ? 0.3592 0.5003 0.4595 -0.0138 0.0678  -0.0940 3056 HOH A O     
639 O O     . HOH B .  ? 0.3294 0.3292 0.1933 -0.0054 0.0226  -0.0811 3057 HOH A O     
640 O O     . HOH B .  ? 0.2676 0.3376 0.3376 -0.0421 0.0106  -0.0142 3058 HOH A O     
641 O O     . HOH B .  ? 0.3087 0.3807 0.2938 -0.0724 0.1846  -0.0018 3059 HOH A O     
642 O O     . HOH B .  ? 0.2193 0.6248 0.3584 0.0041  -0.0466 -0.0588 3060 HOH A O     
643 O O     . HOH B .  ? 0.4350 0.2574 0.4096 0.1270  0.0667  -0.0736 3061 HOH A O     
644 O O     . HOH B .  ? 0.3177 0.3406 0.2562 0.1069  0.0823  -0.1230 3062 HOH A O     
645 O O     . HOH B .  ? 0.3262 0.4063 0.3792 -0.1153 -0.0080 0.0680  3063 HOH A O     
646 O O     . HOH B .  ? 0.2624 0.2737 0.4777 -0.0280 -0.0997 0.0669  3064 HOH A O     
647 O O     . HOH B .  ? 0.4296 0.3552 0.4240 -0.1061 0.0728  -0.0852 3065 HOH A O     
648 O O     . HOH B .  ? 0.4156 0.3100 0.2803 -0.0236 0.0304  -0.0581 3066 HOH A O     
649 O O     . HOH B .  ? 0.2182 0.3960 0.5379 0.0093  -0.0019 0.0112  3067 HOH A O     
650 O O     . HOH B .  ? 0.3033 0.3419 0.2489 0.0031  0.0221  -0.0040 3068 HOH A O     
651 O O     . HOH B .  ? 0.5584 0.3400 0.4289 0.0709  0.0967  0.0418  3069 HOH A O     
652 O O     . HOH B .  ? 0.6387 0.2545 0.2416 0.0271  -0.0417 0.1091  3070 HOH A O     
653 O O     . HOH B .  ? 0.6122 0.5129 0.2518 0.0295  0.1226  -0.0850 3071 HOH A O     
654 O O     . HOH B .  ? 0.3452 0.4877 0.3165 0.0265  0.1009  0.0338  3072 HOH A O     
655 O O     . HOH B .  ? 0.5478 0.3664 0.4252 -0.0116 -0.1091 -0.0999 3073 HOH A O     
656 O O     . HOH B .  ? 0.7055 0.4699 0.1692 -0.0845 -0.0123 0.0364  3074 HOH A O     
657 O O     . HOH B .  ? 0.4732 0.2183 0.4341 -0.0114 0.1160  -0.0301 3075 HOH A O     
658 O O     . HOH B .  ? 0.3719 0.5530 0.2414 -0.0176 -0.1281 -0.1004 3076 HOH A O     
659 O O     . HOH B .  ? 0.3676 0.3576 0.4246 0.0332  0.1223  -0.0254 3077 HOH A O     
660 O O     . HOH B .  ? 0.5449 0.6033 0.4539 0.0463  -0.0862 -0.1124 3078 HOH A O     
661 O O     . HOH B .  ? 0.3951 0.3558 0.4925 -0.1042 0.1219  0.0385  3079 HOH A O     
662 O O     . HOH B .  ? 0.4986 0.3538 0.3959 -0.0500 0.0443  0.0522  3080 HOH A O     
663 O O     . HOH B .  ? 0.4156 0.5266 0.5121 -0.0323 0.1243  0.0457  3081 HOH A O     
664 O O     . HOH B .  ? 0.5752 0.3826 0.5514 -0.0678 -0.1708 -0.1098 3082 HOH A O     
665 O O     . HOH B .  ? 0.5197 0.3734 0.5477 -0.0770 -0.1116 0.0033  3083 HOH A O     
666 O O     . HOH B .  ? 0.4057 0.2961 0.4096 -0.1525 0.0265  -0.1029 3084 HOH A O     
667 O O     . HOH B .  ? 0.5114 0.5797 0.5529 0.0415  -0.0145 0.0470  3086 HOH A O     
668 O O     . HOH B .  ? 0.3987 0.4687 0.2957 0.0862  -0.0657 0.1575  3087 HOH A O     
669 O O     . HOH B .  ? 0.4202 0.5457 0.3414 0.0828  -0.0856 -0.0100 3088 HOH A O     
670 O O     . HOH B .  ? 0.7148 0.4174 0.4267 -0.0860 0.0312  0.1136  3089 HOH A O     
671 O O     . HOH B .  ? 0.2256 0.2499 0.3207 -0.0880 -0.1487 0.0501  3090 HOH A O     
672 O O     . HOH B .  ? 0.1643 0.3047 0.2965 -0.0167 -0.0529 0.0829  3091 HOH A O     
673 O O     . HOH B .  ? 0.2620 0.2953 0.3703 0.0884  0.1143  0.1230  3092 HOH A O     
674 O O     . HOH B .  ? 0.5987 0.5914 0.2753 0.0474  -0.1824 -0.0279 3093 HOH A O     
675 O O     . HOH B .  ? 0.1978 0.3297 0.2794 0.0696  -0.0290 -0.0883 3094 HOH A O     
676 O O     . HOH B .  ? 0.3753 0.6210 0.3255 -0.0284 -0.1202 0.0099  3095 HOH A O     
677 O O     . HOH B .  ? 0.4715 0.2883 0.6042 -0.0156 -0.0353 -0.0943 3096 HOH A O     
678 O O     . HOH B .  ? 0.2751 0.5182 0.4817 -0.1075 -0.0677 -0.0911 3098 HOH A O     
679 O O     . HOH B .  ? 0.5881 0.3073 0.5523 0.0174  0.0209  0.0268  3099 HOH A O     
680 O O     . HOH B .  ? 0.4399 0.3380 0.4824 -0.0325 0.0617  0.0280  3100 HOH A O     
681 O O     . HOH B .  ? 0.4741 0.3701 0.5003 -0.0540 0.0091  -0.0761 3101 HOH A O     
682 O O     . HOH B .  ? 0.2120 0.4991 0.5466 0.0490  0.0482  -0.3051 3102 HOH A O     
683 O O     . HOH B .  ? 0.6264 0.4312 0.5045 0.0688  0.0525  -0.0355 3103 HOH A O     
684 O O     . HOH B .  ? 0.5214 0.3878 0.3953 0.0625  0.1704  0.0013  3104 HOH A O     
685 O O     . HOH B .  ? 0.7941 0.3412 0.4192 0.0216  -0.0494 0.0429  3105 HOH A O     
686 O O     . HOH B .  ? 0.3617 0.6163 0.4146 -0.1391 0.0287  0.0018  3107 HOH A O     
687 O O     . HOH B .  ? 0.2895 0.5132 0.6061 -0.0005 0.1248  0.0391  3108 HOH A O     
688 O O     . HOH B .  ? 0.4494 0.5390 0.2373 -0.1417 -0.0102 0.0788  3109 HOH A O     
689 O O     . HOH B .  ? 0.5961 0.6733 0.6743 -0.0274 0.1034  -0.0216 3110 HOH A O     
690 O O     . HOH B .  ? 0.3602 0.6828 0.5031 0.0429  -0.0750 0.1107  3111 HOH A O     
691 O O     . HOH B .  ? 0.5137 0.3779 0.4875 0.0847  -0.1636 -0.0294 3112 HOH A O     
# 
